data_4IMP
#
_entry.id   4IMP
#
_cell.length_a   56.815
_cell.length_b   211.690
_cell.length_c   101.742
_cell.angle_alpha   90.00
_cell.angle_beta   95.26
_cell.angle_gamma   90.00
#
_symmetry.space_group_name_H-M   'P 1 21 1'
#
loop_
_entity.id
_entity.type
_entity.pdbx_description
1 polymer 'Polyketide synthase extender modules 3-4'
2 non-polymer 'NADPH DIHYDRO-NICOTINAMIDE-ADENINE-DINUCLEOTIDE PHOSPHATE'
3 water water
#
_entity_poly.entity_id   1
_entity_poly.type   'polypeptide(L)'
_entity_poly.pdbx_seq_one_letter_code
;MGSSHHHHHHSSGLVPRGSHMAASDEARAVSDPAAGWFWQAVARQDLKSVSDALDLDADAPLSATLPALSVWHRQERERV
LADGWRYRVDWVRVAPQPVRRTRETWLLVVPPGGIEEALVERLTDALNTRGISTLRLDVPPAATSGELATELRAAADGDP
VKAILSLTALDERPHPECKDVPSGIALLLNLVKALGEADLRIPLWTITRGAVKAGPADRLLRPMQAQAWGLGRVAALEHP
ERWGGLIDLPDSLDGDVLTRLGEALTNGLAEDQLAIRQSGVLARRLVPAPANQPAGRKWRPRGSALITGGLGAVGAQVAR
WLAEIGAERIVLTSRRGNQAAGAAELEAELRALGAQVSIVACDVTDRAEMSALLAEFDVTAVFHAAGVGRLLPLAETDQN
GLAEICAAKVRGAQVLDELCDSTDLDAFVLFSSGAGVWGGGGQGAYGAANAFLDTLAEQRRARGLPATSISWGSWAGGGM
ADGAAGEHLRRRGIRPMPAASAILALQEVLDQDETCVSIADVDWDRFVPTFAATRATRLFDEVPAARKAMPANGPAEPGG
SPFARNLAELPEAQRRHELV
;
_entity_poly.pdbx_strand_id   A,B,C,D
#
loop_
_chem_comp.id
_chem_comp.type
_chem_comp.name
_chem_comp.formula
NDP non-polymer 'NADPH DIHYDRO-NICOTINAMIDE-ADENINE-DINUCLEOTIDE PHOSPHATE' 'C21 H30 N7 O17 P3'
#
# COMPACT_ATOMS: atom_id res chain seq x y z
N SER A 31 46.50 28.86 -19.84
CA SER A 31 46.61 29.93 -20.88
C SER A 31 46.87 29.37 -22.29
N ASP A 32 47.82 28.43 -22.41
CA ASP A 32 48.08 27.74 -23.69
C ASP A 32 48.19 26.20 -23.55
N PRO A 33 47.03 25.52 -23.52
CA PRO A 33 47.03 24.04 -23.43
C PRO A 33 47.72 23.36 -24.64
N ALA A 34 47.71 24.01 -25.80
CA ALA A 34 48.41 23.48 -26.97
C ALA A 34 49.92 23.37 -26.70
N ALA A 35 50.53 24.50 -26.35
CA ALA A 35 51.93 24.52 -25.96
C ALA A 35 52.20 23.61 -24.76
N GLY A 36 51.24 23.54 -23.84
CA GLY A 36 51.31 22.58 -22.75
C GLY A 36 51.56 21.17 -23.23
N TRP A 37 50.73 20.71 -24.17
CA TRP A 37 50.74 19.31 -24.59
C TRP A 37 51.98 19.04 -25.41
N PHE A 38 52.35 20.03 -26.21
CA PHE A 38 53.61 19.98 -26.92
C PHE A 38 54.82 19.72 -26.02
N TRP A 39 54.99 20.51 -24.97
CA TRP A 39 56.12 20.31 -24.06
C TRP A 39 55.98 19.04 -23.27
N GLN A 40 54.75 18.62 -23.00
CA GLN A 40 54.54 17.32 -22.38
C GLN A 40 54.81 16.14 -23.33
N ALA A 41 54.71 16.37 -24.64
CA ALA A 41 55.15 15.36 -25.60
C ALA A 41 56.67 15.40 -25.79
N VAL A 42 57.24 16.59 -25.80
CA VAL A 42 58.67 16.74 -25.91
C VAL A 42 59.39 16.01 -24.79
N ALA A 43 58.93 16.23 -23.56
CA ALA A 43 59.22 15.31 -22.47
C ALA A 43 58.22 14.20 -22.55
N ARG A 44 58.67 12.96 -22.37
CA ARG A 44 57.91 11.77 -22.79
C ARG A 44 58.52 11.24 -24.06
N GLN A 45 58.95 12.18 -24.91
CA GLN A 45 59.65 11.84 -26.15
C GLN A 45 58.76 11.09 -27.15
N ASP A 46 57.59 11.65 -27.41
CA ASP A 46 56.61 11.00 -28.27
C ASP A 46 56.73 11.48 -29.72
N LEU A 47 57.74 10.96 -30.44
CA LEU A 47 57.91 11.21 -31.88
C LEU A 47 56.60 10.93 -32.65
N LYS A 48 56.01 9.78 -32.35
CA LYS A 48 54.75 9.38 -32.92
C LYS A 48 53.68 10.47 -32.81
N SER A 49 53.43 10.97 -31.61
CA SER A 49 52.39 11.98 -31.45
C SER A 49 52.77 13.27 -32.15
N VAL A 50 54.03 13.68 -32.01
CA VAL A 50 54.46 14.96 -32.53
C VAL A 50 54.48 14.94 -34.06
N SER A 51 55.04 13.89 -34.63
CA SER A 51 55.11 13.82 -36.08
C SER A 51 53.72 13.72 -36.73
N ASP A 52 52.81 13.00 -36.08
CA ASP A 52 51.36 13.07 -36.46
C ASP A 52 50.83 14.48 -36.39
N ALA A 53 51.11 15.15 -35.28
CA ALA A 53 50.58 16.48 -35.04
C ALA A 53 51.06 17.46 -36.09
N LEU A 54 52.32 17.30 -36.52
CA LEU A 54 52.93 18.28 -37.41
C LEU A 54 52.80 17.85 -38.85
N ASP A 55 52.27 16.66 -39.07
CA ASP A 55 52.09 16.14 -40.42
C ASP A 55 53.43 15.86 -41.11
N LEU A 56 54.32 15.17 -40.41
CA LEU A 56 55.72 15.03 -40.85
C LEU A 56 56.20 13.63 -40.56
N ASP A 57 57.22 13.20 -41.29
CA ASP A 57 57.90 11.94 -41.00
C ASP A 57 59.03 12.11 -39.98
N ALA A 58 59.31 11.06 -39.22
CA ALA A 58 60.43 11.06 -38.28
C ALA A 58 61.76 11.57 -38.86
N ASP A 59 61.92 11.51 -40.17
CA ASP A 59 63.18 11.95 -40.76
C ASP A 59 63.17 13.35 -41.34
N ALA A 60 62.13 14.13 -41.04
CA ALA A 60 61.98 15.44 -41.71
C ALA A 60 63.03 16.41 -41.15
N PRO A 61 63.64 17.21 -42.03
CA PRO A 61 64.67 18.15 -41.58
C PRO A 61 64.07 19.30 -40.76
N LEU A 62 64.84 19.79 -39.78
CA LEU A 62 64.46 20.98 -39.03
C LEU A 62 63.82 22.08 -39.89
N SER A 63 64.30 22.22 -41.12
CA SER A 63 63.88 23.30 -42.04
C SER A 63 62.45 23.11 -42.53
N ALA A 64 62.01 21.86 -42.55
CA ALA A 64 60.61 21.56 -42.77
C ALA A 64 59.86 21.52 -41.44
N THR A 65 60.60 21.18 -40.38
CA THR A 65 60.05 21.09 -39.02
C THR A 65 59.57 22.44 -38.43
N LEU A 66 60.31 23.51 -38.70
CA LEU A 66 59.98 24.81 -38.15
C LEU A 66 58.67 25.40 -38.72
N PRO A 67 58.52 25.42 -40.05
CA PRO A 67 57.29 25.85 -40.72
C PRO A 67 56.07 25.06 -40.24
N ALA A 68 56.21 23.75 -40.17
CA ALA A 68 55.13 22.89 -39.75
C ALA A 68 54.76 23.16 -38.28
N LEU A 69 55.73 23.63 -37.51
CA LEU A 69 55.46 23.99 -36.12
C LEU A 69 54.60 25.24 -35.97
N SER A 70 54.85 26.28 -36.77
CA SER A 70 54.13 27.51 -36.54
C SER A 70 52.70 27.36 -36.99
N VAL A 71 52.51 26.60 -38.06
CA VAL A 71 51.20 26.28 -38.56
C VAL A 71 50.44 25.44 -37.53
N TRP A 72 51.03 24.37 -37.07
CA TRP A 72 50.38 23.61 -36.03
C TRP A 72 50.00 24.46 -34.84
N HIS A 73 50.84 25.43 -34.51
CA HIS A 73 50.59 26.25 -33.34
C HIS A 73 49.42 27.19 -33.49
N ARG A 74 49.35 27.92 -34.60
CA ARG A 74 48.18 28.74 -34.86
C ARG A 74 46.97 27.83 -34.77
N GLN A 75 47.02 26.74 -35.51
CA GLN A 75 45.87 25.87 -35.66
C GLN A 75 45.47 25.16 -34.37
N GLU A 76 46.43 24.71 -33.57
CA GLU A 76 46.09 23.99 -32.33
C GLU A 76 45.34 24.91 -31.37
N ARG A 77 45.70 26.17 -31.34
CA ARG A 77 45.06 27.09 -30.42
C ARG A 77 43.60 27.37 -30.80
N GLU A 78 43.35 27.49 -32.09
CA GLU A 78 41.98 27.57 -32.59
C GLU A 78 41.21 26.23 -32.42
N ARG A 79 41.91 25.12 -32.57
CA ARG A 79 41.34 23.78 -32.41
C ARG A 79 40.89 23.52 -30.95
N VAL A 80 41.62 24.10 -30.00
CA VAL A 80 41.29 23.97 -28.58
C VAL A 80 40.10 24.87 -28.26
N LEU A 81 40.09 26.07 -28.82
CA LEU A 81 38.92 26.92 -28.75
C LEU A 81 37.70 26.13 -29.22
N ALA A 82 37.75 25.63 -30.45
CA ALA A 82 36.61 24.99 -31.04
C ALA A 82 36.16 23.74 -30.27
N ASP A 83 37.07 23.10 -29.53
CA ASP A 83 36.66 21.94 -28.75
C ASP A 83 35.55 22.28 -27.78
N GLY A 84 35.59 23.48 -27.22
CA GLY A 84 34.59 23.86 -26.24
C GLY A 84 33.25 24.27 -26.87
N TRP A 85 33.17 24.15 -28.20
CA TRP A 85 31.96 24.45 -28.95
C TRP A 85 31.15 23.20 -29.21
N ARG A 86 31.74 22.02 -28.90
CA ARG A 86 31.07 20.73 -29.16
C ARG A 86 30.07 20.29 -28.12
N TYR A 87 28.98 19.71 -28.62
CA TYR A 87 27.90 19.17 -27.82
C TYR A 87 27.29 17.99 -28.58
N ARG A 88 26.77 17.03 -27.83
CA ARG A 88 25.95 15.99 -28.40
C ARG A 88 24.64 15.91 -27.64
N VAL A 89 23.74 15.07 -28.14
CA VAL A 89 22.47 14.79 -27.50
C VAL A 89 22.53 13.45 -26.80
N ASP A 90 22.43 13.47 -25.47
CA ASP A 90 22.23 12.26 -24.65
C ASP A 90 20.77 12.05 -24.20
N TRP A 91 20.51 10.86 -23.68
CA TRP A 91 19.23 10.48 -23.15
C TRP A 91 19.44 9.93 -21.76
N VAL A 92 18.81 10.58 -20.78
CA VAL A 92 19.02 10.18 -19.38
C VAL A 92 17.78 9.54 -18.78
N ARG A 93 17.98 8.54 -17.92
CA ARG A 93 16.86 7.83 -17.30
C ARG A 93 16.10 8.72 -16.33
N VAL A 94 14.79 8.77 -16.53
CA VAL A 94 13.93 9.57 -15.70
C VAL A 94 13.28 8.65 -14.69
N ALA A 95 13.46 8.98 -13.40
CA ALA A 95 12.94 8.16 -12.30
C ALA A 95 11.41 8.07 -12.35
N PRO A 96 10.86 6.84 -12.27
CA PRO A 96 9.41 6.65 -12.14
C PRO A 96 8.88 7.26 -10.84
N GLN A 97 7.70 7.90 -10.91
CA GLN A 97 7.21 8.70 -9.77
C GLN A 97 5.69 8.58 -9.48
N PRO A 98 4.90 8.09 -10.45
CA PRO A 98 3.55 7.52 -10.23
C PRO A 98 3.48 6.44 -9.11
N VAL A 99 2.30 5.84 -8.88
CA VAL A 99 1.09 6.04 -9.69
C VAL A 99 0.24 7.19 -9.13
N ARG A 100 -0.67 7.72 -9.94
CA ARG A 100 -1.49 8.83 -9.50
C ARG A 100 -2.96 8.74 -9.93
N ARG A 101 -3.32 9.51 -10.96
CA ARG A 101 -4.42 10.47 -10.85
C ARG A 101 -5.80 10.02 -11.31
N THR A 102 -6.78 10.88 -11.00
CA THR A 102 -8.17 10.62 -11.30
C THR A 102 -8.42 10.89 -12.80
N ARG A 103 -9.61 10.49 -13.27
CA ARG A 103 -9.88 10.36 -14.70
C ARG A 103 -10.04 11.70 -15.39
N GLU A 104 -9.30 11.87 -16.48
CA GLU A 104 -9.47 13.02 -17.34
C GLU A 104 -9.83 12.57 -18.76
N THR A 105 -10.42 13.48 -19.54
CA THR A 105 -10.60 13.25 -20.95
C THR A 105 -9.45 13.88 -21.76
N TRP A 106 -8.87 13.07 -22.65
CA TRP A 106 -7.98 13.57 -23.70
C TRP A 106 -8.58 13.39 -25.07
N LEU A 107 -8.30 14.36 -25.93
CA LEU A 107 -8.59 14.22 -27.34
C LEU A 107 -7.44 13.47 -28.05
N LEU A 108 -7.79 12.39 -28.74
CA LEU A 108 -6.84 11.64 -29.53
C LEU A 108 -7.01 11.95 -31.00
N VAL A 109 -5.98 12.56 -31.60
CA VAL A 109 -6.04 12.99 -33.00
C VAL A 109 -5.27 12.05 -33.94
N VAL A 110 -5.99 11.54 -34.91
CA VAL A 110 -5.49 10.49 -35.73
C VAL A 110 -5.47 10.97 -37.18
N PRO A 111 -4.33 10.86 -37.83
CA PRO A 111 -4.23 11.33 -39.18
C PRO A 111 -4.79 10.28 -40.12
N PRO A 112 -4.99 10.63 -41.40
CA PRO A 112 -5.62 9.72 -42.35
C PRO A 112 -4.74 8.55 -42.77
N GLY A 113 -3.43 8.72 -42.65
CA GLY A 113 -2.48 7.69 -43.11
C GLY A 113 -1.40 7.42 -42.10
N GLY A 114 -0.61 6.37 -42.33
CA GLY A 114 0.58 6.13 -41.54
C GLY A 114 0.34 5.35 -40.26
N ILE A 115 -0.92 5.09 -39.95
CA ILE A 115 -1.24 4.47 -38.66
C ILE A 115 -2.17 3.24 -38.71
N GLU A 116 -1.73 2.16 -38.13
CA GLU A 116 -2.53 0.95 -38.05
C GLU A 116 -3.59 1.12 -36.98
N GLU A 117 -4.83 0.77 -37.30
CA GLU A 117 -5.88 0.62 -36.30
C GLU A 117 -5.46 -0.13 -35.04
N ALA A 118 -4.66 -1.18 -35.20
CA ALA A 118 -4.25 -2.00 -34.06
C ALA A 118 -3.49 -1.15 -33.07
N LEU A 119 -2.78 -0.16 -33.58
CA LEU A 119 -1.98 0.70 -32.73
C LEU A 119 -2.87 1.68 -31.99
N VAL A 120 -3.89 2.21 -32.64
CA VAL A 120 -4.76 3.15 -31.99
C VAL A 120 -5.45 2.45 -30.81
N GLU A 121 -5.91 1.23 -31.04
CA GLU A 121 -6.59 0.46 -30.01
C GLU A 121 -5.69 0.18 -28.82
N ARG A 122 -4.49 -0.36 -29.06
CA ARG A 122 -3.51 -0.51 -27.97
C ARG A 122 -3.23 0.79 -27.19
N LEU A 123 -3.03 1.92 -27.87
CA LEU A 123 -2.86 3.18 -27.14
C LEU A 123 -4.13 3.54 -26.38
N THR A 124 -5.27 3.48 -27.04
CA THR A 124 -6.54 3.83 -26.41
C THR A 124 -6.72 2.96 -25.16
N ASP A 125 -6.46 1.67 -25.30
CA ASP A 125 -6.68 0.73 -24.24
C ASP A 125 -5.69 0.94 -23.08
N ALA A 126 -4.55 1.55 -23.36
CA ALA A 126 -3.55 1.76 -22.31
C ALA A 126 -3.72 3.11 -21.60
N LEU A 127 -4.23 4.11 -22.32
CA LEU A 127 -4.72 5.34 -21.70
C LEU A 127 -5.95 5.13 -20.80
N ASN A 128 -6.82 4.18 -21.16
CA ASN A 128 -8.01 3.85 -20.35
C ASN A 128 -7.63 3.19 -19.02
N THR A 129 -6.70 2.25 -19.09
CA THR A 129 -6.27 1.48 -17.92
C THR A 129 -5.43 2.32 -16.95
N ARG A 130 -5.43 3.64 -17.15
CA ARG A 130 -4.68 4.55 -16.28
C ARG A 130 -5.42 5.86 -16.09
N GLY A 131 -6.73 5.82 -16.28
CA GLY A 131 -7.55 6.96 -15.90
C GLY A 131 -8.01 7.81 -17.06
N ILE A 132 -7.24 7.85 -18.12
CA ILE A 132 -7.54 8.76 -19.22
C ILE A 132 -8.63 8.21 -20.13
N SER A 133 -9.77 8.89 -20.17
CA SER A 133 -10.80 8.58 -21.15
C SER A 133 -10.48 9.19 -22.51
N THR A 134 -10.84 8.49 -23.57
CA THR A 134 -10.37 8.85 -24.89
C THR A 134 -11.50 9.35 -25.74
N LEU A 135 -11.21 10.39 -26.49
CA LEU A 135 -12.13 10.93 -27.45
C LEU A 135 -11.42 11.01 -28.80
N ARG A 136 -11.85 10.20 -29.74
CA ARG A 136 -11.12 10.04 -30.97
C ARG A 136 -11.61 11.02 -32.03
N LEU A 137 -10.70 11.85 -32.54
CA LEU A 137 -10.95 12.65 -33.73
C LEU A 137 -10.11 12.18 -34.93
N ASP A 138 -10.79 11.86 -36.01
CA ASP A 138 -10.13 11.45 -37.24
C ASP A 138 -10.03 12.60 -38.22
N VAL A 139 -8.82 12.91 -38.63
CA VAL A 139 -8.57 14.05 -39.50
C VAL A 139 -8.67 13.69 -40.99
N PRO A 140 -9.43 14.48 -41.77
CA PRO A 140 -9.47 14.29 -43.22
C PRO A 140 -8.13 14.65 -43.83
N PRO A 141 -7.82 14.08 -45.01
CA PRO A 141 -6.56 14.44 -45.68
C PRO A 141 -6.54 15.93 -45.97
N ALA A 142 -5.33 16.53 -45.92
CA ALA A 142 -5.12 17.99 -46.08
C ALA A 142 -6.06 18.94 -45.30
N ALA A 143 -6.41 18.57 -44.07
CA ALA A 143 -7.18 19.48 -43.21
C ALA A 143 -6.48 20.81 -43.06
N THR A 144 -7.29 21.88 -43.00
CA THR A 144 -6.79 23.23 -42.78
C THR A 144 -6.89 23.55 -41.29
N SER A 145 -6.18 24.60 -40.88
CA SER A 145 -6.28 25.07 -39.50
C SER A 145 -7.68 25.53 -39.16
N GLY A 146 -8.35 26.17 -40.11
CA GLY A 146 -9.77 26.53 -39.95
C GLY A 146 -10.68 25.34 -39.63
N GLU A 147 -10.62 24.31 -40.46
CA GLU A 147 -11.40 23.09 -40.24
C GLU A 147 -11.10 22.36 -38.92
N LEU A 148 -9.84 22.38 -38.50
CA LEU A 148 -9.45 21.65 -37.30
C LEU A 148 -9.90 22.38 -36.06
N ALA A 149 -9.77 23.71 -36.11
CA ALA A 149 -10.26 24.57 -35.03
C ALA A 149 -11.75 24.34 -34.80
N THR A 150 -12.49 24.15 -35.89
CA THR A 150 -13.89 23.76 -35.78
C THR A 150 -14.05 22.42 -35.03
N GLU A 151 -13.32 21.38 -35.45
CA GLU A 151 -13.40 20.08 -34.77
C GLU A 151 -12.95 20.19 -33.32
N LEU A 152 -11.92 21.00 -33.09
CA LEU A 152 -11.46 21.24 -31.73
C LEU A 152 -12.51 21.98 -30.92
N ARG A 153 -13.12 23.01 -31.51
CA ARG A 153 -14.17 23.75 -30.80
C ARG A 153 -15.34 22.83 -30.38
N ALA A 154 -15.73 21.93 -31.28
CA ALA A 154 -16.84 21.00 -31.00
C ALA A 154 -16.51 19.99 -29.90
N ALA A 155 -15.35 19.36 -29.98
CA ALA A 155 -14.92 18.41 -28.96
C ALA A 155 -14.70 19.08 -27.59
N ALA A 156 -14.17 20.30 -27.62
CA ALA A 156 -13.96 21.10 -26.40
C ALA A 156 -15.27 21.37 -25.63
N ASP A 157 -16.32 21.74 -26.36
CA ASP A 157 -17.62 22.02 -25.73
C ASP A 157 -18.31 20.72 -25.23
N GLY A 158 -18.25 19.67 -26.04
CA GLY A 158 -18.83 18.39 -25.67
C GLY A 158 -18.45 17.99 -24.25
N ASP A 159 -17.17 17.70 -24.06
CA ASP A 159 -16.66 17.14 -22.80
C ASP A 159 -15.53 18.02 -22.28
N PRO A 160 -14.99 17.71 -21.09
CA PRO A 160 -13.94 18.53 -20.50
C PRO A 160 -12.50 18.01 -20.83
N VAL A 161 -11.98 18.47 -21.97
CA VAL A 161 -10.71 17.97 -22.51
C VAL A 161 -9.52 18.57 -21.78
N LYS A 162 -8.64 17.71 -21.24
CA LYS A 162 -7.51 18.21 -20.46
C LYS A 162 -6.24 18.41 -21.30
N ALA A 163 -6.09 17.58 -22.34
CA ALA A 163 -4.88 17.56 -23.15
C ALA A 163 -5.22 16.90 -24.48
N ILE A 164 -4.36 17.09 -25.47
CA ILE A 164 -4.49 16.42 -26.74
C ILE A 164 -3.27 15.54 -27.02
N LEU A 165 -3.54 14.29 -27.35
CA LEU A 165 -2.53 13.38 -27.83
C LEU A 165 -2.60 13.27 -29.34
N SER A 166 -1.64 13.91 -30.01
CA SER A 166 -1.64 13.92 -31.45
C SER A 166 -0.78 12.76 -31.99
N LEU A 167 -1.36 11.99 -32.91
CA LEU A 167 -0.65 10.90 -33.60
C LEU A 167 -0.27 11.27 -35.03
N THR A 168 -0.43 12.53 -35.40
CA THR A 168 -0.43 12.86 -36.82
C THR A 168 0.93 12.76 -37.44
N ALA A 169 1.97 12.87 -36.63
CA ALA A 169 3.34 12.82 -37.14
C ALA A 169 3.73 11.45 -37.69
N LEU A 170 3.00 10.39 -37.33
CA LEU A 170 3.26 9.09 -37.93
C LEU A 170 2.92 9.06 -39.42
N ASP A 171 2.16 10.06 -39.88
CA ASP A 171 1.73 10.13 -41.29
C ASP A 171 2.82 10.77 -42.18
N GLU A 172 3.80 9.94 -42.55
CA GLU A 172 4.95 10.36 -43.38
C GLU A 172 4.62 10.68 -44.84
N ARG A 173 3.66 9.99 -45.44
CA ARG A 173 3.46 10.20 -46.87
C ARG A 173 3.19 11.69 -47.19
N PRO A 174 3.79 12.21 -48.27
CA PRO A 174 3.44 13.58 -48.69
C PRO A 174 2.01 13.62 -49.22
N HIS A 175 1.40 14.78 -49.23
CA HIS A 175 0.22 14.94 -50.03
C HIS A 175 0.61 15.13 -51.45
N PRO A 176 -0.13 14.53 -52.40
CA PRO A 176 0.30 14.61 -53.81
C PRO A 176 0.39 16.05 -54.35
N GLU A 177 -0.40 16.97 -53.77
CA GLU A 177 -0.39 18.39 -54.15
C GLU A 177 0.92 19.10 -53.75
N CYS A 178 1.62 18.53 -52.79
CA CYS A 178 2.71 19.21 -52.10
C CYS A 178 3.81 18.23 -51.68
N LYS A 179 4.57 17.75 -52.67
CA LYS A 179 5.40 16.55 -52.52
C LYS A 179 6.43 16.62 -51.38
N ASP A 180 6.84 17.83 -51.01
CA ASP A 180 8.07 18.01 -50.21
C ASP A 180 7.81 18.14 -48.70
N VAL A 181 6.56 17.99 -48.30
CA VAL A 181 6.17 18.13 -46.91
C VAL A 181 5.41 16.85 -46.53
N PRO A 182 5.81 16.18 -45.43
CA PRO A 182 5.03 15.01 -45.02
C PRO A 182 3.68 15.41 -44.51
N SER A 183 2.66 14.66 -44.84
CA SER A 183 1.32 15.15 -44.61
C SER A 183 0.99 15.32 -43.13
N GLY A 184 1.51 14.44 -42.27
CA GLY A 184 1.34 14.58 -40.82
C GLY A 184 2.02 15.80 -40.18
N ILE A 185 3.12 16.27 -40.78
CA ILE A 185 3.81 17.50 -40.32
C ILE A 185 3.04 18.77 -40.76
N ALA A 186 2.48 18.76 -41.96
CA ALA A 186 1.46 19.76 -42.35
C ALA A 186 0.32 19.78 -41.36
N LEU A 187 -0.03 18.61 -40.84
CA LEU A 187 -1.11 18.49 -39.84
C LEU A 187 -0.75 19.01 -38.46
N LEU A 188 0.42 18.63 -37.95
CA LEU A 188 0.93 19.23 -36.71
C LEU A 188 0.83 20.76 -36.78
N LEU A 189 1.36 21.32 -37.86
CA LEU A 189 1.39 22.75 -38.02
C LEU A 189 0.00 23.30 -37.82
N ASN A 190 -0.93 22.78 -38.61
CA ASN A 190 -2.28 23.32 -38.65
C ASN A 190 -2.96 23.03 -37.33
N LEU A 191 -2.43 22.08 -36.60
CA LEU A 191 -2.97 21.75 -35.29
C LEU A 191 -2.55 22.78 -34.24
N VAL A 192 -1.29 23.22 -34.30
CA VAL A 192 -0.82 24.24 -33.39
C VAL A 192 -1.56 25.55 -33.64
N LYS A 193 -1.84 25.83 -34.91
CA LYS A 193 -2.53 27.04 -35.27
C LYS A 193 -4.00 26.93 -34.91
N ALA A 194 -4.55 25.74 -35.06
CA ALA A 194 -5.95 25.53 -34.83
C ALA A 194 -6.29 25.67 -33.35
N LEU A 195 -5.40 25.23 -32.47
CA LEU A 195 -5.56 25.50 -31.06
C LEU A 195 -5.60 27.02 -30.77
N GLY A 196 -4.88 27.80 -31.59
CA GLY A 196 -4.93 29.26 -31.47
C GLY A 196 -6.26 29.84 -31.95
N GLU A 197 -6.56 29.62 -33.22
CA GLU A 197 -7.83 30.01 -33.81
C GLU A 197 -9.04 29.64 -32.93
N ALA A 198 -9.02 28.42 -32.39
CA ALA A 198 -10.01 27.98 -31.41
C ALA A 198 -9.88 28.66 -30.03
N ASP A 199 -8.77 29.35 -29.79
CA ASP A 199 -8.48 29.87 -28.44
C ASP A 199 -8.49 28.75 -27.41
N LEU A 200 -7.85 27.64 -27.72
CA LEU A 200 -8.13 26.45 -26.98
C LEU A 200 -7.28 26.08 -25.78
N ARG A 201 -6.17 26.81 -25.57
CA ARG A 201 -5.31 26.67 -24.34
C ARG A 201 -5.28 25.26 -23.71
N ILE A 202 -4.83 24.27 -24.46
CA ILE A 202 -4.85 22.91 -23.97
C ILE A 202 -3.64 22.12 -24.49
N PRO A 203 -2.85 21.57 -23.56
CA PRO A 203 -1.53 21.00 -23.92
C PRO A 203 -1.61 19.97 -25.04
N LEU A 204 -0.78 20.16 -26.05
CA LEU A 204 -0.65 19.22 -27.16
C LEU A 204 0.55 18.29 -26.93
N TRP A 205 0.33 16.99 -27.05
CA TRP A 205 1.42 16.01 -26.92
C TRP A 205 1.62 15.29 -28.20
N THR A 206 2.85 15.23 -28.66
CA THR A 206 3.10 14.69 -29.96
C THR A 206 3.86 13.39 -29.89
N ILE A 207 3.22 12.31 -30.33
CA ILE A 207 3.80 10.97 -30.31
C ILE A 207 4.48 10.65 -31.65
N THR A 208 5.69 10.09 -31.58
CA THR A 208 6.39 9.62 -32.76
C THR A 208 6.89 8.22 -32.46
N ARG A 209 7.26 7.47 -33.51
CA ARG A 209 7.90 6.15 -33.34
C ARG A 209 9.14 6.04 -34.21
N GLY A 210 10.32 6.31 -33.64
CA GLY A 210 11.57 6.19 -34.38
C GLY A 210 12.19 7.51 -34.85
N ALA A 211 11.76 8.62 -34.26
CA ALA A 211 12.31 9.92 -34.67
C ALA A 211 13.63 10.22 -33.97
N VAL A 212 13.87 9.58 -32.83
CA VAL A 212 15.13 9.74 -32.14
C VAL A 212 15.90 8.43 -31.97
N LYS A 213 17.20 8.54 -31.84
CA LYS A 213 18.01 7.43 -31.42
C LYS A 213 18.35 7.62 -29.97
N ALA A 214 17.74 6.82 -29.10
CA ALA A 214 17.84 7.08 -27.68
C ALA A 214 18.84 6.17 -26.99
N GLY A 215 19.24 5.11 -27.69
CA GLY A 215 20.41 4.36 -27.33
C GLY A 215 20.91 3.57 -28.50
N PRO A 216 22.17 3.13 -28.44
CA PRO A 216 22.53 2.09 -29.41
C PRO A 216 21.52 0.96 -29.30
N ALA A 217 21.13 0.39 -30.43
CA ALA A 217 20.02 -0.58 -30.43
C ALA A 217 18.72 -0.03 -31.01
N ASP A 218 18.58 1.30 -31.08
CA ASP A 218 17.52 1.86 -31.92
C ASP A 218 17.86 1.78 -33.41
N ARG A 219 17.05 1.02 -34.15
CA ARG A 219 17.23 0.89 -35.58
C ARG A 219 16.02 1.39 -36.37
N LEU A 220 14.85 1.42 -35.74
CA LEU A 220 13.71 2.12 -36.35
C LEU A 220 14.01 3.60 -36.35
N LEU A 221 14.47 4.11 -37.49
CA LEU A 221 14.73 5.51 -37.57
C LEU A 221 14.00 6.16 -38.70
N ARG A 222 13.15 7.13 -38.38
CA ARG A 222 12.14 7.65 -39.29
C ARG A 222 12.30 9.13 -39.42
N PRO A 223 13.16 9.57 -40.36
CA PRO A 223 13.60 10.97 -40.43
C PRO A 223 12.47 11.96 -40.72
N MET A 224 11.44 11.52 -41.43
CA MET A 224 10.28 12.36 -41.70
C MET A 224 9.52 12.66 -40.41
N GLN A 225 9.59 11.74 -39.45
CA GLN A 225 9.05 11.97 -38.10
C GLN A 225 9.88 12.88 -37.18
N ALA A 226 11.22 12.76 -37.22
CA ALA A 226 12.09 13.83 -36.65
C ALA A 226 11.64 15.29 -36.94
N GLN A 227 10.98 15.53 -38.07
CA GLN A 227 10.51 16.88 -38.36
C GLN A 227 9.58 17.42 -37.26
N ALA A 228 8.83 16.52 -36.63
CA ALA A 228 7.90 16.88 -35.56
C ALA A 228 8.66 17.42 -34.39
N TRP A 229 9.82 16.85 -34.11
CA TRP A 229 10.65 17.28 -33.00
C TRP A 229 11.26 18.63 -33.27
N GLY A 230 11.70 18.84 -34.51
CA GLY A 230 12.30 20.12 -34.90
C GLY A 230 11.31 21.27 -34.78
N LEU A 231 10.10 21.04 -35.31
CA LEU A 231 9.00 21.98 -35.16
C LEU A 231 8.58 22.11 -33.69
N GLY A 232 8.38 20.97 -33.03
CA GLY A 232 7.81 20.95 -31.68
C GLY A 232 8.58 21.78 -30.68
N ARG A 233 9.88 21.71 -30.73
CA ARG A 233 10.67 22.51 -29.85
C ARG A 233 10.32 24.01 -30.03
N VAL A 234 10.06 24.42 -31.25
CA VAL A 234 9.72 25.80 -31.51
C VAL A 234 8.29 26.09 -31.07
N ALA A 235 7.37 25.20 -31.39
CA ALA A 235 6.02 25.31 -30.86
C ALA A 235 6.09 25.53 -29.35
N ALA A 236 7.00 24.83 -28.68
CA ALA A 236 7.10 24.95 -27.22
C ALA A 236 7.53 26.34 -26.77
N LEU A 237 8.24 27.06 -27.62
CA LEU A 237 8.79 28.33 -27.19
C LEU A 237 7.81 29.40 -27.52
N GLU A 238 7.11 29.24 -28.64
CA GLU A 238 6.25 30.29 -29.15
C GLU A 238 4.87 30.25 -28.48
N HIS A 239 4.37 29.04 -28.23
CA HIS A 239 3.08 28.84 -27.55
C HIS A 239 3.22 27.82 -26.44
N PRO A 240 3.94 28.19 -25.37
CA PRO A 240 4.18 27.25 -24.27
C PRO A 240 2.89 26.66 -23.67
N GLU A 241 1.82 27.45 -23.76
CA GLU A 241 0.52 27.14 -23.14
C GLU A 241 -0.21 26.04 -23.94
N ARG A 242 0.00 26.06 -25.25
CA ARG A 242 -0.53 25.05 -26.15
C ARG A 242 0.25 23.72 -26.13
N TRP A 243 1.41 23.69 -25.50
CA TRP A 243 2.36 22.63 -25.82
C TRP A 243 2.71 21.77 -24.67
N GLY A 244 2.33 20.51 -24.76
CA GLY A 244 2.67 19.55 -23.72
C GLY A 244 4.09 19.07 -23.91
N GLY A 245 4.32 18.35 -25.02
CA GLY A 245 5.62 17.76 -25.27
C GLY A 245 5.68 16.72 -26.38
N LEU A 246 6.84 16.06 -26.47
CA LEU A 246 7.15 15.13 -27.56
C LEU A 246 7.52 13.80 -26.95
N ILE A 247 6.95 12.72 -27.46
CA ILE A 247 7.33 11.40 -26.99
C ILE A 247 7.56 10.42 -28.11
N ASP A 248 8.66 9.68 -28.00
CA ASP A 248 9.02 8.67 -28.99
C ASP A 248 8.84 7.27 -28.48
N LEU A 249 7.94 6.55 -29.15
CA LEU A 249 7.60 5.15 -28.87
C LEU A 249 8.64 4.26 -29.48
N PRO A 250 8.81 3.06 -28.92
CA PRO A 250 9.79 2.18 -29.53
C PRO A 250 9.22 1.34 -30.65
N ASP A 251 10.10 0.59 -31.29
CA ASP A 251 9.70 -0.43 -32.24
C ASP A 251 8.80 -1.49 -31.61
N SER A 252 9.31 -2.16 -30.58
CA SER A 252 8.55 -3.21 -29.90
C SER A 252 7.68 -2.64 -28.78
N LEU A 253 6.38 -2.85 -28.92
CA LEU A 253 5.43 -2.33 -27.95
C LEU A 253 4.97 -3.42 -26.96
N ASP A 254 5.74 -4.49 -26.86
CA ASP A 254 5.41 -5.57 -25.94
C ASP A 254 5.73 -5.18 -24.51
N GLY A 255 5.18 -5.94 -23.56
CA GLY A 255 5.38 -5.66 -22.13
C GLY A 255 4.67 -4.42 -21.62
N ASP A 256 5.45 -3.44 -21.18
CA ASP A 256 4.96 -2.39 -20.32
C ASP A 256 5.18 -1.03 -20.95
N VAL A 257 5.80 -1.00 -22.12
CA VAL A 257 6.15 0.27 -22.70
C VAL A 257 4.92 1.19 -22.74
N LEU A 258 3.75 0.60 -22.97
CA LEU A 258 2.54 1.43 -23.13
C LEU A 258 2.03 1.98 -21.82
N THR A 259 2.40 1.31 -20.73
CA THR A 259 2.12 1.78 -19.39
C THR A 259 3.01 2.97 -19.09
N ARG A 260 4.27 2.86 -19.47
CA ARG A 260 5.22 3.92 -19.26
C ARG A 260 4.80 5.14 -20.04
N LEU A 261 4.10 4.92 -21.16
CA LEU A 261 3.52 6.04 -21.93
C LEU A 261 2.59 6.85 -21.05
N GLY A 262 1.76 6.14 -20.30
CA GLY A 262 0.73 6.78 -19.49
C GLY A 262 1.33 7.64 -18.41
N GLU A 263 2.38 7.14 -17.79
CA GLU A 263 3.07 7.88 -16.75
C GLU A 263 3.93 8.99 -17.34
N ALA A 264 4.49 8.75 -18.51
CA ALA A 264 5.26 9.79 -19.20
C ALA A 264 4.38 11.00 -19.49
N LEU A 265 3.14 10.76 -19.87
CA LEU A 265 2.24 11.85 -20.18
C LEU A 265 1.90 12.71 -18.96
N THR A 266 2.14 12.17 -17.77
CA THR A 266 1.78 12.85 -16.51
C THR A 266 3.00 13.31 -15.66
N ASN A 267 4.20 13.22 -16.22
CA ASN A 267 5.45 13.13 -15.43
C ASN A 267 5.60 14.07 -14.23
N GLY A 268 5.00 15.26 -14.32
CA GLY A 268 5.13 16.28 -13.27
C GLY A 268 6.57 16.62 -12.88
N LEU A 269 7.54 16.11 -13.66
CA LEU A 269 8.94 16.59 -13.60
C LEU A 269 9.20 17.68 -14.63
N ALA A 270 8.17 18.02 -15.40
CA ALA A 270 8.33 18.81 -16.60
C ALA A 270 9.55 18.29 -17.38
N GLU A 271 9.44 17.06 -17.84
CA GLU A 271 10.16 16.65 -19.00
C GLU A 271 9.22 16.79 -20.19
N ASP A 272 9.71 17.36 -21.28
CA ASP A 272 8.87 17.56 -22.44
C ASP A 272 9.45 16.97 -23.72
N GLN A 273 10.58 16.28 -23.59
CA GLN A 273 11.19 15.56 -24.70
C GLN A 273 11.60 14.19 -24.26
N LEU A 274 10.73 13.22 -24.53
CA LEU A 274 10.87 11.91 -23.94
C LEU A 274 10.96 10.79 -24.94
N ALA A 275 11.61 9.73 -24.53
CA ALA A 275 11.67 8.52 -25.29
C ALA A 275 11.35 7.36 -24.36
N ILE A 276 10.58 6.41 -24.85
CA ILE A 276 10.18 5.28 -24.04
C ILE A 276 10.75 4.01 -24.62
N ARG A 277 11.52 3.29 -23.82
CA ARG A 277 12.26 2.15 -24.35
C ARG A 277 12.06 0.91 -23.47
N GLN A 278 12.81 -0.14 -23.75
CA GLN A 278 12.77 -1.33 -22.92
C GLN A 278 13.18 -0.96 -21.49
N SER A 279 14.13 -0.04 -21.37
CA SER A 279 14.70 0.34 -20.07
C SER A 279 14.06 1.60 -19.46
N GLY A 280 12.87 1.95 -19.92
CA GLY A 280 12.06 2.92 -19.21
C GLY A 280 11.93 4.24 -19.92
N VAL A 281 11.60 5.27 -19.17
CA VAL A 281 11.41 6.56 -19.74
C VAL A 281 12.72 7.34 -19.73
N LEU A 282 13.02 7.96 -20.86
CA LEU A 282 14.31 8.65 -21.01
C LEU A 282 14.04 10.06 -21.42
N ALA A 283 14.81 11.00 -20.89
CA ALA A 283 14.66 12.40 -21.25
C ALA A 283 15.87 12.92 -21.97
N ARG A 284 15.61 13.88 -22.86
CA ARG A 284 16.59 14.41 -23.79
C ARG A 284 17.44 15.48 -23.11
N ARG A 285 18.76 15.32 -23.18
CA ARG A 285 19.70 16.30 -22.63
C ARG A 285 20.69 16.75 -23.71
N LEU A 286 21.23 17.95 -23.56
CA LEU A 286 22.34 18.38 -24.38
C LEU A 286 23.60 18.39 -23.56
N VAL A 287 24.66 17.80 -24.06
CA VAL A 287 25.79 17.48 -23.21
C VAL A 287 27.10 17.97 -23.83
N PRO A 288 27.97 18.61 -23.05
CA PRO A 288 29.26 18.94 -23.70
C PRO A 288 29.93 17.69 -24.26
N ALA A 289 30.46 17.77 -25.46
CA ALA A 289 31.08 16.60 -26.08
C ALA A 289 32.55 16.85 -26.49
N PRO A 290 33.41 17.18 -25.52
CA PRO A 290 34.81 17.47 -25.90
C PRO A 290 35.51 16.24 -26.51
N ALA A 291 36.27 16.45 -27.56
CA ALA A 291 36.81 15.34 -28.32
C ALA A 291 37.97 14.72 -27.58
N ASN A 292 37.79 13.46 -27.14
CA ASN A 292 38.88 12.69 -26.51
C ASN A 292 39.89 12.10 -27.51
N GLN A 293 41.13 12.58 -27.42
CA GLN A 293 42.17 12.30 -28.40
C GLN A 293 42.74 10.87 -28.25
N PRO A 294 43.50 10.40 -29.26
CA PRO A 294 43.56 11.03 -30.56
C PRO A 294 42.35 10.62 -31.40
N ALA A 295 42.26 11.17 -32.61
CA ALA A 295 41.36 10.64 -33.62
C ALA A 295 41.98 9.44 -34.35
N GLY A 296 41.12 8.57 -34.87
CA GLY A 296 41.57 7.32 -35.46
C GLY A 296 41.85 7.42 -36.96
N ARG A 297 41.85 8.65 -37.48
CA ARG A 297 42.25 8.91 -38.88
C ARG A 297 42.39 10.41 -39.15
N LYS A 298 43.22 10.75 -40.14
CA LYS A 298 43.24 12.08 -40.72
C LYS A 298 42.50 12.05 -42.04
N TRP A 299 41.27 12.59 -42.04
CA TRP A 299 40.39 12.45 -43.18
C TRP A 299 40.85 13.30 -44.35
N ARG A 300 40.90 12.69 -45.55
CA ARG A 300 41.25 13.41 -46.82
C ARG A 300 40.35 12.93 -47.97
N PRO A 301 39.92 13.85 -48.83
CA PRO A 301 39.18 13.40 -49.99
C PRO A 301 40.08 12.63 -50.96
N ARG A 302 39.64 11.46 -51.38
CA ARG A 302 40.25 10.81 -52.51
C ARG A 302 39.89 11.56 -53.78
N GLY A 303 38.87 11.11 -54.47
CA GLY A 303 38.59 11.65 -55.81
C GLY A 303 37.82 12.96 -55.79
N SER A 304 36.72 12.99 -56.52
CA SER A 304 35.89 14.17 -56.60
C SER A 304 35.08 14.36 -55.35
N ALA A 305 34.89 15.61 -54.95
CA ALA A 305 34.01 16.00 -53.85
C ALA A 305 32.84 16.85 -54.38
N LEU A 306 31.65 16.62 -53.87
CA LEU A 306 30.52 17.40 -54.32
C LEU A 306 30.01 18.26 -53.18
N ILE A 307 29.96 19.57 -53.40
CA ILE A 307 29.18 20.44 -52.51
C ILE A 307 27.95 20.99 -53.17
N THR A 308 26.78 20.53 -52.74
CA THR A 308 25.51 21.14 -53.16
C THR A 308 25.35 22.42 -52.40
N GLY A 309 24.74 23.42 -53.01
CA GLY A 309 24.72 24.75 -52.38
C GLY A 309 26.15 25.25 -52.25
N GLY A 310 27.02 24.72 -53.12
CA GLY A 310 28.45 24.99 -53.05
C GLY A 310 28.85 26.41 -53.36
N LEU A 311 27.92 27.23 -53.87
CA LEU A 311 28.23 28.65 -54.14
C LEU A 311 27.70 29.60 -53.08
N GLY A 312 27.22 29.04 -51.98
CA GLY A 312 26.81 29.84 -50.84
C GLY A 312 27.99 30.14 -49.95
N ALA A 313 27.76 30.85 -48.85
CA ALA A 313 28.86 31.32 -48.05
C ALA A 313 29.59 30.15 -47.40
N VAL A 314 28.84 29.17 -46.91
CA VAL A 314 29.45 28.09 -46.15
C VAL A 314 30.12 27.10 -47.09
N GLY A 315 29.44 26.79 -48.20
CA GLY A 315 30.00 25.94 -49.26
C GLY A 315 31.32 26.45 -49.86
N ALA A 316 31.38 27.75 -50.12
CA ALA A 316 32.64 28.38 -50.52
C ALA A 316 33.80 28.07 -49.58
N GLN A 317 33.55 28.14 -48.26
CA GLN A 317 34.58 27.82 -47.26
C GLN A 317 34.95 26.35 -47.28
N VAL A 318 33.93 25.49 -47.23
CA VAL A 318 34.15 24.07 -47.32
C VAL A 318 34.95 23.76 -48.58
N ALA A 319 34.62 24.44 -49.67
CA ALA A 319 35.40 24.28 -50.90
C ALA A 319 36.87 24.69 -50.76
N ARG A 320 37.13 25.85 -50.17
CA ARG A 320 38.52 26.28 -49.99
C ARG A 320 39.30 25.25 -49.15
N TRP A 321 38.64 24.69 -48.17
CA TRP A 321 39.29 23.75 -47.32
C TRP A 321 39.67 22.50 -48.13
N LEU A 322 38.73 21.99 -48.94
CA LEU A 322 38.98 20.77 -49.70
C LEU A 322 40.13 20.96 -50.67
N ALA A 323 40.19 22.12 -51.31
CA ALA A 323 41.28 22.45 -52.21
C ALA A 323 42.62 22.46 -51.47
N GLU A 324 42.64 23.12 -50.32
CA GLU A 324 43.84 23.15 -49.47
C GLU A 324 44.33 21.77 -49.05
N ILE A 325 43.42 20.84 -48.81
CA ILE A 325 43.86 19.54 -48.34
C ILE A 325 43.87 18.50 -49.45
N GLY A 326 43.86 18.97 -50.71
CA GLY A 326 44.32 18.16 -51.86
C GLY A 326 43.23 17.46 -52.67
N ALA A 327 41.99 17.88 -52.52
CA ALA A 327 40.93 17.35 -53.38
C ALA A 327 41.30 17.56 -54.85
N GLU A 328 41.17 16.53 -55.68
CA GLU A 328 41.60 16.64 -57.06
C GLU A 328 40.57 17.42 -57.83
N ARG A 329 39.33 17.27 -57.44
CA ARG A 329 38.29 17.97 -58.11
C ARG A 329 37.20 18.32 -57.16
N ILE A 330 36.73 19.54 -57.25
CA ILE A 330 35.60 19.99 -56.50
C ILE A 330 34.43 20.33 -57.41
N VAL A 331 33.35 19.59 -57.25
CA VAL A 331 32.14 19.84 -58.01
C VAL A 331 31.18 20.70 -57.16
N LEU A 332 30.84 21.88 -57.67
CA LEU A 332 29.97 22.81 -56.92
C LEU A 332 28.64 22.97 -57.62
N THR A 333 27.54 22.66 -56.91
CA THR A 333 26.22 22.76 -57.52
C THR A 333 25.28 23.76 -56.85
N SER A 334 24.33 24.26 -57.63
CA SER A 334 23.39 25.27 -57.22
C SER A 334 22.44 25.41 -58.38
N ARG A 335 21.26 25.99 -58.13
CA ARG A 335 20.33 26.31 -59.23
C ARG A 335 20.88 27.34 -60.20
N ARG A 336 21.62 28.31 -59.66
CA ARG A 336 22.23 29.37 -60.47
C ARG A 336 23.53 28.89 -61.15
N GLY A 337 24.24 27.96 -60.49
CA GLY A 337 25.50 27.45 -61.02
C GLY A 337 26.49 28.57 -61.28
N ASN A 338 27.05 28.58 -62.49
CA ASN A 338 27.92 29.66 -62.95
C ASN A 338 27.37 31.09 -62.93
N GLN A 339 26.05 31.22 -62.92
CA GLN A 339 25.38 32.54 -62.87
C GLN A 339 25.43 33.18 -61.47
N ALA A 340 25.80 32.38 -60.45
CA ALA A 340 25.80 32.85 -59.07
C ALA A 340 26.87 33.90 -58.81
N ALA A 341 26.48 34.99 -58.15
CA ALA A 341 27.42 36.00 -57.72
C ALA A 341 28.60 35.34 -57.03
N GLY A 342 29.79 35.58 -57.56
CA GLY A 342 30.99 35.20 -56.87
C GLY A 342 31.54 33.92 -57.45
N ALA A 343 30.79 33.35 -58.40
CA ALA A 343 31.11 32.01 -58.91
C ALA A 343 32.49 31.98 -59.56
N ALA A 344 32.75 32.97 -60.41
CA ALA A 344 34.03 33.12 -61.10
C ALA A 344 35.21 33.52 -60.18
N GLU A 345 34.95 34.35 -59.17
CA GLU A 345 35.94 34.55 -58.12
C GLU A 345 36.36 33.21 -57.55
N LEU A 346 35.38 32.39 -57.22
CA LEU A 346 35.64 31.24 -56.39
C LEU A 346 36.38 30.15 -57.13
N GLU A 347 35.99 29.91 -58.40
CA GLU A 347 36.75 29.05 -59.32
C GLU A 347 38.20 29.51 -59.46
N ALA A 348 38.41 30.79 -59.72
CA ALA A 348 39.76 31.30 -59.65
C ALA A 348 40.48 30.89 -58.34
N GLU A 349 39.93 31.21 -57.16
CA GLU A 349 40.68 30.93 -55.92
C GLU A 349 41.03 29.45 -55.80
N LEU A 350 40.03 28.61 -56.05
CA LEU A 350 40.18 27.17 -55.94
C LEU A 350 41.23 26.64 -56.91
N ARG A 351 41.22 27.14 -58.15
CA ARG A 351 42.21 26.74 -59.12
C ARG A 351 43.62 27.22 -58.74
N ALA A 352 43.71 28.41 -58.18
CA ALA A 352 44.95 28.94 -57.63
C ALA A 352 45.51 28.09 -56.46
N LEU A 353 44.68 27.27 -55.82
CA LEU A 353 45.20 26.34 -54.80
C LEU A 353 45.43 24.93 -55.36
N GLY A 354 45.18 24.76 -56.66
CA GLY A 354 45.60 23.55 -57.37
C GLY A 354 44.51 22.53 -57.64
N ALA A 355 43.28 22.82 -57.26
CA ALA A 355 42.23 21.86 -57.50
C ALA A 355 41.63 22.08 -58.87
N GLN A 356 41.03 21.02 -59.43
CA GLN A 356 40.18 21.18 -60.61
C GLN A 356 38.78 21.55 -60.12
N VAL A 357 38.06 22.36 -60.88
CA VAL A 357 36.76 22.83 -60.43
C VAL A 357 35.70 22.62 -61.48
N SER A 358 34.56 22.04 -61.09
CA SER A 358 33.36 22.02 -61.94
C SER A 358 32.15 22.68 -61.26
N ILE A 359 31.63 23.71 -61.90
CA ILE A 359 30.52 24.47 -61.39
C ILE A 359 29.33 24.20 -62.26
N VAL A 360 28.32 23.54 -61.70
CA VAL A 360 27.15 23.10 -62.45
C VAL A 360 25.89 23.77 -61.93
N ALA A 361 24.96 24.08 -62.83
CA ALA A 361 23.58 24.47 -62.43
C ALA A 361 22.71 23.22 -62.32
N CYS A 362 22.32 22.89 -61.10
CA CYS A 362 21.59 21.66 -60.86
C CYS A 362 20.82 21.82 -59.59
N ASP A 363 19.52 21.58 -59.65
CA ASP A 363 18.67 21.60 -58.48
C ASP A 363 18.94 20.32 -57.73
N VAL A 364 19.12 20.39 -56.40
CA VAL A 364 19.34 19.14 -55.62
C VAL A 364 18.19 18.16 -55.69
N THR A 365 16.99 18.69 -55.84
CA THR A 365 15.78 17.87 -55.71
C THR A 365 15.46 17.07 -56.98
N ASP A 366 16.29 17.24 -58.02
CA ASP A 366 16.09 16.60 -59.33
C ASP A 366 16.90 15.30 -59.44
N ARG A 367 16.24 14.15 -59.33
CA ARG A 367 16.96 12.89 -59.12
C ARG A 367 17.86 12.51 -60.31
N ALA A 368 17.30 12.53 -61.51
CA ALA A 368 18.08 12.26 -62.73
C ALA A 368 19.31 13.18 -62.92
N GLU A 369 19.12 14.49 -62.84
CA GLU A 369 20.27 15.37 -63.00
C GLU A 369 21.36 15.13 -61.95
N MET A 370 20.94 14.85 -60.71
CA MET A 370 21.90 14.58 -59.66
C MET A 370 22.58 13.24 -59.91
N SER A 371 21.79 12.26 -60.36
CA SER A 371 22.33 10.94 -60.65
C SER A 371 23.37 10.97 -61.75
N ALA A 372 23.05 11.61 -62.87
CA ALA A 372 24.04 11.79 -63.93
C ALA A 372 25.25 12.48 -63.36
N LEU A 373 25.00 13.47 -62.51
CA LEU A 373 26.09 14.24 -61.97
C LEU A 373 27.07 13.37 -61.20
N LEU A 374 26.56 12.52 -60.32
CA LEU A 374 27.42 11.74 -59.45
C LEU A 374 28.26 10.72 -60.22
N ALA A 375 27.63 10.08 -61.22
CA ALA A 375 28.28 9.09 -62.06
C ALA A 375 29.37 9.70 -62.93
N GLU A 376 29.08 10.86 -63.52
CA GLU A 376 30.06 11.52 -64.37
C GLU A 376 31.35 11.82 -63.65
N PHE A 377 31.27 12.32 -62.44
CA PHE A 377 32.46 12.72 -61.74
C PHE A 377 33.01 11.68 -60.79
N ASP A 378 32.25 10.60 -60.60
CA ASP A 378 32.69 9.51 -59.72
C ASP A 378 32.98 10.06 -58.32
N VAL A 379 32.00 10.75 -57.75
CA VAL A 379 32.27 11.50 -56.53
C VAL A 379 32.45 10.60 -55.32
N THR A 380 33.41 10.94 -54.47
CA THR A 380 33.77 10.08 -53.36
C THR A 380 33.44 10.72 -52.01
N ALA A 381 33.04 11.99 -52.06
CA ALA A 381 32.67 12.72 -50.86
C ALA A 381 31.62 13.78 -51.20
N VAL A 382 30.54 13.79 -50.41
CA VAL A 382 29.38 14.64 -50.66
C VAL A 382 29.18 15.54 -49.48
N PHE A 383 29.00 16.83 -49.75
CA PHE A 383 28.68 17.83 -48.72
C PHE A 383 27.40 18.55 -49.11
N HIS A 384 26.37 18.36 -48.28
CA HIS A 384 25.03 18.92 -48.54
C HIS A 384 24.82 20.23 -47.83
N ALA A 385 24.95 21.32 -48.55
CA ALA A 385 24.80 22.61 -47.95
C ALA A 385 23.64 23.41 -48.56
N ALA A 386 22.94 22.81 -49.50
CA ALA A 386 21.76 23.44 -50.07
C ALA A 386 20.68 23.64 -48.99
N GLY A 387 20.11 24.82 -48.94
CA GLY A 387 19.06 25.10 -47.97
C GLY A 387 18.67 26.56 -47.99
N VAL A 388 17.52 26.88 -47.43
CA VAL A 388 17.17 28.28 -47.23
C VAL A 388 16.87 28.61 -45.77
N GLY A 389 17.31 29.78 -45.33
CA GLY A 389 16.95 30.30 -44.02
C GLY A 389 15.81 31.29 -44.09
N ARG A 390 14.86 31.18 -43.18
CA ARG A 390 13.92 32.27 -42.95
C ARG A 390 13.33 32.19 -41.54
N LEU A 391 13.26 33.35 -40.88
CA LEU A 391 12.58 33.48 -39.60
C LEU A 391 11.14 33.85 -39.83
N LEU A 392 10.24 33.09 -39.24
CA LEU A 392 8.83 33.17 -39.54
C LEU A 392 8.14 32.45 -38.42
N PRO A 393 7.25 33.15 -37.67
CA PRO A 393 6.57 32.43 -36.59
C PRO A 393 5.67 31.37 -37.14
N LEU A 394 5.46 30.34 -36.32
CA LEU A 394 4.61 29.24 -36.67
C LEU A 394 3.23 29.74 -37.13
N ALA A 395 2.66 30.70 -36.38
CA ALA A 395 1.38 31.34 -36.73
C ALA A 395 1.36 31.93 -38.15
N GLU A 396 2.52 32.28 -38.68
CA GLU A 396 2.56 32.87 -39.98
C GLU A 396 3.00 31.87 -41.03
N THR A 397 3.21 30.63 -40.64
CA THR A 397 3.79 29.65 -41.54
C THR A 397 2.68 28.84 -42.11
N ASP A 398 2.72 28.59 -43.40
CA ASP A 398 1.81 27.59 -43.94
C ASP A 398 2.55 26.50 -44.69
N GLN A 399 1.77 25.57 -45.24
CA GLN A 399 2.33 24.43 -45.94
C GLN A 399 3.30 24.80 -47.09
N ASN A 400 2.99 25.87 -47.84
CA ASN A 400 3.92 26.36 -48.87
C ASN A 400 5.22 26.92 -48.28
N GLY A 401 5.10 27.67 -47.18
CA GLY A 401 6.27 28.25 -46.54
C GLY A 401 7.17 27.14 -46.02
N LEU A 402 6.52 26.11 -45.53
CA LEU A 402 7.20 24.98 -44.98
C LEU A 402 7.90 24.24 -46.12
N ALA A 403 7.22 24.14 -47.24
CA ALA A 403 7.81 23.55 -48.45
C ALA A 403 8.98 24.39 -48.95
N GLU A 404 8.78 25.69 -49.03
CA GLU A 404 9.84 26.55 -49.48
C GLU A 404 11.11 26.35 -48.66
N ILE A 405 10.95 26.17 -47.34
CA ILE A 405 12.11 26.16 -46.44
C ILE A 405 12.79 24.77 -46.40
N CYS A 406 12.00 23.72 -46.63
CA CYS A 406 12.43 22.35 -46.40
C CYS A 406 12.99 21.70 -47.65
N ALA A 407 12.42 22.08 -48.80
CA ALA A 407 12.58 21.33 -50.03
C ALA A 407 14.03 20.94 -50.39
N ALA A 408 14.91 21.94 -50.55
CA ALA A 408 16.31 21.64 -50.94
C ALA A 408 17.07 20.85 -49.88
N LYS A 409 16.95 21.28 -48.63
CA LYS A 409 17.61 20.64 -47.50
C LYS A 409 17.14 19.19 -47.34
N VAL A 410 15.83 19.02 -47.09
CA VAL A 410 15.25 17.69 -46.86
C VAL A 410 15.26 16.82 -48.10
N ARG A 411 14.53 17.27 -49.13
CA ARG A 411 14.46 16.49 -50.35
C ARG A 411 15.78 16.35 -51.10
N GLY A 412 16.62 17.38 -51.05
CA GLY A 412 17.98 17.23 -51.55
C GLY A 412 18.72 16.16 -50.78
N ALA A 413 18.45 16.05 -49.49
CA ALA A 413 19.08 14.97 -48.69
C ALA A 413 18.59 13.55 -49.02
N GLN A 414 17.30 13.39 -49.27
CA GLN A 414 16.79 12.09 -49.72
C GLN A 414 17.37 11.69 -51.06
N VAL A 415 17.35 12.61 -52.01
CA VAL A 415 17.88 12.34 -53.32
C VAL A 415 19.32 11.85 -53.18
N LEU A 416 20.11 12.57 -52.40
CA LEU A 416 21.49 12.17 -52.22
C LEU A 416 21.61 10.81 -51.54
N ASP A 417 20.81 10.60 -50.51
CA ASP A 417 20.76 9.30 -49.83
C ASP A 417 20.45 8.14 -50.77
N GLU A 418 19.38 8.26 -51.57
CA GLU A 418 18.99 7.22 -52.55
C GLU A 418 20.13 6.85 -53.50
N LEU A 419 20.67 7.83 -54.22
CA LEU A 419 21.95 7.65 -54.93
C LEU A 419 22.88 7.32 -53.81
N CYS A 420 24.15 7.06 -54.05
CA CYS A 420 25.05 6.83 -52.88
C CYS A 420 24.57 5.63 -52.04
N ASP A 421 24.32 4.49 -52.68
CA ASP A 421 23.91 3.27 -51.95
C ASP A 421 25.13 2.39 -51.71
N SER A 422 26.07 2.88 -50.94
CA SER A 422 27.48 2.63 -51.19
C SER A 422 28.29 2.85 -49.91
N THR A 423 28.92 1.78 -49.39
CA THR A 423 29.86 1.90 -48.25
C THR A 423 31.20 2.54 -48.66
N ASP A 424 31.42 2.67 -49.97
CA ASP A 424 32.68 3.20 -50.54
C ASP A 424 32.94 4.68 -50.21
N LEU A 425 31.86 5.45 -50.08
CA LEU A 425 31.94 6.91 -49.95
C LEU A 425 32.79 7.30 -48.76
N ASP A 426 33.64 8.29 -48.97
CA ASP A 426 34.45 8.80 -47.89
C ASP A 426 33.68 9.59 -46.85
N ALA A 427 32.55 10.12 -47.24
CA ALA A 427 31.91 11.16 -46.45
C ALA A 427 30.60 11.48 -47.06
N PHE A 428 29.59 11.54 -46.21
CA PHE A 428 28.29 11.99 -46.61
C PHE A 428 27.89 12.96 -45.51
N VAL A 429 28.20 14.23 -45.75
CA VAL A 429 28.11 15.25 -44.71
C VAL A 429 26.96 16.24 -44.88
N LEU A 430 26.12 16.33 -43.85
CA LEU A 430 24.94 17.16 -43.89
C LEU A 430 25.12 18.37 -43.01
N PHE A 431 24.75 19.52 -43.55
CA PHE A 431 24.87 20.79 -42.84
C PHE A 431 23.59 21.16 -42.16
N SER A 432 23.54 20.84 -40.88
CA SER A 432 22.38 21.09 -40.09
C SER A 432 22.57 22.29 -39.17
N SER A 433 21.66 22.49 -38.23
CA SER A 433 21.65 23.71 -37.46
C SER A 433 21.21 23.44 -36.04
N GLY A 434 21.77 24.19 -35.09
CA GLY A 434 21.19 24.29 -33.73
C GLY A 434 19.68 24.57 -33.67
N ALA A 435 19.14 25.20 -34.71
CA ALA A 435 17.71 25.48 -34.73
C ALA A 435 16.95 24.17 -34.66
N GLY A 436 17.61 23.10 -35.10
CA GLY A 436 16.96 21.81 -35.20
C GLY A 436 17.30 20.95 -34.01
N VAL A 437 18.16 21.45 -33.12
CA VAL A 437 18.62 20.64 -31.98
C VAL A 437 18.03 21.15 -30.67
N TRP A 438 18.01 22.47 -30.49
CA TRP A 438 17.35 23.02 -29.32
C TRP A 438 16.22 23.93 -29.69
N GLY A 439 16.30 24.57 -30.86
CA GLY A 439 15.23 25.46 -31.32
C GLY A 439 15.48 26.96 -31.13
N GLY A 440 14.49 27.76 -31.55
CA GLY A 440 14.50 29.21 -31.35
C GLY A 440 13.23 29.75 -31.95
N GLY A 441 12.76 30.90 -31.44
CA GLY A 441 11.57 31.53 -31.99
C GLY A 441 11.84 31.93 -33.43
N GLY A 442 10.89 31.65 -34.31
CA GLY A 442 11.03 32.04 -35.68
C GLY A 442 11.48 30.89 -36.54
N GLN A 443 11.87 29.80 -35.92
CA GLN A 443 12.57 28.75 -36.64
C GLN A 443 11.83 27.39 -36.71
N GLY A 444 10.51 27.44 -36.81
CA GLY A 444 9.71 26.23 -36.99
C GLY A 444 10.13 25.39 -38.18
N ALA A 445 10.04 26.00 -39.36
CA ALA A 445 10.21 25.28 -40.62
C ALA A 445 11.67 24.87 -40.77
N TYR A 446 12.56 25.77 -40.36
CA TYR A 446 14.01 25.54 -40.44
C TYR A 446 14.45 24.45 -39.45
N GLY A 447 13.99 24.54 -38.21
CA GLY A 447 14.19 23.46 -37.23
C GLY A 447 13.65 22.12 -37.72
N ALA A 448 12.51 22.15 -38.39
CA ALA A 448 11.97 20.88 -38.91
C ALA A 448 12.94 20.27 -39.94
N ALA A 449 13.39 21.09 -40.88
CA ALA A 449 14.23 20.63 -41.94
C ALA A 449 15.54 20.08 -41.38
N ASN A 450 16.03 20.71 -40.32
CA ASN A 450 17.33 20.36 -39.78
C ASN A 450 17.27 19.12 -38.87
N ALA A 451 16.19 18.97 -38.13
CA ALA A 451 16.06 17.78 -37.32
C ALA A 451 15.94 16.52 -38.20
N PHE A 452 15.36 16.69 -39.39
CA PHE A 452 15.32 15.62 -40.38
C PHE A 452 16.73 15.07 -40.67
N LEU A 453 17.68 15.97 -40.87
CA LEU A 453 19.01 15.57 -41.27
C LEU A 453 19.68 14.77 -40.20
N ASP A 454 19.56 15.19 -38.95
CA ASP A 454 20.21 14.44 -37.88
C ASP A 454 19.66 13.01 -37.82
N THR A 455 18.35 12.84 -38.02
CA THR A 455 17.84 11.48 -38.01
C THR A 455 18.23 10.72 -39.29
N LEU A 456 18.31 11.43 -40.42
CA LEU A 456 18.75 10.78 -41.65
C LEU A 456 20.14 10.22 -41.48
N ALA A 457 20.99 10.94 -40.76
CA ALA A 457 22.36 10.53 -40.63
C ALA A 457 22.42 9.24 -39.81
N GLU A 458 21.60 9.20 -38.76
CA GLU A 458 21.53 8.03 -37.89
C GLU A 458 20.95 6.83 -38.62
N GLN A 459 19.91 7.07 -39.41
CA GLN A 459 19.33 5.99 -40.19
C GLN A 459 20.36 5.37 -41.11
N ARG A 460 21.22 6.21 -41.69
CA ARG A 460 22.18 5.74 -42.67
C ARG A 460 23.18 4.82 -42.02
N ARG A 461 23.72 5.27 -40.89
CA ARG A 461 24.62 4.45 -40.09
C ARG A 461 24.01 3.12 -39.76
N ALA A 462 22.74 3.13 -39.38
CA ALA A 462 22.09 1.87 -39.02
C ALA A 462 22.00 0.94 -40.24
N ARG A 463 22.01 1.51 -41.44
CA ARG A 463 22.03 0.72 -42.68
C ARG A 463 23.44 0.25 -43.07
N GLY A 464 24.45 0.66 -42.29
CA GLY A 464 25.85 0.40 -42.66
C GLY A 464 26.54 1.45 -43.54
N LEU A 465 25.86 2.57 -43.77
CA LEU A 465 26.43 3.63 -44.64
C LEU A 465 27.10 4.74 -43.83
N PRO A 466 28.01 5.49 -44.44
CA PRO A 466 28.52 6.56 -43.62
C PRO A 466 27.60 7.80 -43.69
N ALA A 467 27.48 8.53 -42.59
CA ALA A 467 26.77 9.81 -42.60
C ALA A 467 27.23 10.62 -41.44
N THR A 468 27.30 11.91 -41.64
CA THR A 468 27.73 12.80 -40.61
C THR A 468 26.77 13.97 -40.64
N SER A 469 26.25 14.34 -39.49
CA SER A 469 25.40 15.52 -39.43
C SER A 469 25.86 16.46 -38.38
N ILE A 470 26.17 17.67 -38.79
CA ILE A 470 26.66 18.67 -37.89
C ILE A 470 25.71 19.85 -37.82
N SER A 471 25.16 20.10 -36.66
CA SER A 471 24.25 21.21 -36.50
C SER A 471 25.01 22.39 -35.92
N TRP A 472 25.25 23.38 -36.76
CA TRP A 472 26.13 24.51 -36.47
C TRP A 472 25.39 25.58 -35.73
N GLY A 473 26.07 26.27 -34.81
CA GLY A 473 25.72 27.65 -34.47
C GLY A 473 26.00 28.51 -35.69
N SER A 474 25.89 29.82 -35.57
CA SER A 474 26.11 30.66 -36.76
C SER A 474 27.59 30.79 -37.15
N TRP A 475 27.83 31.04 -38.43
CA TRP A 475 29.16 31.26 -38.97
C TRP A 475 29.35 32.73 -39.20
N ALA A 476 30.55 33.22 -38.91
CA ALA A 476 30.95 34.56 -39.33
C ALA A 476 31.17 34.60 -40.82
N GLY A 477 31.09 35.79 -41.40
CA GLY A 477 31.13 35.93 -42.85
C GLY A 477 29.73 36.10 -43.37
N GLY A 478 29.58 35.94 -44.69
CA GLY A 478 28.26 36.02 -45.31
C GLY A 478 27.44 34.78 -45.01
N GLY A 479 26.24 34.72 -45.61
CA GLY A 479 25.41 33.54 -45.54
C GLY A 479 24.21 33.76 -44.66
N MET A 480 23.67 32.67 -44.12
CA MET A 480 22.40 32.73 -43.41
C MET A 480 22.43 33.51 -42.11
N ALA A 481 23.60 33.61 -41.48
CA ALA A 481 23.69 34.26 -40.19
C ALA A 481 24.23 35.68 -40.31
N ASP A 482 24.13 36.23 -41.51
CA ASP A 482 24.71 37.53 -41.82
C ASP A 482 23.68 38.66 -41.75
N GLY A 483 22.41 38.33 -41.67
CA GLY A 483 21.38 39.36 -41.82
C GLY A 483 21.41 40.46 -40.76
N ALA A 484 20.33 41.23 -40.69
CA ALA A 484 19.69 41.50 -39.43
C ALA A 484 19.45 40.17 -38.73
N ALA A 485 19.45 39.09 -39.52
CA ALA A 485 19.34 37.76 -38.94
C ALA A 485 20.46 37.53 -37.94
N GLY A 486 21.67 37.94 -38.31
CA GLY A 486 22.83 37.74 -37.42
C GLY A 486 22.67 38.54 -36.15
N GLU A 487 21.80 39.54 -36.23
CA GLU A 487 21.54 40.46 -35.13
C GLU A 487 20.69 39.73 -34.15
N HIS A 488 19.58 39.22 -34.65
CA HIS A 488 18.73 38.36 -33.87
C HIS A 488 19.54 37.33 -33.16
N LEU A 489 20.40 36.62 -33.89
CA LEU A 489 21.11 35.50 -33.26
C LEU A 489 22.20 35.92 -32.26
N ARG A 490 22.90 37.01 -32.54
CA ARG A 490 23.75 37.59 -31.51
C ARG A 490 22.98 38.01 -30.26
N ARG A 491 21.82 38.64 -30.45
CA ARG A 491 21.02 39.12 -29.33
C ARG A 491 20.49 37.96 -28.49
N ARG A 492 20.30 36.79 -29.11
CA ARG A 492 19.94 35.56 -28.36
C ARG A 492 21.14 34.82 -27.79
N GLY A 493 22.34 35.30 -28.06
CA GLY A 493 23.52 34.81 -27.36
C GLY A 493 24.27 33.70 -28.08
N ILE A 494 23.98 33.57 -29.38
CA ILE A 494 24.77 32.76 -30.30
C ILE A 494 25.86 33.63 -30.93
N ARG A 495 27.12 33.24 -30.71
CA ARG A 495 28.28 34.00 -31.20
C ARG A 495 28.77 33.41 -32.53
N PRO A 496 28.87 34.25 -33.58
CA PRO A 496 29.26 33.65 -34.84
C PRO A 496 30.68 33.10 -34.77
N MET A 497 30.91 31.95 -35.38
CA MET A 497 32.21 31.32 -35.36
C MET A 497 33.01 31.74 -36.60
N PRO A 498 34.27 32.18 -36.41
CA PRO A 498 35.12 32.44 -37.59
C PRO A 498 35.17 31.24 -38.53
N ALA A 499 35.06 31.50 -39.81
CA ALA A 499 34.94 30.42 -40.76
C ALA A 499 36.10 29.41 -40.57
N ALA A 500 37.30 29.92 -40.35
CA ALA A 500 38.48 29.09 -40.29
C ALA A 500 38.43 28.13 -39.11
N SER A 501 37.85 28.57 -38.01
CA SER A 501 37.70 27.68 -36.87
C SER A 501 36.56 26.69 -37.06
N ALA A 502 35.51 27.12 -37.76
CA ALA A 502 34.43 26.21 -38.10
C ALA A 502 34.97 25.05 -38.94
N ILE A 503 35.82 25.38 -39.91
CA ILE A 503 36.43 24.39 -40.79
C ILE A 503 37.29 23.42 -39.99
N LEU A 504 38.09 23.96 -39.08
CA LEU A 504 38.89 23.13 -38.23
C LEU A 504 38.03 22.12 -37.46
N ALA A 505 36.80 22.50 -37.14
CA ALA A 505 35.93 21.65 -36.32
C ALA A 505 35.29 20.54 -37.17
N LEU A 506 34.94 20.92 -38.40
CA LEU A 506 34.48 19.97 -39.40
C LEU A 506 35.53 18.89 -39.63
N GLN A 507 36.78 19.34 -39.87
CA GLN A 507 37.90 18.40 -39.96
C GLN A 507 37.93 17.49 -38.80
N GLU A 508 37.81 18.02 -37.60
CA GLU A 508 37.84 17.20 -36.43
C GLU A 508 36.73 16.15 -36.42
N VAL A 509 35.47 16.58 -36.65
CA VAL A 509 34.34 15.64 -36.72
C VAL A 509 34.62 14.51 -37.72
N LEU A 510 34.95 14.87 -38.94
CA LEU A 510 35.39 13.91 -39.95
C LEU A 510 36.50 12.93 -39.51
N ASP A 511 37.58 13.45 -38.94
CA ASP A 511 38.66 12.63 -38.34
C ASP A 511 38.14 11.67 -37.28
N GLN A 512 37.17 12.15 -36.50
CA GLN A 512 36.66 11.37 -35.39
C GLN A 512 35.63 10.37 -35.88
N ASP A 513 35.33 10.40 -37.18
CA ASP A 513 34.27 9.54 -37.77
C ASP A 513 32.91 9.65 -37.02
N GLU A 514 32.52 10.85 -36.64
CA GLU A 514 31.30 11.03 -35.88
C GLU A 514 30.01 11.02 -36.70
N THR A 515 28.90 10.75 -36.04
CA THR A 515 27.61 10.85 -36.68
C THR A 515 26.95 12.23 -36.50
N CYS A 516 26.32 12.47 -35.34
CA CYS A 516 25.74 13.80 -35.02
C CYS A 516 26.51 14.45 -33.90
N VAL A 517 26.86 15.70 -34.09
CA VAL A 517 27.48 16.47 -33.03
C VAL A 517 27.07 17.89 -33.32
N SER A 518 26.93 18.69 -32.27
CA SER A 518 26.54 20.09 -32.47
C SER A 518 27.75 20.95 -32.20
N ILE A 519 27.98 21.91 -33.07
CA ILE A 519 29.13 22.76 -32.94
C ILE A 519 28.73 24.19 -32.98
N ALA A 520 28.74 24.80 -31.80
CA ALA A 520 28.25 26.16 -31.63
C ALA A 520 29.01 26.88 -30.54
N ASP A 521 29.22 28.17 -30.76
CA ASP A 521 29.74 29.06 -29.75
C ASP A 521 28.61 29.83 -29.07
N VAL A 522 28.15 29.29 -27.95
CA VAL A 522 26.98 29.81 -27.25
C VAL A 522 27.43 30.59 -26.03
N ASP A 523 26.88 31.79 -25.88
CA ASP A 523 27.08 32.57 -24.67
C ASP A 523 25.99 32.24 -23.67
N TRP A 524 26.27 31.30 -22.78
CA TRP A 524 25.22 30.76 -21.91
C TRP A 524 24.59 31.77 -21.00
N ASP A 525 25.38 32.68 -20.45
CA ASP A 525 24.84 33.81 -19.69
C ASP A 525 23.68 34.51 -20.38
N ARG A 526 23.81 34.77 -21.67
CA ARG A 526 22.78 35.48 -22.39
C ARG A 526 21.75 34.55 -23.02
N PHE A 527 22.18 33.37 -23.47
CA PHE A 527 21.28 32.46 -24.21
C PHE A 527 20.12 31.96 -23.35
N VAL A 528 20.46 31.38 -22.20
CA VAL A 528 19.50 30.73 -21.29
C VAL A 528 18.34 31.66 -20.85
N PRO A 529 18.65 32.88 -20.42
CA PRO A 529 17.53 33.68 -19.99
C PRO A 529 16.56 33.96 -21.13
N THR A 530 17.07 34.17 -22.34
CA THR A 530 16.20 34.40 -23.47
C THR A 530 15.45 33.14 -23.86
N PHE A 531 16.15 32.03 -23.84
CA PHE A 531 15.60 30.79 -24.29
C PHE A 531 14.52 30.28 -23.31
N ALA A 532 14.72 30.55 -22.01
CA ALA A 532 13.81 30.01 -20.99
C ALA A 532 12.90 31.08 -20.35
N ALA A 533 12.87 32.27 -20.96
CA ALA A 533 11.84 33.28 -20.66
C ALA A 533 10.44 32.69 -20.51
N THR A 534 9.89 32.20 -21.61
CA THR A 534 8.50 31.82 -21.67
C THR A 534 8.24 30.43 -21.08
N ARG A 535 9.28 29.59 -21.02
CA ARG A 535 9.11 28.15 -20.86
C ARG A 535 10.31 27.58 -20.14
N ALA A 536 10.07 26.90 -19.04
CA ALA A 536 11.13 26.15 -18.38
C ALA A 536 11.57 24.98 -19.24
N THR A 537 12.79 24.50 -18.99
CA THR A 537 13.38 23.44 -19.79
C THR A 537 14.44 22.76 -18.99
N ARG A 538 14.55 21.46 -19.15
CA ARG A 538 15.57 20.71 -18.46
C ARG A 538 16.61 20.30 -19.47
N LEU A 539 16.48 20.85 -20.68
CA LEU A 539 17.29 20.42 -21.82
C LEU A 539 18.80 20.57 -21.58
N PHE A 540 19.17 21.58 -20.79
CA PHE A 540 20.55 22.00 -20.61
C PHE A 540 21.08 21.73 -19.20
N ASP A 541 20.34 20.98 -18.40
CA ASP A 541 20.77 20.62 -17.05
C ASP A 541 22.21 20.11 -16.98
N GLU A 542 22.70 19.51 -18.05
CA GLU A 542 24.05 18.95 -18.00
C GLU A 542 25.11 19.83 -18.65
N VAL A 543 24.78 21.09 -18.92
CA VAL A 543 25.79 22.06 -19.31
C VAL A 543 26.08 23.02 -18.16
N PRO A 544 27.26 22.89 -17.52
CA PRO A 544 27.48 23.65 -16.30
C PRO A 544 27.22 25.15 -16.47
N ALA A 545 27.74 25.75 -17.54
CA ALA A 545 27.58 27.18 -17.77
C ALA A 545 26.10 27.56 -17.90
N ALA A 546 25.28 26.62 -18.36
CA ALA A 546 23.85 26.86 -18.45
C ALA A 546 23.16 26.78 -17.08
N ARG A 547 23.62 25.88 -16.22
CA ARG A 547 23.15 25.86 -14.83
C ARG A 547 23.38 27.21 -14.13
N LYS A 548 24.60 27.73 -14.20
CA LYS A 548 24.89 29.04 -13.58
C LYS A 548 23.88 30.10 -13.98
N ALA A 549 23.41 30.06 -15.22
CA ALA A 549 22.71 31.23 -15.80
C ALA A 549 21.20 31.31 -15.49
N MET A 550 20.79 30.88 -14.29
CA MET A 550 19.66 31.50 -13.55
C MET A 550 19.76 31.25 -12.04
N PRO B 33 58.75 31.43 -20.24
CA PRO B 33 59.61 32.58 -20.47
C PRO B 33 60.51 32.34 -21.67
N ALA B 34 61.51 31.46 -21.47
CA ALA B 34 62.11 30.67 -22.55
C ALA B 34 61.11 30.33 -23.66
N ALA B 35 60.10 29.54 -23.29
CA ALA B 35 58.97 29.23 -24.17
C ALA B 35 58.48 30.41 -25.04
N GLY B 36 58.16 31.55 -24.40
CA GLY B 36 57.69 32.73 -25.12
C GLY B 36 58.66 33.17 -26.21
N TRP B 37 59.95 33.10 -25.90
CA TRP B 37 61.01 33.25 -26.89
C TRP B 37 60.88 32.24 -28.03
N PHE B 38 60.96 30.96 -27.66
CA PHE B 38 60.80 29.86 -28.60
C PHE B 38 59.62 30.02 -29.56
N TRP B 39 58.44 30.34 -29.03
CA TRP B 39 57.24 30.41 -29.86
C TRP B 39 57.22 31.53 -30.85
N GLN B 40 57.87 32.64 -30.53
CA GLN B 40 57.98 33.72 -31.51
C GLN B 40 59.10 33.46 -32.51
N ALA B 41 60.24 32.98 -32.01
CA ALA B 41 61.23 32.39 -32.88
C ALA B 41 60.54 31.46 -33.89
N VAL B 42 59.69 30.58 -33.38
CA VAL B 42 58.92 29.69 -34.24
C VAL B 42 57.90 30.46 -35.05
N ALA B 43 57.06 31.22 -34.35
CA ALA B 43 55.95 31.95 -34.97
C ALA B 43 56.30 32.32 -36.39
N ARG B 44 57.13 33.33 -36.52
CA ARG B 44 57.88 33.54 -37.74
C ARG B 44 59.31 33.87 -37.34
N GLN B 45 60.28 33.24 -38.01
CA GLN B 45 60.15 31.86 -38.49
C GLN B 45 61.56 31.31 -38.63
N ASP B 46 62.38 31.54 -37.62
CA ASP B 46 63.79 31.76 -37.86
C ASP B 46 64.73 30.57 -37.50
N LEU B 47 65.12 29.83 -38.55
CA LEU B 47 66.04 28.69 -38.43
C LEU B 47 67.26 29.06 -37.60
N LYS B 48 67.84 30.20 -37.90
CA LYS B 48 69.10 30.62 -37.29
C LYS B 48 69.07 30.46 -35.77
N SER B 49 68.11 31.12 -35.13
CA SER B 49 68.06 31.14 -33.65
C SER B 49 67.75 29.76 -33.12
N VAL B 50 66.71 29.15 -33.69
CA VAL B 50 66.27 27.84 -33.25
C VAL B 50 67.39 26.84 -33.46
N SER B 51 68.01 26.92 -34.62
CA SER B 51 69.14 26.07 -34.95
C SER B 51 70.29 26.23 -33.97
N ASP B 52 70.46 27.46 -33.44
CA ASP B 52 71.56 27.77 -32.54
C ASP B 52 71.28 27.30 -31.12
N ALA B 53 70.07 27.59 -30.64
CA ALA B 53 69.69 27.22 -29.26
C ALA B 53 69.83 25.72 -29.04
N LEU B 54 69.45 24.95 -30.05
CA LEU B 54 69.66 23.50 -30.05
C LEU B 54 70.91 23.21 -30.84
N ASP B 55 71.81 22.42 -30.31
CA ASP B 55 73.04 22.19 -31.03
C ASP B 55 72.80 21.27 -32.22
N LEU B 56 72.31 21.82 -33.34
CA LEU B 56 72.09 21.02 -34.57
C LEU B 56 71.74 21.84 -35.85
N ASP B 57 71.98 21.24 -37.01
CA ASP B 57 71.91 21.99 -38.27
C ASP B 57 70.54 21.92 -38.98
N ALA B 58 70.32 22.83 -39.91
CA ALA B 58 69.03 22.97 -40.57
C ALA B 58 68.58 21.64 -41.20
N ASP B 59 69.48 20.67 -41.21
CA ASP B 59 69.31 19.48 -42.01
C ASP B 59 68.83 18.34 -41.13
N ALA B 60 68.81 18.59 -39.82
CA ALA B 60 68.72 17.49 -38.85
C ALA B 60 67.32 16.87 -38.83
N PRO B 61 67.25 15.55 -38.77
CA PRO B 61 65.93 14.94 -38.80
C PRO B 61 65.15 15.24 -37.52
N LEU B 62 63.84 15.12 -37.59
CA LEU B 62 62.98 15.36 -36.43
C LEU B 62 63.29 14.41 -35.27
N SER B 63 63.93 13.30 -35.56
CA SER B 63 64.16 12.31 -34.53
C SER B 63 65.39 12.69 -33.76
N ALA B 64 66.17 13.60 -34.31
CA ALA B 64 67.21 14.26 -33.52
C ALA B 64 66.72 15.57 -32.91
N THR B 65 65.75 16.22 -33.57
CA THR B 65 65.18 17.47 -33.10
C THR B 65 64.43 17.34 -31.77
N LEU B 66 63.60 16.31 -31.65
CA LEU B 66 62.96 15.97 -30.37
C LEU B 66 63.93 16.05 -29.18
N PRO B 67 64.89 15.10 -29.11
CA PRO B 67 65.76 15.02 -27.93
C PRO B 67 66.41 16.37 -27.62
N ALA B 68 66.88 17.04 -28.66
CA ALA B 68 67.51 18.33 -28.51
C ALA B 68 66.58 19.36 -27.87
N LEU B 69 65.29 19.29 -28.23
CA LEU B 69 64.27 20.14 -27.62
C LEU B 69 64.06 19.83 -26.16
N SER B 70 64.00 18.54 -25.82
CA SER B 70 63.72 18.13 -24.47
C SER B 70 64.82 18.64 -23.54
N VAL B 71 66.03 18.66 -24.07
CA VAL B 71 67.22 19.00 -23.32
C VAL B 71 67.36 20.52 -23.17
N TRP B 72 67.02 21.23 -24.23
CA TRP B 72 66.96 22.68 -24.16
C TRP B 72 65.94 23.08 -23.15
N HIS B 73 64.78 22.43 -23.21
CA HIS B 73 63.63 22.86 -22.41
C HIS B 73 63.87 22.55 -20.97
N ARG B 74 64.51 21.42 -20.73
CA ARG B 74 64.81 20.96 -19.39
C ARG B 74 65.85 21.87 -18.74
N GLN B 75 66.82 22.30 -19.52
CA GLN B 75 67.78 23.28 -19.04
C GLN B 75 67.12 24.61 -18.71
N GLU B 76 66.37 25.15 -19.66
CA GLU B 76 65.57 26.34 -19.40
C GLU B 76 64.66 26.22 -18.16
N ARG B 77 64.07 25.03 -17.96
CA ARG B 77 63.24 24.81 -16.79
C ARG B 77 64.07 24.92 -15.50
N GLU B 78 65.20 24.23 -15.47
CA GLU B 78 66.07 24.22 -14.30
C GLU B 78 66.60 25.63 -13.94
N ARG B 79 66.84 26.45 -14.97
CA ARG B 79 67.12 27.88 -14.84
C ARG B 79 66.05 28.58 -13.99
N VAL B 80 64.78 28.35 -14.30
CA VAL B 80 63.70 28.93 -13.51
C VAL B 80 63.72 28.40 -12.07
N LEU B 81 64.05 27.12 -11.90
CA LEU B 81 63.98 26.49 -10.60
C LEU B 81 65.06 27.05 -9.68
N ALA B 82 66.20 27.36 -10.28
CA ALA B 82 67.39 27.80 -9.57
C ALA B 82 67.25 29.29 -9.31
N ASP B 83 66.41 29.93 -10.10
CA ASP B 83 66.02 31.27 -9.79
C ASP B 83 65.23 31.33 -8.48
N GLY B 84 64.35 30.35 -8.28
CA GLY B 84 63.55 30.32 -7.06
C GLY B 84 64.29 29.74 -5.86
N TRP B 85 65.59 29.53 -5.98
CA TRP B 85 66.40 29.11 -4.84
C TRP B 85 67.06 30.25 -4.13
N ARG B 86 66.88 31.45 -4.66
CA ARG B 86 67.57 32.63 -4.17
C ARG B 86 66.84 33.25 -3.00
N TYR B 87 67.60 33.57 -1.97
CA TYR B 87 67.08 34.40 -0.91
C TYR B 87 68.10 35.46 -0.49
N ARG B 88 67.61 36.57 0.04
CA ARG B 88 68.46 37.51 0.73
C ARG B 88 67.89 37.85 2.11
N VAL B 89 68.72 38.44 2.95
CA VAL B 89 68.31 38.90 4.27
C VAL B 89 67.91 40.37 4.17
N ASP B 90 66.64 40.67 4.44
CA ASP B 90 66.26 42.07 4.70
C ASP B 90 66.01 42.37 6.18
N TRP B 91 65.76 43.64 6.49
CA TRP B 91 65.58 44.07 7.87
C TRP B 91 64.37 44.97 7.96
N VAL B 92 63.34 44.52 8.66
CA VAL B 92 62.02 45.17 8.57
C VAL B 92 61.77 46.10 9.76
N ARG B 93 61.29 47.31 9.50
CA ARG B 93 61.11 48.28 10.58
C ARG B 93 59.97 47.87 11.51
N VAL B 94 60.28 47.61 12.76
CA VAL B 94 59.26 47.18 13.72
C VAL B 94 59.29 48.00 15.01
N ALA B 95 58.47 49.03 15.08
CA ALA B 95 58.26 49.74 16.34
C ALA B 95 57.66 48.79 17.39
N PRO B 96 58.43 48.48 18.45
CA PRO B 96 57.82 47.71 19.53
C PRO B 96 56.66 48.46 20.20
N GLN B 97 55.58 47.74 20.48
CA GLN B 97 54.44 48.33 21.15
C GLN B 97 54.33 47.99 22.66
N PRO B 98 55.01 46.91 23.11
CA PRO B 98 54.87 46.54 24.51
C PRO B 98 55.82 47.33 25.43
N VAL B 99 55.34 48.43 26.00
CA VAL B 99 56.04 49.10 27.10
C VAL B 99 55.82 48.30 28.39
N ARG B 100 54.83 48.70 29.17
CA ARG B 100 54.05 47.78 30.04
C ARG B 100 54.80 47.06 31.19
N ARG B 101 56.11 46.90 31.07
CA ARG B 101 56.86 46.11 32.05
C ARG B 101 56.96 46.80 33.42
N THR B 102 57.69 46.17 34.33
CA THR B 102 57.77 46.63 35.71
C THR B 102 59.25 46.91 36.14
N ARG B 103 59.83 46.02 36.95
CA ARG B 103 61.21 46.20 37.41
C ARG B 103 61.81 44.83 37.74
N GLU B 104 63.00 44.55 37.23
CA GLU B 104 63.76 43.38 37.68
C GLU B 104 65.25 43.43 37.43
N THR B 105 65.91 42.36 37.86
CA THR B 105 67.37 42.31 37.90
C THR B 105 67.90 41.47 36.74
N TRP B 106 68.85 42.02 35.99
CA TRP B 106 69.58 41.25 35.00
C TRP B 106 71.02 41.10 35.35
N LEU B 107 71.60 39.96 34.99
CA LEU B 107 73.03 39.82 35.04
C LEU B 107 73.64 40.34 33.74
N LEU B 108 74.72 41.10 33.87
CA LEU B 108 75.34 41.72 32.73
C LEU B 108 76.78 41.28 32.64
N VAL B 109 77.08 40.51 31.61
CA VAL B 109 78.33 39.76 31.56
C VAL B 109 79.33 40.42 30.63
N VAL B 110 80.52 40.72 31.16
CA VAL B 110 81.46 41.60 30.49
C VAL B 110 82.80 40.92 30.32
N PRO B 111 83.32 40.93 29.08
CA PRO B 111 84.58 40.27 28.80
C PRO B 111 85.72 41.20 29.17
N PRO B 112 86.96 40.66 29.20
CA PRO B 112 88.22 41.39 29.41
C PRO B 112 88.56 42.39 28.29
N GLY B 113 88.38 42.01 27.03
CA GLY B 113 88.77 42.87 25.90
C GLY B 113 87.59 43.49 25.17
N GLY B 114 87.84 44.60 24.48
CA GLY B 114 86.90 45.11 23.48
C GLY B 114 85.78 46.03 23.96
N ILE B 115 85.64 46.21 25.28
CA ILE B 115 84.63 47.16 25.79
C ILE B 115 85.19 48.42 26.43
N GLU B 116 84.71 49.56 25.94
CA GLU B 116 84.81 50.81 26.69
C GLU B 116 83.95 50.76 27.94
N GLU B 117 84.56 51.05 29.08
CA GLU B 117 83.77 51.36 30.24
C GLU B 117 82.67 52.38 29.94
N ALA B 118 82.93 53.33 29.04
CA ALA B 118 81.89 54.32 28.67
C ALA B 118 80.60 53.64 28.17
N LEU B 119 80.79 52.60 27.37
CA LEU B 119 79.69 51.83 26.82
C LEU B 119 78.88 51.09 27.93
N VAL B 120 79.55 50.24 28.70
CA VAL B 120 78.94 49.60 29.86
C VAL B 120 78.13 50.57 30.70
N GLU B 121 78.68 51.74 30.95
CA GLU B 121 77.95 52.79 31.64
C GLU B 121 76.70 53.34 30.91
N ARG B 122 76.77 53.59 29.60
CA ARG B 122 75.55 53.97 28.90
C ARG B 122 74.49 52.88 29.03
N LEU B 123 74.89 51.63 28.86
CA LEU B 123 73.92 50.52 28.88
C LEU B 123 73.31 50.31 30.26
N THR B 124 74.12 50.49 31.30
CA THR B 124 73.62 50.33 32.65
C THR B 124 72.52 51.35 32.93
N ASP B 125 72.78 52.60 32.52
CA ASP B 125 71.84 53.73 32.69
C ASP B 125 70.55 53.57 31.89
N ALA B 126 70.63 53.00 30.70
CA ALA B 126 69.44 52.80 29.88
C ALA B 126 68.57 51.69 30.45
N LEU B 127 69.23 50.63 30.92
CA LEU B 127 68.55 49.52 31.58
C LEU B 127 67.92 49.96 32.91
N ASN B 128 68.50 50.96 33.54
CA ASN B 128 67.97 51.44 34.79
C ASN B 128 66.81 52.41 34.59
N THR B 129 66.88 53.16 33.50
CA THR B 129 65.80 54.02 33.02
C THR B 129 64.50 53.23 32.77
N ARG B 130 64.63 51.95 32.46
CA ARG B 130 63.47 51.17 32.09
C ARG B 130 63.15 50.07 33.07
N GLY B 131 63.64 50.21 34.29
CA GLY B 131 63.20 49.37 35.39
C GLY B 131 64.15 48.23 35.70
N ILE B 132 65.03 47.91 34.77
CA ILE B 132 65.92 46.78 34.97
C ILE B 132 67.09 47.18 35.86
N SER B 133 67.36 46.35 36.86
CA SER B 133 68.53 46.53 37.69
C SER B 133 69.62 45.61 37.24
N THR B 134 70.85 45.93 37.61
CA THR B 134 72.03 45.53 36.86
C THR B 134 73.02 44.88 37.80
N LEU B 135 73.38 43.64 37.52
CA LEU B 135 74.46 42.99 38.24
C LEU B 135 75.61 42.65 37.28
N ARG B 136 76.78 43.18 37.55
CA ARG B 136 77.90 43.08 36.62
C ARG B 136 78.84 41.95 36.97
N LEU B 137 79.08 41.08 36.02
CA LEU B 137 80.11 40.08 36.14
C LEU B 137 81.20 40.33 35.12
N ASP B 138 82.40 40.61 35.62
CA ASP B 138 83.61 40.62 34.81
C ASP B 138 84.15 39.21 34.71
N VAL B 139 84.32 38.74 33.48
CA VAL B 139 84.73 37.37 33.26
C VAL B 139 86.23 37.33 32.97
N PRO B 140 86.98 36.47 33.71
CA PRO B 140 88.43 36.27 33.48
C PRO B 140 88.73 35.74 32.07
N PRO B 141 89.92 36.03 31.53
CA PRO B 141 90.10 35.54 30.18
C PRO B 141 90.28 34.03 30.22
N ALA B 142 89.85 33.34 29.16
CA ALA B 142 89.87 31.88 29.10
C ALA B 142 88.97 31.19 30.14
N ALA B 143 88.01 31.93 30.68
CA ALA B 143 87.04 31.34 31.62
C ALA B 143 86.38 30.10 31.04
N THR B 144 86.42 29.00 31.80
CA THR B 144 85.80 27.73 31.38
C THR B 144 84.33 27.75 31.73
N SER B 145 83.54 26.94 31.03
CA SER B 145 82.14 26.72 31.39
C SER B 145 81.99 26.36 32.87
N GLY B 146 82.97 25.62 33.40
CA GLY B 146 83.01 25.29 34.83
C GLY B 146 83.11 26.51 35.74
N GLU B 147 84.17 27.30 35.55
CA GLU B 147 84.35 28.52 36.34
C GLU B 147 83.11 29.43 36.24
N LEU B 148 82.64 29.62 35.01
CA LEU B 148 81.43 30.42 34.75
C LEU B 148 80.19 29.93 35.51
N ALA B 149 79.94 28.62 35.49
CA ALA B 149 78.84 28.01 36.24
C ALA B 149 78.84 28.44 37.72
N THR B 150 80.02 28.39 38.35
CA THR B 150 80.16 28.83 39.74
C THR B 150 79.59 30.24 39.95
N GLU B 151 80.14 31.22 39.25
CA GLU B 151 79.72 32.62 39.42
C GLU B 151 78.26 32.78 39.13
N LEU B 152 77.77 31.99 38.18
CA LEU B 152 76.36 32.00 37.83
C LEU B 152 75.51 31.40 38.94
N ARG B 153 75.97 30.27 39.49
CA ARG B 153 75.40 29.73 40.73
C ARG B 153 75.33 30.81 41.81
N ALA B 154 76.47 31.44 42.10
CA ALA B 154 76.55 32.49 43.12
C ALA B 154 75.57 33.64 42.85
N ALA B 155 75.55 34.10 41.60
CA ALA B 155 74.67 35.20 41.20
C ALA B 155 73.20 34.84 41.35
N ALA B 156 72.88 33.56 41.12
CA ALA B 156 71.48 33.10 41.09
C ALA B 156 70.86 32.85 42.48
N ASP B 157 71.70 32.56 43.47
CA ASP B 157 71.24 32.44 44.86
C ASP B 157 71.18 33.82 45.52
N GLY B 158 72.20 34.63 45.24
CA GLY B 158 72.27 35.97 45.78
C GLY B 158 71.16 36.89 45.30
N ASP B 159 70.55 36.54 44.18
CA ASP B 159 69.60 37.45 43.52
C ASP B 159 68.62 36.72 42.61
N PRO B 160 67.38 37.23 42.51
CA PRO B 160 66.43 36.70 41.53
C PRO B 160 66.73 37.22 40.10
N VAL B 161 67.62 36.53 39.41
CA VAL B 161 68.09 36.99 38.10
C VAL B 161 67.10 36.62 37.01
N LYS B 162 66.58 37.63 36.30
CA LYS B 162 65.46 37.45 35.36
C LYS B 162 65.94 37.17 33.92
N ALA B 163 67.03 37.82 33.53
CA ALA B 163 67.68 37.54 32.25
C ALA B 163 69.17 37.77 32.38
N ILE B 164 69.94 37.36 31.38
CA ILE B 164 71.38 37.65 31.31
C ILE B 164 71.72 38.36 29.98
N LEU B 165 72.45 39.47 30.08
CA LEU B 165 72.85 40.23 28.91
C LEU B 165 74.37 40.15 28.72
N SER B 166 74.80 39.40 27.70
CA SER B 166 76.22 39.23 27.42
C SER B 166 76.72 40.30 26.47
N LEU B 167 77.88 40.85 26.80
CA LEU B 167 78.59 41.75 25.91
C LEU B 167 79.84 41.09 25.36
N THR B 168 79.97 39.79 25.60
CA THR B 168 81.25 39.12 25.34
C THR B 168 81.64 39.13 23.88
N ALA B 169 80.66 39.11 22.99
CA ALA B 169 80.96 39.05 21.55
C ALA B 169 81.69 40.27 21.03
N LEU B 170 81.64 41.37 21.77
CA LEU B 170 82.54 42.49 21.48
C LEU B 170 84.02 42.12 21.54
N ASP B 171 84.37 41.17 22.41
CA ASP B 171 85.78 40.85 22.58
C ASP B 171 86.31 40.05 21.41
N GLU B 172 86.67 40.74 20.32
CA GLU B 172 87.09 40.10 19.05
C GLU B 172 88.50 39.45 19.07
N ARG B 173 89.35 39.83 20.01
CA ARG B 173 90.72 39.36 19.95
C ARG B 173 90.80 37.88 20.27
N PRO B 174 91.75 37.18 19.62
CA PRO B 174 91.77 35.72 19.73
C PRO B 174 92.02 35.23 21.14
N HIS B 175 91.50 34.03 21.41
CA HIS B 175 91.67 33.31 22.68
C HIS B 175 93.14 33.22 23.05
N PRO B 176 93.45 33.25 24.37
CA PRO B 176 94.85 33.25 24.84
C PRO B 176 95.66 32.08 24.26
N GLU B 177 95.12 30.87 24.38
CA GLU B 177 95.79 29.65 23.91
C GLU B 177 95.14 29.11 22.63
N CYS B 178 94.69 30.01 21.75
CA CYS B 178 93.82 29.60 20.64
C CYS B 178 93.69 30.67 19.56
N LYS B 179 94.73 30.80 18.74
CA LYS B 179 94.79 31.85 17.73
C LYS B 179 93.56 31.90 16.81
N ASP B 180 93.04 30.73 16.46
CA ASP B 180 91.99 30.61 15.40
C ASP B 180 90.60 31.09 15.82
N VAL B 181 90.43 31.44 17.10
CA VAL B 181 89.10 31.57 17.69
C VAL B 181 89.00 32.86 18.53
N PRO B 182 88.05 33.74 18.17
CA PRO B 182 87.95 35.00 18.93
C PRO B 182 87.52 34.77 20.37
N SER B 183 88.19 35.45 21.28
CA SER B 183 87.90 35.37 22.69
C SER B 183 86.40 35.40 22.99
N GLY B 184 85.70 36.38 22.42
CA GLY B 184 84.31 36.65 22.79
C GLY B 184 83.43 35.46 22.47
N ILE B 185 83.74 34.79 21.38
CA ILE B 185 82.92 33.69 20.92
C ILE B 185 83.15 32.41 21.75
N ALA B 186 84.41 32.16 22.15
CA ALA B 186 84.71 31.07 23.10
C ALA B 186 84.03 31.29 24.46
N LEU B 187 83.90 32.55 24.84
CA LEU B 187 83.16 32.93 26.03
C LEU B 187 81.66 32.69 25.90
N LEU B 188 81.09 33.12 24.77
CA LEU B 188 79.66 32.92 24.54
C LEU B 188 79.29 31.45 24.67
N LEU B 189 80.08 30.62 24.00
CA LEU B 189 79.89 29.17 24.02
C LEU B 189 79.93 28.68 25.45
N ASN B 190 81.01 29.03 26.15
CA ASN B 190 81.21 28.54 27.49
C ASN B 190 80.10 29.04 28.38
N LEU B 191 79.51 30.15 27.99
CA LEU B 191 78.39 30.73 28.72
C LEU B 191 77.15 29.91 28.51
N VAL B 192 76.85 29.61 27.24
CA VAL B 192 75.76 28.70 26.89
C VAL B 192 75.88 27.35 27.63
N LYS B 193 77.09 26.81 27.72
CA LYS B 193 77.29 25.54 28.37
C LYS B 193 77.16 25.69 29.88
N ALA B 194 77.79 26.75 30.40
CA ALA B 194 77.68 27.14 31.81
C ALA B 194 76.26 27.19 32.35
N LEU B 195 75.34 27.79 31.61
CA LEU B 195 73.93 27.77 32.03
C LEU B 195 73.46 26.33 32.12
N GLY B 196 74.02 25.50 31.25
CA GLY B 196 73.85 24.05 31.30
C GLY B 196 74.23 23.42 32.63
N GLU B 197 75.47 23.63 33.07
CA GLU B 197 75.95 22.98 34.29
C GLU B 197 75.43 23.63 35.58
N ALA B 198 74.57 24.64 35.44
CA ALA B 198 73.93 25.26 36.59
C ALA B 198 72.42 25.32 36.37
N ASP B 199 71.95 24.56 35.38
CA ASP B 199 70.53 24.47 35.08
C ASP B 199 69.78 25.71 35.57
N LEU B 200 70.02 26.84 34.94
CA LEU B 200 69.38 28.07 35.36
C LEU B 200 68.13 28.41 34.56
N ARG B 201 68.08 27.95 33.31
CA ARG B 201 66.93 28.21 32.46
C ARG B 201 66.52 29.68 32.50
N ILE B 202 67.48 30.56 32.26
CA ILE B 202 67.19 31.98 32.18
C ILE B 202 67.83 32.56 30.90
N PRO B 203 67.11 33.48 30.21
CA PRO B 203 67.49 33.78 28.82
C PRO B 203 68.78 34.59 28.67
N LEU B 204 69.54 34.29 27.63
CA LEU B 204 70.76 34.98 27.31
C LEU B 204 70.52 35.87 26.10
N TRP B 205 70.79 37.16 26.24
CA TRP B 205 70.70 38.06 25.10
C TRP B 205 72.09 38.49 24.77
N THR B 206 72.44 38.41 23.48
CA THR B 206 73.79 38.68 23.05
C THR B 206 73.84 39.99 22.26
N ILE B 207 74.59 40.95 22.78
CA ILE B 207 74.79 42.22 22.09
C ILE B 207 76.02 42.20 21.19
N THR B 208 75.85 42.65 19.95
CA THR B 208 76.96 42.95 19.06
C THR B 208 76.90 44.39 18.64
N ARG B 209 77.96 44.82 17.96
CA ARG B 209 78.07 46.16 17.42
C ARG B 209 78.73 46.05 16.04
N GLY B 210 77.93 46.05 14.98
CA GLY B 210 78.47 46.00 13.61
C GLY B 210 78.67 44.58 13.07
N ALA B 211 77.91 43.63 13.62
CA ALA B 211 77.93 42.23 13.16
C ALA B 211 77.12 42.04 11.88
N VAL B 212 76.20 42.96 11.63
CA VAL B 212 75.24 42.78 10.56
C VAL B 212 75.16 44.08 9.78
N LYS B 213 74.75 43.99 8.53
CA LYS B 213 74.52 45.16 7.75
C LYS B 213 73.04 45.30 7.53
N ALA B 214 72.43 46.29 8.17
CA ALA B 214 70.98 46.38 8.25
C ALA B 214 70.34 47.35 7.24
N GLY B 215 71.18 48.12 6.56
CA GLY B 215 70.76 48.91 5.41
C GLY B 215 71.99 49.57 4.82
N PRO B 216 71.84 50.22 3.65
CA PRO B 216 73.04 50.79 3.04
C PRO B 216 73.66 51.84 3.93
N ALA B 217 74.96 52.08 3.76
CA ALA B 217 75.71 52.97 4.65
C ALA B 217 75.66 52.58 6.15
N ASP B 218 75.40 51.32 6.45
CA ASP B 218 76.06 50.66 7.57
C ASP B 218 77.47 50.33 7.12
N ARG B 219 78.45 50.99 7.70
CA ARG B 219 79.82 50.76 7.29
C ARG B 219 80.74 50.20 8.38
N LEU B 220 80.25 50.19 9.62
CA LEU B 220 80.94 49.49 10.74
C LEU B 220 80.63 47.99 10.69
N LEU B 221 81.52 47.22 10.11
CA LEU B 221 81.22 45.84 9.85
C LEU B 221 82.28 44.99 10.42
N ARG B 222 81.88 44.06 11.29
CA ARG B 222 82.76 43.38 12.22
C ARG B 222 82.62 41.85 12.12
N PRO B 223 83.35 41.23 11.19
CA PRO B 223 83.07 39.83 10.90
C PRO B 223 83.24 38.89 12.11
N MET B 224 84.22 39.15 12.97
CA MET B 224 84.39 38.29 14.14
C MET B 224 83.13 38.27 15.00
N GLN B 225 82.42 39.39 15.02
CA GLN B 225 81.22 39.50 15.83
C GLN B 225 80.04 38.76 15.17
N ALA B 226 79.99 38.79 13.84
CA ALA B 226 79.01 37.97 13.11
C ALA B 226 79.02 36.50 13.54
N GLN B 227 80.17 35.97 13.94
CA GLN B 227 80.20 34.59 14.41
C GLN B 227 79.22 34.37 15.58
N ALA B 228 79.02 35.39 16.41
CA ALA B 228 78.09 35.29 17.50
C ALA B 228 76.68 35.00 16.99
N TRP B 229 76.34 35.56 15.83
CA TRP B 229 75.00 35.34 15.27
C TRP B 229 74.83 33.94 14.74
N GLY B 230 75.90 33.39 14.18
CA GLY B 230 75.87 32.07 13.57
C GLY B 230 75.69 30.99 14.62
N LEU B 231 76.45 31.11 15.71
CA LEU B 231 76.37 30.18 16.84
C LEU B 231 75.08 30.39 17.59
N GLY B 232 74.77 31.65 17.85
CA GLY B 232 73.56 32.02 18.54
C GLY B 232 72.32 31.49 17.90
N ARG B 233 72.24 31.52 16.57
CA ARG B 233 71.00 31.08 15.93
C ARG B 233 70.75 29.58 16.18
N VAL B 234 71.84 28.82 16.25
CA VAL B 234 71.85 27.40 16.56
C VAL B 234 71.58 27.13 18.05
N ALA B 235 72.18 27.95 18.92
CA ALA B 235 71.91 27.88 20.36
C ALA B 235 70.42 28.01 20.65
N ALA B 236 69.75 28.84 19.86
CA ALA B 236 68.33 29.08 20.08
C ALA B 236 67.54 27.80 19.84
N LEU B 237 67.98 27.02 18.85
CA LEU B 237 67.34 25.76 18.50
C LEU B 237 67.68 24.62 19.46
N GLU B 238 68.95 24.52 19.88
CA GLU B 238 69.42 23.43 20.77
C GLU B 238 69.04 23.64 22.25
N HIS B 239 68.81 24.91 22.64
CA HIS B 239 68.53 25.26 24.02
C HIS B 239 67.57 26.42 24.06
N PRO B 240 66.37 26.25 23.51
CA PRO B 240 65.43 27.36 23.51
C PRO B 240 65.27 27.97 24.90
N GLU B 241 64.80 27.17 25.86
CA GLU B 241 64.99 27.45 27.30
C GLU B 241 65.97 28.60 27.54
N ARG B 242 67.22 28.40 27.15
CA ARG B 242 68.35 29.22 27.61
C ARG B 242 68.66 30.50 26.75
N TRP B 243 67.81 30.82 25.76
CA TRP B 243 68.19 31.83 24.75
C TRP B 243 67.19 32.94 24.55
N GLY B 244 67.64 34.17 24.74
CA GLY B 244 66.78 35.33 24.54
C GLY B 244 66.80 35.79 23.10
N GLY B 245 67.95 36.29 22.67
CA GLY B 245 68.16 36.67 21.29
C GLY B 245 69.46 37.42 21.03
N LEU B 246 69.49 38.14 19.90
CA LEU B 246 70.69 38.76 19.38
C LEU B 246 70.31 40.16 18.97
N ILE B 247 71.09 41.15 19.41
CA ILE B 247 70.82 42.54 19.05
C ILE B 247 72.07 43.27 18.65
N ASP B 248 72.04 43.91 17.49
CA ASP B 248 73.20 44.63 16.98
C ASP B 248 73.05 46.14 17.17
N LEU B 249 73.93 46.71 18.01
CA LEU B 249 74.02 48.15 18.23
C LEU B 249 74.71 48.87 17.07
N PRO B 250 74.39 50.17 16.89
CA PRO B 250 75.00 50.93 15.80
C PRO B 250 76.30 51.59 16.20
N ASP B 251 76.98 52.14 15.19
CA ASP B 251 78.11 53.06 15.35
C ASP B 251 77.92 54.06 16.50
N SER B 252 76.92 54.93 16.37
CA SER B 252 76.77 56.03 17.32
C SER B 252 75.52 55.88 18.18
N LEU B 253 75.69 56.09 19.49
CA LEU B 253 74.65 55.74 20.45
C LEU B 253 73.73 56.92 20.79
N ASP B 254 73.88 58.00 20.04
CA ASP B 254 73.17 59.24 20.30
C ASP B 254 71.74 59.16 19.76
N GLY B 255 70.95 60.19 20.00
CA GLY B 255 69.50 60.10 19.85
C GLY B 255 68.92 59.02 20.75
N ASP B 256 68.01 58.21 20.21
CA ASP B 256 67.20 57.32 21.03
C ASP B 256 67.73 55.88 21.05
N VAL B 257 68.90 55.64 20.48
CA VAL B 257 69.31 54.28 20.22
C VAL B 257 69.39 53.49 21.51
N LEU B 258 69.74 54.18 22.59
CA LEU B 258 69.83 53.51 23.86
C LEU B 258 68.46 53.24 24.44
N THR B 259 67.54 54.19 24.25
CA THR B 259 66.12 53.98 24.53
C THR B 259 65.59 52.72 23.86
N ARG B 260 65.56 52.73 22.52
CA ARG B 260 65.11 51.57 21.74
C ARG B 260 65.72 50.23 22.19
N LEU B 261 66.97 50.24 22.65
CA LEU B 261 67.61 49.02 23.12
C LEU B 261 66.80 48.36 24.22
N GLY B 262 66.40 49.17 25.20
CA GLY B 262 65.53 48.70 26.26
C GLY B 262 64.24 48.10 25.73
N GLU B 263 63.66 48.75 24.73
CA GLU B 263 62.40 48.29 24.17
C GLU B 263 62.54 46.89 23.54
N ALA B 264 63.59 46.72 22.74
CA ALA B 264 63.86 45.47 22.02
C ALA B 264 64.07 44.26 22.94
N LEU B 265 64.58 44.50 24.15
CA LEU B 265 64.88 43.42 25.08
C LEU B 265 63.63 42.92 25.78
N THR B 266 62.58 43.72 25.75
CA THR B 266 61.34 43.43 26.44
C THR B 266 60.15 43.49 25.48
N ASN B 267 60.41 43.25 24.20
CA ASN B 267 59.36 43.20 23.22
C ASN B 267 58.75 41.81 23.18
N GLY B 268 59.61 40.81 23.35
CA GLY B 268 59.18 39.41 23.49
C GLY B 268 58.34 38.76 22.39
N LEU B 269 57.97 39.52 21.35
CA LEU B 269 57.00 39.06 20.31
C LEU B 269 57.52 37.91 19.44
N ALA B 270 58.16 36.91 20.06
CA ALA B 270 59.47 36.47 19.59
C ALA B 270 60.17 37.74 19.11
N GLU B 271 60.72 37.73 17.91
CA GLU B 271 61.77 38.69 17.53
C GLU B 271 62.95 38.50 18.45
N ASP B 272 63.92 37.77 17.95
CA ASP B 272 65.10 37.48 18.69
C ASP B 272 66.31 37.77 17.82
N GLN B 273 66.08 38.54 16.75
CA GLN B 273 67.13 38.88 15.81
C GLN B 273 66.98 40.31 15.32
N LEU B 274 67.76 41.21 15.94
CA LEU B 274 67.39 42.62 16.00
C LEU B 274 68.58 43.55 15.74
N ALA B 275 68.32 44.65 15.04
CA ALA B 275 69.29 45.71 14.93
C ALA B 275 68.70 47.05 15.33
N ILE B 276 69.56 47.94 15.82
CA ILE B 276 69.13 49.25 16.22
C ILE B 276 69.93 50.29 15.49
N ARG B 277 69.24 51.18 14.82
CA ARG B 277 69.88 52.11 13.90
C ARG B 277 69.27 53.51 14.09
N GLN B 278 69.81 54.52 13.42
CA GLN B 278 69.26 55.86 13.55
C GLN B 278 67.74 55.87 13.31
N SER B 279 67.30 55.07 12.34
CA SER B 279 65.92 55.10 11.87
C SER B 279 65.03 54.02 12.51
N GLY B 280 65.46 53.44 13.62
CA GLY B 280 64.56 52.61 14.44
C GLY B 280 65.03 51.21 14.83
N VAL B 281 64.08 50.33 15.10
CA VAL B 281 64.36 48.95 15.44
C VAL B 281 64.00 48.02 14.28
N LEU B 282 64.93 47.16 13.92
CA LEU B 282 64.77 46.33 12.73
C LEU B 282 64.89 44.87 13.06
N ALA B 283 64.04 44.07 12.41
CA ALA B 283 64.04 42.61 12.58
C ALA B 283 64.54 41.92 11.31
N ARG B 284 65.17 40.78 11.51
CA ARG B 284 65.85 40.07 10.45
C ARG B 284 64.83 39.16 9.77
N ARG B 285 64.82 39.20 8.44
CA ARG B 285 63.87 38.42 7.63
C ARG B 285 64.58 37.76 6.49
N LEU B 286 64.23 36.53 6.20
CA LEU B 286 64.70 35.87 5.01
C LEU B 286 63.70 36.09 3.89
N VAL B 287 64.19 36.53 2.73
CA VAL B 287 63.31 36.99 1.67
C VAL B 287 63.73 36.48 0.26
N PRO B 288 62.81 35.79 -0.44
CA PRO B 288 63.03 35.41 -1.86
C PRO B 288 63.62 36.54 -2.69
N ALA B 289 64.66 36.24 -3.44
CA ALA B 289 65.41 37.26 -4.14
C ALA B 289 65.51 36.93 -5.62
N PRO B 290 64.37 36.88 -6.33
CA PRO B 290 64.42 36.63 -7.78
C PRO B 290 65.31 37.65 -8.51
N ALA B 291 66.20 37.16 -9.37
CA ALA B 291 67.00 38.05 -10.23
C ALA B 291 66.10 39.00 -11.02
N ASN B 292 66.43 40.29 -10.98
CA ASN B 292 65.55 41.34 -11.54
C ASN B 292 66.12 42.01 -12.77
N GLN B 293 66.43 41.19 -13.78
CA GLN B 293 67.05 41.63 -15.05
C GLN B 293 67.05 43.14 -15.35
N PRO B 294 68.07 43.61 -16.12
CA PRO B 294 69.03 42.76 -16.82
C PRO B 294 70.13 42.23 -15.90
N ALA B 295 70.99 41.36 -16.45
CA ALA B 295 72.22 40.99 -15.78
C ALA B 295 73.37 41.86 -16.26
N GLY B 296 73.81 42.77 -15.40
CA GLY B 296 74.78 43.82 -15.76
C GLY B 296 75.91 43.40 -16.69
N ARG B 297 76.60 42.31 -16.34
CA ARG B 297 77.72 41.81 -17.15
C ARG B 297 77.70 40.27 -17.35
N LYS B 298 78.60 39.76 -18.19
CA LYS B 298 78.77 38.32 -18.35
C LYS B 298 80.17 37.85 -17.95
N TRP B 299 80.26 37.23 -16.78
CA TRP B 299 81.53 37.09 -16.09
C TRP B 299 82.37 35.96 -16.65
N ARG B 300 83.68 36.20 -16.74
CA ARG B 300 84.64 35.18 -17.11
C ARG B 300 85.97 35.59 -16.49
N PRO B 301 86.90 34.63 -16.31
CA PRO B 301 88.20 35.00 -15.75
C PRO B 301 89.13 35.56 -16.81
N ARG B 302 90.10 36.35 -16.38
CA ARG B 302 91.01 37.01 -17.29
C ARG B 302 92.40 36.42 -17.11
N GLY B 303 92.58 35.67 -16.03
CA GLY B 303 93.85 35.05 -15.72
C GLY B 303 93.70 33.74 -14.99
N SER B 304 94.69 33.40 -14.16
CA SER B 304 94.62 32.20 -13.33
C SER B 304 93.55 32.37 -12.26
N ALA B 305 92.68 31.37 -12.12
CA ALA B 305 91.73 31.29 -11.02
C ALA B 305 92.18 30.27 -9.99
N LEU B 306 92.19 30.67 -8.71
CA LEU B 306 92.55 29.77 -7.60
C LEU B 306 91.29 29.31 -6.84
N ILE B 307 91.21 28.03 -6.55
CA ILE B 307 90.14 27.51 -5.70
C ILE B 307 90.74 26.85 -4.49
N THR B 308 90.55 27.45 -3.32
CA THR B 308 90.97 26.81 -2.11
C THR B 308 90.01 25.66 -1.84
N GLY B 309 90.53 24.55 -1.36
CA GLY B 309 89.73 23.32 -1.23
C GLY B 309 89.23 22.84 -2.58
N GLY B 310 89.99 23.17 -3.63
CA GLY B 310 89.60 22.87 -5.01
C GLY B 310 89.52 21.40 -5.39
N LEU B 311 90.02 20.52 -4.52
CA LEU B 311 89.95 19.08 -4.76
C LEU B 311 88.86 18.42 -3.94
N GLY B 312 88.11 19.23 -3.21
CA GLY B 312 86.85 18.77 -2.64
C GLY B 312 85.75 18.74 -3.69
N ALA B 313 84.57 18.32 -3.27
CA ALA B 313 83.47 18.05 -4.18
C ALA B 313 83.04 19.29 -4.95
N VAL B 314 82.91 20.40 -4.22
CA VAL B 314 82.37 21.63 -4.80
C VAL B 314 83.47 22.32 -5.58
N GLY B 315 84.67 22.27 -5.02
CA GLY B 315 85.90 22.66 -5.74
C GLY B 315 85.99 22.07 -7.14
N ALA B 316 85.82 20.76 -7.24
CA ALA B 316 85.82 20.08 -8.53
C ALA B 316 84.78 20.63 -9.54
N GLN B 317 83.54 20.83 -9.09
CA GLN B 317 82.51 21.35 -10.00
C GLN B 317 82.84 22.71 -10.53
N VAL B 318 83.24 23.60 -9.61
CA VAL B 318 83.46 25.02 -9.93
C VAL B 318 84.59 25.09 -10.93
N ALA B 319 85.60 24.28 -10.66
CA ALA B 319 86.77 24.14 -11.52
C ALA B 319 86.40 23.67 -12.91
N ARG B 320 85.59 22.60 -13.00
CA ARG B 320 85.01 22.20 -14.28
C ARG B 320 84.30 23.36 -14.98
N TRP B 321 83.57 24.16 -14.22
CA TRP B 321 82.86 25.29 -14.80
C TRP B 321 83.80 26.36 -15.31
N LEU B 322 84.80 26.72 -14.50
CA LEU B 322 85.84 27.67 -14.92
C LEU B 322 86.53 27.21 -16.20
N ALA B 323 87.21 26.06 -16.10
CA ALA B 323 87.82 25.41 -17.27
C ALA B 323 86.89 25.42 -18.48
N GLU B 324 85.59 25.34 -18.23
CA GLU B 324 84.56 25.32 -19.28
C GLU B 324 84.36 26.70 -19.93
N ILE B 325 84.52 27.76 -19.14
CA ILE B 325 84.26 29.10 -19.68
C ILE B 325 85.54 29.85 -20.04
N GLY B 326 86.67 29.13 -20.00
CA GLY B 326 87.91 29.59 -20.67
C GLY B 326 89.02 30.12 -19.75
N ALA B 327 89.16 29.54 -18.57
CA ALA B 327 90.26 29.93 -17.69
C ALA B 327 91.60 29.48 -18.29
N GLU B 328 92.52 30.43 -18.45
CA GLU B 328 93.88 30.08 -18.85
C GLU B 328 94.36 28.94 -17.96
N ARG B 329 94.16 29.10 -16.67
CA ARG B 329 94.78 28.23 -15.67
C ARG B 329 93.87 28.08 -14.45
N ILE B 330 94.05 26.97 -13.73
CA ILE B 330 93.32 26.75 -12.49
C ILE B 330 94.23 26.15 -11.42
N VAL B 331 94.36 26.87 -10.32
CA VAL B 331 95.11 26.39 -9.17
C VAL B 331 94.16 25.79 -8.11
N LEU B 332 94.36 24.52 -7.81
CA LEU B 332 93.61 23.88 -6.75
C LEU B 332 94.52 23.64 -5.58
N THR B 333 94.13 24.13 -4.42
CA THR B 333 94.93 23.91 -3.24
C THR B 333 94.20 23.09 -2.21
N SER B 334 94.98 22.53 -1.30
CA SER B 334 94.48 21.65 -0.29
C SER B 334 95.67 21.19 0.49
N ARG B 335 95.46 20.84 1.75
CA ARG B 335 96.52 20.25 2.54
C ARG B 335 97.08 18.98 1.89
N ARG B 336 96.19 18.14 1.37
CA ARG B 336 96.57 16.87 0.73
C ARG B 336 97.16 17.09 -0.68
N GLY B 337 96.70 18.13 -1.37
CA GLY B 337 97.28 18.52 -2.67
C GLY B 337 97.11 17.47 -3.76
N ASN B 338 98.24 16.92 -4.22
CA ASN B 338 98.26 15.88 -5.25
C ASN B 338 97.85 14.51 -4.73
N GLN B 339 98.06 14.28 -3.43
CA GLN B 339 97.71 12.98 -2.81
C GLN B 339 96.24 12.89 -2.39
N ALA B 340 95.37 13.61 -3.08
CA ALA B 340 93.94 13.53 -2.81
C ALA B 340 93.25 12.69 -3.87
N ALA B 341 92.34 11.83 -3.43
CA ALA B 341 91.42 11.13 -4.34
C ALA B 341 90.92 12.06 -5.43
N GLY B 342 91.03 11.63 -6.68
CA GLY B 342 90.62 12.45 -7.82
C GLY B 342 91.79 13.22 -8.36
N ALA B 343 92.95 13.01 -7.73
CA ALA B 343 94.25 13.59 -8.14
C ALA B 343 94.34 13.97 -9.61
N ALA B 344 94.92 13.06 -10.41
CA ALA B 344 95.11 13.30 -11.84
C ALA B 344 93.78 13.22 -12.58
N GLU B 345 92.89 12.37 -12.09
CA GLU B 345 91.62 12.15 -12.76
C GLU B 345 90.95 13.50 -13.01
N LEU B 346 90.88 14.29 -11.94
CA LEU B 346 90.34 15.64 -11.98
C LEU B 346 91.11 16.48 -12.98
N GLU B 347 92.43 16.43 -12.90
CA GLU B 347 93.25 17.25 -13.77
C GLU B 347 93.01 16.89 -15.24
N ALA B 348 92.88 15.60 -15.52
CA ALA B 348 92.63 15.12 -16.87
C ALA B 348 91.41 15.79 -17.47
N GLU B 349 90.30 15.77 -16.73
CA GLU B 349 89.08 16.41 -17.20
C GLU B 349 89.37 17.86 -17.57
N LEU B 350 90.16 18.53 -16.73
CA LEU B 350 90.39 19.97 -16.85
C LEU B 350 91.32 20.32 -18.00
N ARG B 351 92.50 19.69 -18.02
CA ARG B 351 93.39 19.78 -19.18
C ARG B 351 92.61 19.54 -20.47
N ALA B 352 91.72 18.54 -20.41
CA ALA B 352 90.95 18.08 -21.55
C ALA B 352 89.75 18.97 -21.91
N LEU B 353 89.41 19.92 -21.07
CA LEU B 353 88.45 20.94 -21.48
C LEU B 353 89.23 22.15 -21.95
N GLY B 354 90.56 22.01 -21.91
CA GLY B 354 91.45 23.05 -22.37
C GLY B 354 91.80 24.02 -21.27
N ALA B 355 92.32 23.49 -20.17
CA ALA B 355 92.82 24.33 -19.10
C ALA B 355 94.22 23.93 -18.66
N GLN B 356 94.94 24.88 -18.09
CA GLN B 356 96.16 24.58 -17.36
C GLN B 356 95.84 24.36 -15.87
N VAL B 357 96.51 23.40 -15.26
CA VAL B 357 96.17 23.00 -13.89
C VAL B 357 97.40 22.92 -12.98
N SER B 358 97.32 23.57 -11.83
CA SER B 358 98.34 23.40 -10.81
C SER B 358 97.71 22.93 -9.53
N ILE B 359 97.88 21.65 -9.22
CA ILE B 359 97.43 21.11 -7.95
C ILE B 359 98.54 21.22 -6.91
N VAL B 360 98.30 22.04 -5.89
CA VAL B 360 99.34 22.35 -4.91
C VAL B 360 98.93 21.93 -3.51
N ALA B 361 99.90 21.42 -2.75
CA ALA B 361 99.70 21.15 -1.33
C ALA B 361 99.86 22.42 -0.51
N CYS B 362 98.74 23.06 -0.17
CA CYS B 362 98.77 24.35 0.48
C CYS B 362 97.70 24.54 1.54
N ASP B 363 98.12 25.04 2.69
CA ASP B 363 97.23 25.25 3.82
C ASP B 363 96.77 26.71 3.83
N VAL B 364 95.48 26.97 3.57
CA VAL B 364 95.01 28.39 3.44
C VAL B 364 95.42 29.27 4.60
N THR B 365 95.51 28.68 5.78
CA THR B 365 95.81 29.42 6.99
C THR B 365 97.28 29.89 7.02
N ASP B 366 98.10 29.25 6.20
CA ASP B 366 99.51 29.62 6.01
C ASP B 366 99.68 30.89 5.14
N ARG B 367 99.90 32.03 5.79
CA ARG B 367 100.06 33.31 5.08
C ARG B 367 101.21 33.28 4.06
N ALA B 368 102.40 32.86 4.51
CA ALA B 368 103.59 32.80 3.67
C ALA B 368 103.38 32.01 2.38
N GLU B 369 102.93 30.77 2.51
CA GLU B 369 102.69 29.92 1.34
C GLU B 369 101.67 30.50 0.36
N MET B 370 100.57 31.03 0.89
CA MET B 370 99.48 31.55 0.05
C MET B 370 99.93 32.75 -0.80
N SER B 371 100.66 33.68 -0.16
CA SER B 371 101.33 34.80 -0.87
C SER B 371 102.14 34.32 -2.06
N ALA B 372 103.01 33.35 -1.82
CA ALA B 372 103.79 32.73 -2.88
C ALA B 372 102.92 32.16 -4.01
N LEU B 373 101.79 31.56 -3.67
CA LEU B 373 100.93 30.96 -4.69
C LEU B 373 100.32 32.00 -5.66
N LEU B 374 99.85 33.13 -5.13
CA LEU B 374 99.19 34.14 -5.96
C LEU B 374 100.15 34.91 -6.83
N ALA B 375 101.34 35.18 -6.30
CA ALA B 375 102.42 35.74 -7.12
C ALA B 375 102.81 34.77 -8.22
N GLU B 376 103.19 33.55 -7.83
CA GLU B 376 103.57 32.50 -8.77
C GLU B 376 102.63 32.35 -9.96
N PHE B 377 101.33 32.50 -9.74
CA PHE B 377 100.38 32.19 -10.80
C PHE B 377 99.55 33.39 -11.21
N ASP B 378 100.01 34.57 -10.81
CA ASP B 378 99.41 35.82 -11.25
C ASP B 378 97.87 35.74 -11.16
N VAL B 379 97.40 35.24 -10.02
CA VAL B 379 95.99 34.81 -9.92
C VAL B 379 95.02 35.98 -9.77
N THR B 380 94.15 36.10 -10.76
CA THR B 380 93.18 37.18 -10.82
C THR B 380 91.78 36.56 -10.86
N ALA B 381 91.42 35.93 -9.74
CA ALA B 381 90.06 35.39 -9.43
C ALA B 381 90.14 34.27 -8.38
N VAL B 382 89.49 34.49 -7.23
CA VAL B 382 89.61 33.59 -6.07
C VAL B 382 88.24 33.05 -5.64
N PHE B 383 88.23 31.75 -5.32
CA PHE B 383 87.02 31.01 -4.90
C PHE B 383 87.41 30.20 -3.67
N HIS B 384 86.86 30.60 -2.51
CA HIS B 384 87.29 30.05 -1.22
C HIS B 384 86.36 28.96 -0.80
N ALA B 385 86.75 27.72 -1.04
CA ALA B 385 85.90 26.60 -0.69
C ALA B 385 86.54 25.69 0.34
N ALA B 386 87.63 26.10 0.95
CA ALA B 386 88.17 25.27 2.01
C ALA B 386 87.33 25.45 3.24
N GLY B 387 86.86 24.33 3.77
CA GLY B 387 86.17 24.33 5.04
C GLY B 387 86.20 22.94 5.60
N VAL B 388 85.50 22.76 6.71
CA VAL B 388 85.42 21.48 7.39
C VAL B 388 84.03 21.41 7.98
N GLY B 389 83.40 20.25 7.87
CA GLY B 389 82.01 20.12 8.26
C GLY B 389 81.82 18.97 9.21
N ARG B 390 81.38 19.28 10.42
CA ARG B 390 80.73 18.28 11.21
C ARG B 390 79.54 18.78 12.02
N LEU B 391 78.62 17.87 12.28
CA LEU B 391 77.49 18.15 13.13
C LEU B 391 77.88 17.88 14.58
N LEU B 392 77.69 18.89 15.42
CA LEU B 392 78.13 18.79 16.78
C LEU B 392 77.24 19.67 17.64
N PRO B 393 76.51 19.05 18.59
CA PRO B 393 75.75 19.85 19.54
C PRO B 393 76.66 20.83 20.26
N LEU B 394 76.12 22.00 20.59
CA LEU B 394 76.87 22.98 21.35
C LEU B 394 77.48 22.37 22.63
N ALA B 395 76.74 21.49 23.29
CA ALA B 395 77.15 20.97 24.59
C ALA B 395 78.37 20.06 24.48
N GLU B 396 78.56 19.45 23.32
CA GLU B 396 79.75 18.65 23.06
C GLU B 396 80.86 19.49 22.45
N THR B 397 80.62 20.79 22.30
CA THR B 397 81.59 21.69 21.64
C THR B 397 82.49 22.46 22.60
N ASP B 398 83.77 22.54 22.26
CA ASP B 398 84.69 23.39 22.97
C ASP B 398 85.65 24.11 22.04
N GLN B 399 86.37 25.08 22.60
CA GLN B 399 87.38 25.86 21.88
C GLN B 399 88.13 25.11 20.78
N ASN B 400 88.66 23.94 21.11
CA ASN B 400 89.39 23.14 20.12
C ASN B 400 88.54 22.71 18.90
N GLY B 401 87.33 22.24 19.15
CA GLY B 401 86.44 21.89 18.07
C GLY B 401 86.10 23.14 17.27
N LEU B 402 85.83 24.21 18.00
CA LEU B 402 85.46 25.46 17.40
C LEU B 402 86.57 25.90 16.46
N ALA B 403 87.80 25.56 16.84
CA ALA B 403 88.97 25.88 16.04
C ALA B 403 89.13 25.00 14.80
N GLU B 404 88.99 23.68 14.98
CA GLU B 404 88.99 22.77 13.83
C GLU B 404 87.95 23.16 12.77
N ILE B 405 86.71 23.39 13.19
CA ILE B 405 85.69 23.75 12.22
C ILE B 405 85.92 25.10 11.52
N CYS B 406 86.51 26.07 12.23
CA CYS B 406 86.59 27.44 11.70
C CYS B 406 87.89 27.73 10.96
N ALA B 407 89.00 27.16 11.43
CA ALA B 407 90.34 27.61 11.05
C ALA B 407 90.47 27.84 9.55
N ALA B 408 90.28 26.78 8.77
CA ALA B 408 90.39 26.89 7.34
C ALA B 408 89.40 27.91 6.78
N LYS B 409 88.15 27.84 7.21
CA LYS B 409 87.11 28.69 6.61
C LYS B 409 87.35 30.15 6.93
N VAL B 410 87.64 30.42 8.21
CA VAL B 410 87.70 31.77 8.70
C VAL B 410 89.07 32.39 8.46
N ARG B 411 90.11 31.79 9.04
CA ARG B 411 91.47 32.30 8.96
C ARG B 411 91.92 32.20 7.50
N GLY B 412 91.40 31.19 6.82
CA GLY B 412 91.53 31.11 5.38
C GLY B 412 91.07 32.38 4.72
N ALA B 413 89.80 32.74 4.92
CA ALA B 413 89.24 33.96 4.35
C ALA B 413 90.07 35.20 4.74
N GLN B 414 90.44 35.27 6.01
CA GLN B 414 91.24 36.38 6.55
C GLN B 414 92.50 36.54 5.73
N VAL B 415 93.24 35.43 5.62
CA VAL B 415 94.50 35.38 4.86
C VAL B 415 94.28 35.81 3.41
N LEU B 416 93.24 35.29 2.77
CA LEU B 416 92.95 35.66 1.39
C LEU B 416 92.57 37.11 1.31
N ASP B 417 91.92 37.60 2.35
CA ASP B 417 91.50 38.98 2.41
C ASP B 417 92.72 39.92 2.53
N GLU B 418 93.67 39.54 3.37
CA GLU B 418 94.88 40.35 3.59
C GLU B 418 95.65 40.58 2.30
N LEU B 419 96.00 39.50 1.61
CA LEU B 419 96.45 39.58 0.23
C LEU B 419 95.22 39.98 -0.59
N CYS B 420 95.31 40.03 -1.91
CA CYS B 420 94.13 40.42 -2.68
C CYS B 420 93.67 41.83 -2.31
N ASP B 421 94.58 42.80 -2.31
CA ASP B 421 94.25 44.15 -1.86
C ASP B 421 93.86 45.06 -3.03
N SER B 422 93.69 44.45 -4.22
CA SER B 422 93.48 45.19 -5.48
C SER B 422 92.04 45.13 -5.97
N THR B 423 91.52 46.27 -6.45
CA THR B 423 90.24 46.26 -7.17
C THR B 423 90.35 45.54 -8.51
N ASP B 424 91.56 45.25 -8.95
CA ASP B 424 91.79 44.53 -10.20
C ASP B 424 91.17 43.12 -10.21
N LEU B 425 91.17 42.48 -9.04
CA LEU B 425 90.60 41.14 -8.83
C LEU B 425 89.15 41.04 -9.28
N ASP B 426 88.84 40.07 -10.13
CA ASP B 426 87.54 40.00 -10.80
C ASP B 426 86.38 39.42 -9.95
N ALA B 427 86.70 38.67 -8.88
CA ALA B 427 85.68 37.85 -8.21
C ALA B 427 85.63 37.95 -6.66
N PHE B 428 86.65 37.38 -6.01
CA PHE B 428 86.63 37.11 -4.56
C PHE B 428 85.33 36.46 -4.05
N VAL B 429 85.25 35.14 -4.15
CA VAL B 429 84.01 34.41 -3.84
C VAL B 429 84.10 33.48 -2.63
N LEU B 430 83.17 33.68 -1.70
CA LEU B 430 83.11 32.94 -0.45
C LEU B 430 82.01 31.89 -0.46
N PHE B 431 82.41 30.64 -0.26
CA PHE B 431 81.49 29.52 -0.26
C PHE B 431 80.91 29.28 1.12
N SER B 432 79.79 29.92 1.38
CA SER B 432 79.18 29.88 2.70
C SER B 432 77.99 28.90 2.72
N SER B 433 77.30 28.82 3.85
CA SER B 433 76.22 27.83 4.01
C SER B 433 74.96 28.44 4.64
N GLY B 434 73.81 27.83 4.43
CA GLY B 434 72.59 28.30 5.06
C GLY B 434 72.62 28.04 6.55
N ALA B 435 73.55 27.20 6.98
CA ALA B 435 73.76 26.99 8.40
C ALA B 435 74.17 28.31 9.08
N GLY B 436 74.70 29.24 8.29
CA GLY B 436 75.10 30.55 8.80
C GLY B 436 74.07 31.65 8.65
N VAL B 437 73.00 31.37 7.91
CA VAL B 437 71.93 32.35 7.72
C VAL B 437 70.74 32.06 8.60
N TRP B 438 70.33 30.80 8.65
CA TRP B 438 69.21 30.43 9.50
C TRP B 438 69.54 29.45 10.57
N GLY B 439 70.57 28.63 10.34
CA GLY B 439 71.03 27.69 11.37
C GLY B 439 70.35 26.35 11.29
N GLY B 440 70.89 25.38 12.02
CA GLY B 440 70.24 24.07 12.21
C GLY B 440 70.86 23.39 13.41
N GLY B 441 70.19 22.39 13.96
CA GLY B 441 70.74 21.65 15.10
C GLY B 441 72.06 21.00 14.74
N GLY B 442 73.04 21.13 15.63
CA GLY B 442 74.36 20.52 15.40
C GLY B 442 75.39 21.36 14.63
N GLN B 443 75.00 22.56 14.19
CA GLN B 443 75.86 23.38 13.32
C GLN B 443 76.28 24.70 13.94
N GLY B 444 76.60 24.70 15.24
CA GLY B 444 76.97 25.92 15.92
C GLY B 444 78.25 26.49 15.37
N ALA B 445 79.32 25.69 15.47
CA ALA B 445 80.62 26.08 15.00
C ALA B 445 80.58 26.34 13.51
N TYR B 446 79.96 25.42 12.79
CA TYR B 446 79.84 25.55 11.35
C TYR B 446 79.08 26.83 11.00
N GLY B 447 77.99 27.10 11.72
CA GLY B 447 77.20 28.31 11.46
C GLY B 447 78.01 29.56 11.76
N ALA B 448 78.79 29.51 12.82
CA ALA B 448 79.63 30.63 13.20
C ALA B 448 80.56 30.98 12.04
N ALA B 449 81.26 29.96 11.51
CA ALA B 449 82.23 30.16 10.48
C ALA B 449 81.60 30.77 9.25
N ASN B 450 80.40 30.32 8.89
CA ASN B 450 79.78 30.84 7.68
C ASN B 450 79.25 32.24 7.82
N ALA B 451 78.67 32.53 8.98
CA ALA B 451 78.21 33.86 9.30
C ALA B 451 79.37 34.86 9.14
N PHE B 452 80.56 34.41 9.51
CA PHE B 452 81.72 35.24 9.42
C PHE B 452 81.93 35.64 7.97
N LEU B 453 81.73 34.69 7.06
CA LEU B 453 82.00 34.92 5.65
C LEU B 453 81.08 35.98 5.06
N ASP B 454 79.78 35.90 5.35
CA ASP B 454 78.83 36.89 4.84
C ASP B 454 79.23 38.30 5.24
N THR B 455 79.60 38.46 6.50
CA THR B 455 79.90 39.78 6.98
C THR B 455 81.19 40.29 6.40
N LEU B 456 82.20 39.42 6.35
CA LEU B 456 83.45 39.74 5.68
C LEU B 456 83.22 40.30 4.29
N ALA B 457 82.37 39.66 3.50
CA ALA B 457 82.19 40.13 2.15
C ALA B 457 81.67 41.54 2.17
N GLU B 458 80.72 41.82 3.06
CA GLU B 458 80.15 43.17 3.15
C GLU B 458 81.25 44.16 3.55
N GLN B 459 82.12 43.75 4.46
CA GLN B 459 83.20 44.61 4.89
C GLN B 459 84.15 44.97 3.73
N ARG B 460 84.52 43.98 2.92
CA ARG B 460 85.33 44.24 1.71
C ARG B 460 84.65 45.20 0.75
N ARG B 461 83.40 44.93 0.42
CA ARG B 461 82.59 45.86 -0.36
C ARG B 461 82.62 47.27 0.20
N ALA B 462 82.55 47.38 1.52
CA ALA B 462 82.55 48.69 2.16
C ALA B 462 83.88 49.41 1.98
N ARG B 463 84.96 48.65 1.91
CA ARG B 463 86.30 49.16 1.66
C ARG B 463 86.61 49.34 0.17
N GLY B 464 85.63 49.07 -0.69
CA GLY B 464 85.80 49.23 -2.16
C GLY B 464 86.54 48.10 -2.90
N LEU B 465 86.54 46.90 -2.30
CA LEU B 465 87.12 45.73 -2.92
C LEU B 465 85.98 44.79 -3.33
N PRO B 466 86.19 43.97 -4.36
CA PRO B 466 85.07 43.10 -4.70
C PRO B 466 84.95 41.96 -3.69
N ALA B 467 83.74 41.48 -3.48
CA ALA B 467 83.55 40.34 -2.62
C ALA B 467 82.18 39.76 -2.80
N THR B 468 82.09 38.44 -2.77
CA THR B 468 80.84 37.76 -2.94
C THR B 468 80.71 36.65 -1.91
N SER B 469 79.62 36.64 -1.17
CA SER B 469 79.31 35.49 -0.32
C SER B 469 78.02 34.81 -0.74
N ILE B 470 78.14 33.53 -1.08
CA ILE B 470 76.97 32.73 -1.34
C ILE B 470 76.80 31.68 -0.27
N SER B 471 75.62 31.66 0.33
CA SER B 471 75.34 30.71 1.36
C SER B 471 74.42 29.67 0.79
N TRP B 472 75.01 28.50 0.51
CA TRP B 472 74.36 27.42 -0.21
C TRP B 472 73.59 26.52 0.72
N GLY B 473 72.40 26.10 0.28
CA GLY B 473 71.82 24.83 0.71
C GLY B 473 72.72 23.67 0.31
N SER B 474 72.21 22.47 0.29
CA SER B 474 73.07 21.35 0.06
C SER B 474 73.16 20.97 -1.41
N TRP B 475 74.35 20.54 -1.81
CA TRP B 475 74.65 20.19 -3.19
C TRP B 475 74.47 18.72 -3.32
N ALA B 476 73.97 18.26 -4.46
CA ALA B 476 73.99 16.81 -4.75
C ALA B 476 75.38 16.35 -5.12
N GLY B 477 75.80 15.25 -4.53
CA GLY B 477 77.03 14.59 -4.94
C GLY B 477 77.90 14.32 -3.75
N GLY B 478 79.21 14.24 -3.97
CA GLY B 478 80.14 14.06 -2.86
C GLY B 478 80.23 15.29 -1.97
N GLY B 479 80.95 15.17 -0.87
CA GLY B 479 81.36 16.31 -0.12
C GLY B 479 80.63 16.40 1.19
N MET B 480 80.20 17.60 1.54
CA MET B 480 79.68 17.83 2.87
C MET B 480 78.23 17.36 3.06
N ALA B 481 77.43 17.44 2.01
CA ALA B 481 76.05 16.90 2.01
C ALA B 481 75.97 15.48 1.46
N ASP B 482 77.07 14.74 1.52
CA ASP B 482 77.16 13.46 0.83
C ASP B 482 76.53 12.33 1.65
N GLY B 483 77.10 12.06 2.83
CA GLY B 483 76.90 10.76 3.47
C GLY B 483 75.65 10.67 4.32
N ALA B 484 75.82 10.19 5.55
CA ALA B 484 74.83 10.38 6.60
C ALA B 484 74.36 11.83 6.65
N ALA B 485 75.30 12.76 6.47
CA ALA B 485 75.03 14.19 6.67
C ALA B 485 73.99 14.73 5.70
N GLY B 486 74.02 14.23 4.47
CA GLY B 486 72.99 14.56 3.48
C GLY B 486 71.63 14.02 3.87
N GLU B 487 71.61 12.82 4.44
CA GLU B 487 70.37 12.19 4.91
C GLU B 487 69.74 13.06 5.98
N HIS B 488 70.57 13.42 6.94
CA HIS B 488 70.19 14.32 8.01
C HIS B 488 69.48 15.55 7.49
N LEU B 489 70.15 16.27 6.58
CA LEU B 489 69.56 17.48 6.00
C LEU B 489 68.32 17.19 5.13
N ARG B 490 68.33 16.04 4.44
CA ARG B 490 67.14 15.54 3.73
C ARG B 490 65.88 15.55 4.61
N ARG B 491 65.94 14.84 5.73
CA ARG B 491 64.79 14.77 6.66
C ARG B 491 64.38 16.15 7.13
N ARG B 492 65.30 17.10 7.08
CA ARG B 492 65.01 18.41 7.59
C ARG B 492 64.42 19.43 6.59
N GLY B 493 64.40 19.08 5.31
CA GLY B 493 63.70 19.89 4.32
C GLY B 493 64.63 20.55 3.33
N ILE B 494 65.91 20.17 3.37
CA ILE B 494 66.86 20.69 2.41
C ILE B 494 67.06 19.72 1.24
N ARG B 495 66.50 20.06 0.08
CA ARG B 495 66.69 19.24 -1.11
C ARG B 495 68.00 19.57 -1.81
N PRO B 496 68.91 18.60 -1.87
CA PRO B 496 70.22 18.78 -2.50
C PRO B 496 70.10 19.19 -3.96
N MET B 497 70.86 20.20 -4.36
CA MET B 497 70.77 20.78 -5.70
C MET B 497 71.76 20.06 -6.62
N PRO B 498 71.30 19.65 -7.80
CA PRO B 498 72.27 19.12 -8.74
C PRO B 498 73.44 20.13 -8.92
N ALA B 499 74.66 19.65 -8.75
CA ALA B 499 75.83 20.48 -8.98
C ALA B 499 75.62 21.38 -10.20
N ALA B 500 75.11 20.82 -11.28
CA ALA B 500 75.00 21.56 -12.52
C ALA B 500 74.20 22.84 -12.36
N SER B 501 73.11 22.80 -11.58
CA SER B 501 72.27 23.99 -11.41
C SER B 501 72.79 24.95 -10.35
N ALA B 502 73.52 24.43 -9.38
CA ALA B 502 74.19 25.30 -8.44
C ALA B 502 75.17 26.20 -9.20
N ILE B 503 75.80 25.62 -10.22
CA ILE B 503 76.68 26.35 -11.10
C ILE B 503 75.93 27.47 -11.88
N LEU B 504 74.78 27.13 -12.46
CA LEU B 504 73.87 28.14 -13.01
C LEU B 504 73.69 29.33 -12.06
N ALA B 505 73.47 29.03 -10.78
CA ALA B 505 73.15 30.07 -9.80
C ALA B 505 74.37 30.93 -9.53
N LEU B 506 75.52 30.26 -9.38
CA LEU B 506 76.81 30.92 -9.18
C LEU B 506 77.05 31.94 -10.27
N GLN B 507 77.05 31.46 -11.50
CA GLN B 507 77.25 32.28 -12.69
C GLN B 507 76.38 33.52 -12.64
N GLU B 508 75.10 33.34 -12.35
CA GLU B 508 74.18 34.46 -12.21
C GLU B 508 74.70 35.47 -11.15
N VAL B 509 75.03 34.97 -9.95
CA VAL B 509 75.46 35.85 -8.87
C VAL B 509 76.66 36.73 -9.30
N LEU B 510 77.63 36.13 -10.00
CA LEU B 510 78.78 36.87 -10.49
C LEU B 510 78.40 37.91 -11.56
N ASP B 511 77.53 37.51 -12.48
CA ASP B 511 77.07 38.40 -13.55
C ASP B 511 76.37 39.57 -12.94
N GLN B 512 75.55 39.25 -11.93
CA GLN B 512 74.80 40.22 -11.20
C GLN B 512 75.69 41.11 -10.30
N ASP B 513 76.97 40.72 -10.19
CA ASP B 513 77.95 41.35 -9.26
C ASP B 513 77.43 41.56 -7.83
N GLU B 514 76.80 40.54 -7.28
CA GLU B 514 76.17 40.63 -5.99
C GLU B 514 77.12 40.41 -4.82
N THR B 515 76.64 40.71 -3.62
CA THR B 515 77.47 40.54 -2.45
C THR B 515 77.10 39.33 -1.60
N CYS B 516 75.89 39.34 -1.04
CA CYS B 516 75.46 38.23 -0.22
C CYS B 516 74.16 37.73 -0.70
N VAL B 517 74.08 36.41 -0.92
CA VAL B 517 72.87 35.79 -1.43
C VAL B 517 72.79 34.36 -0.91
N SER B 518 71.61 33.93 -0.51
CA SER B 518 71.45 32.55 -0.17
C SER B 518 70.84 31.78 -1.31
N ILE B 519 71.43 30.63 -1.59
CA ILE B 519 70.94 29.79 -2.66
C ILE B 519 70.68 28.38 -2.18
N ALA B 520 69.42 28.04 -2.04
CA ALA B 520 69.06 26.73 -1.54
C ALA B 520 67.65 26.34 -1.94
N ASP B 521 67.49 25.05 -2.20
CA ASP B 521 66.19 24.48 -2.51
C ASP B 521 65.60 23.96 -1.22
N VAL B 522 64.64 24.71 -0.69
CA VAL B 522 64.04 24.35 0.59
C VAL B 522 62.65 23.80 0.36
N ASP B 523 62.46 22.56 0.80
CA ASP B 523 61.14 21.98 0.91
C ASP B 523 60.50 22.49 2.18
N TRP B 524 59.79 23.61 2.07
CA TRP B 524 59.29 24.36 3.23
C TRP B 524 58.35 23.59 4.12
N ASP B 525 57.42 22.87 3.54
CA ASP B 525 56.43 22.12 4.31
C ASP B 525 57.04 21.11 5.28
N ARG B 526 58.21 20.56 4.93
CA ARG B 526 58.98 19.75 5.85
C ARG B 526 59.87 20.61 6.77
N PHE B 527 60.54 21.62 6.17
CA PHE B 527 61.50 22.48 6.91
C PHE B 527 60.90 23.20 8.13
N VAL B 528 59.81 23.92 7.91
CA VAL B 528 59.20 24.75 8.94
C VAL B 528 58.83 23.97 10.22
N PRO B 529 58.12 22.84 10.08
CA PRO B 529 57.71 22.15 11.30
C PRO B 529 58.87 21.58 12.12
N THR B 530 59.93 21.10 11.47
CA THR B 530 61.07 20.58 12.26
C THR B 530 62.00 21.67 12.77
N PHE B 531 62.17 22.73 11.96
CA PHE B 531 62.92 23.89 12.41
C PHE B 531 62.24 24.62 13.57
N ALA B 532 60.95 24.91 13.43
CA ALA B 532 60.21 25.61 14.49
C ALA B 532 59.60 24.60 15.45
N ALA B 533 60.27 23.45 15.57
CA ALA B 533 59.77 22.33 16.34
C ALA B 533 59.67 22.68 17.83
N THR B 534 60.78 23.12 18.42
CA THR B 534 60.81 23.43 19.84
C THR B 534 60.73 24.93 20.14
N ARG B 535 60.92 25.77 19.11
CA ARG B 535 61.02 27.22 19.31
C ARG B 535 60.39 28.00 18.14
N ALA B 536 59.47 28.90 18.45
CA ALA B 536 58.86 29.72 17.41
C ALA B 536 59.90 30.62 16.79
N THR B 537 59.62 31.06 15.57
CA THR B 537 60.49 32.00 14.85
C THR B 537 59.70 32.86 13.89
N ARG B 538 60.12 34.11 13.73
CA ARG B 538 59.55 35.05 12.75
C ARG B 538 60.46 35.22 11.51
N LEU B 539 61.49 34.38 11.39
CA LEU B 539 62.53 34.64 10.40
C LEU B 539 62.09 34.45 8.95
N PHE B 540 61.03 33.65 8.76
CA PHE B 540 60.57 33.30 7.42
C PHE B 540 59.22 33.91 7.01
N ASP B 541 58.70 34.82 7.82
CA ASP B 541 57.37 35.38 7.61
C ASP B 541 57.22 35.96 6.21
N GLU B 542 58.35 36.25 5.55
CA GLU B 542 58.31 36.89 4.23
C GLU B 542 58.48 35.87 3.08
N VAL B 543 58.65 34.60 3.41
CA VAL B 543 58.58 33.54 2.40
C VAL B 543 57.16 32.98 2.32
N PRO B 544 56.49 33.22 1.16
CA PRO B 544 55.09 32.80 0.94
C PRO B 544 54.87 31.31 1.23
N ALA B 545 55.64 30.45 0.59
CA ALA B 545 55.70 29.03 0.92
C ALA B 545 55.81 28.73 2.44
N ALA B 546 56.67 29.46 3.15
CA ALA B 546 57.02 29.07 4.54
C ALA B 546 55.86 29.27 5.50
N ARG B 547 54.98 30.20 5.15
CA ARG B 547 53.84 30.55 6.01
C ARG B 547 52.71 29.53 5.90
N LYS B 548 52.61 28.86 4.76
CA LYS B 548 51.58 27.84 4.55
C LYS B 548 51.98 26.47 5.14
N ALA B 549 52.91 26.49 6.09
CA ALA B 549 53.43 25.26 6.70
C ALA B 549 53.39 25.34 8.24
N MET B 550 52.63 26.30 8.76
CA MET B 550 52.55 26.50 10.21
C MET B 550 51.16 26.13 10.75
N ASP C 32 -47.22 -20.45 9.24
CA ASP C 32 -47.89 -19.12 9.14
C ASP C 32 -48.17 -18.50 10.51
N PRO C 33 -47.15 -17.83 11.10
CA PRO C 33 -47.32 -17.18 12.38
C PRO C 33 -47.87 -15.76 12.25
N ALA C 34 -48.26 -15.38 11.04
CA ALA C 34 -48.89 -14.10 10.80
C ALA C 34 -50.38 -14.22 11.05
N ALA C 35 -51.04 -15.05 10.24
CA ALA C 35 -52.35 -15.60 10.58
C ALA C 35 -52.47 -15.92 12.07
N GLY C 36 -51.52 -16.67 12.61
CA GLY C 36 -51.56 -17.05 14.02
C GLY C 36 -51.70 -15.84 14.92
N TRP C 37 -50.73 -14.93 14.80
CA TRP C 37 -50.78 -13.63 15.47
C TRP C 37 -52.09 -12.93 15.25
N PHE C 38 -52.53 -12.90 14.00
CA PHE C 38 -53.84 -12.35 13.67
C PHE C 38 -54.99 -12.96 14.50
N TRP C 39 -55.06 -14.29 14.56
CA TRP C 39 -56.14 -14.99 15.30
C TRP C 39 -56.03 -14.91 16.80
N GLN C 40 -54.80 -14.99 17.32
CA GLN C 40 -54.55 -14.69 18.73
C GLN C 40 -54.95 -13.25 19.11
N ALA C 41 -54.73 -12.32 18.19
CA ALA C 41 -55.10 -10.92 18.40
C ALA C 41 -56.59 -10.65 18.18
N VAL C 42 -57.30 -11.61 17.58
CA VAL C 42 -58.74 -11.47 17.35
C VAL C 42 -59.56 -11.88 18.57
N ALA C 43 -59.08 -12.85 19.34
CA ALA C 43 -59.38 -12.93 20.76
C ALA C 43 -58.46 -11.93 21.47
N ARG C 44 -58.75 -11.63 22.74
CA ARG C 44 -58.16 -10.45 23.39
C ARG C 44 -58.84 -9.19 22.91
N GLN C 45 -59.31 -9.23 21.66
CA GLN C 45 -60.08 -8.14 21.04
C GLN C 45 -59.26 -6.85 20.94
N ASP C 46 -57.97 -7.00 20.67
CA ASP C 46 -57.08 -5.86 20.50
C ASP C 46 -57.23 -5.25 19.11
N LEU C 47 -58.28 -4.45 18.93
CA LEU C 47 -58.38 -3.52 17.82
C LEU C 47 -57.09 -2.76 17.61
N LYS C 48 -56.51 -2.26 18.69
CA LYS C 48 -55.41 -1.31 18.65
C LYS C 48 -54.26 -1.83 17.80
N SER C 49 -53.94 -3.12 17.96
CA SER C 49 -52.88 -3.76 17.20
C SER C 49 -53.36 -4.24 15.82
N VAL C 50 -54.65 -4.49 15.68
CA VAL C 50 -55.21 -4.91 14.40
C VAL C 50 -55.34 -3.73 13.44
N SER C 51 -55.95 -2.66 13.91
CA SER C 51 -56.05 -1.41 13.15
C SER C 51 -54.67 -0.84 12.76
N ASP C 52 -53.68 -1.00 13.66
CA ASP C 52 -52.31 -0.54 13.40
C ASP C 52 -51.65 -1.35 12.29
N ALA C 53 -51.75 -2.67 12.40
CA ALA C 53 -51.16 -3.58 11.44
C ALA C 53 -51.78 -3.45 10.05
N LEU C 54 -53.06 -3.09 10.01
CA LEU C 54 -53.79 -3.00 8.74
C LEU C 54 -53.72 -1.61 8.16
N ASP C 55 -53.32 -0.64 8.98
CA ASP C 55 -53.36 0.77 8.60
C ASP C 55 -54.81 1.23 8.35
N LEU C 56 -55.69 0.89 9.29
CA LEU C 56 -57.10 1.26 9.21
C LEU C 56 -57.51 1.91 10.52
N ASP C 57 -58.40 2.89 10.45
CA ASP C 57 -59.01 3.42 11.65
C ASP C 57 -60.11 2.48 12.17
N ALA C 58 -60.46 2.61 13.45
CA ALA C 58 -61.45 1.71 14.05
C ALA C 58 -62.80 1.73 13.31
N ASP C 59 -63.05 2.80 12.57
CA ASP C 59 -64.34 2.98 11.91
C ASP C 59 -64.28 2.56 10.44
N ALA C 60 -63.14 2.03 10.04
CA ALA C 60 -62.96 1.52 8.68
C ALA C 60 -63.93 0.38 8.37
N PRO C 61 -64.60 0.44 7.20
CA PRO C 61 -65.68 -0.48 6.92
C PRO C 61 -65.16 -1.83 6.46
N LEU C 62 -66.01 -2.85 6.45
CA LEU C 62 -65.62 -4.18 5.98
C LEU C 62 -65.08 -4.08 4.56
N SER C 63 -65.91 -3.48 3.68
CA SER C 63 -65.49 -2.83 2.42
C SER C 63 -64.00 -2.59 2.28
N ALA C 64 -63.45 -1.85 3.25
CA ALA C 64 -62.06 -1.39 3.20
C ALA C 64 -61.15 -2.38 3.94
N THR C 65 -61.74 -3.08 4.91
CA THR C 65 -60.99 -4.00 5.77
C THR C 65 -60.58 -5.26 5.02
N LEU C 66 -61.46 -5.75 4.15
CA LEU C 66 -61.14 -6.91 3.32
C LEU C 66 -59.90 -6.73 2.42
N PRO C 67 -59.90 -5.69 1.55
CA PRO C 67 -58.70 -5.48 0.73
C PRO C 67 -57.44 -5.23 1.56
N ALA C 68 -57.61 -4.59 2.71
CA ALA C 68 -56.48 -4.26 3.58
C ALA C 68 -55.90 -5.50 4.26
N LEU C 69 -56.77 -6.48 4.53
CA LEU C 69 -56.36 -7.73 5.16
C LEU C 69 -55.45 -8.53 4.21
N SER C 70 -55.92 -8.76 2.97
CA SER C 70 -55.13 -9.50 2.00
C SER C 70 -53.75 -8.89 1.84
N VAL C 71 -53.70 -7.60 1.53
CA VAL C 71 -52.43 -6.91 1.48
C VAL C 71 -51.60 -7.27 2.69
N TRP C 72 -52.17 -7.09 3.88
CA TRP C 72 -51.43 -7.37 5.08
C TRP C 72 -50.95 -8.78 5.08
N HIS C 73 -51.82 -9.71 4.73
CA HIS C 73 -51.49 -11.13 4.82
C HIS C 73 -50.46 -11.53 3.80
N ARG C 74 -50.55 -10.97 2.61
CA ARG C 74 -49.54 -11.16 1.58
C ARG C 74 -48.20 -10.63 2.08
N GLN C 75 -48.20 -9.43 2.64
CA GLN C 75 -46.96 -8.72 2.97
C GLN C 75 -46.34 -9.16 4.29
N GLU C 76 -47.16 -9.28 5.33
CA GLU C 76 -46.66 -9.65 6.66
C GLU C 76 -46.04 -11.05 6.66
N ARG C 77 -46.48 -11.87 5.71
CA ARG C 77 -45.88 -13.19 5.49
C ARG C 77 -44.42 -13.04 5.04
N GLU C 78 -44.19 -12.15 4.09
CA GLU C 78 -42.84 -11.92 3.62
C GLU C 78 -42.01 -11.08 4.61
N ARG C 79 -42.67 -10.21 5.37
CA ARG C 79 -42.01 -9.55 6.52
C ARG C 79 -41.54 -10.55 7.58
N VAL C 80 -42.33 -11.57 7.87
CA VAL C 80 -41.93 -12.58 8.86
C VAL C 80 -40.72 -13.35 8.36
N LEU C 81 -40.67 -13.60 7.06
CA LEU C 81 -39.55 -14.29 6.48
C LEU C 81 -38.29 -13.42 6.52
N ALA C 82 -38.42 -12.19 6.03
CA ALA C 82 -37.32 -11.23 5.98
C ALA C 82 -36.85 -10.81 7.37
N ASP C 83 -37.60 -11.26 8.39
CA ASP C 83 -37.27 -10.94 9.77
C ASP C 83 -36.24 -11.91 10.28
N GLY C 84 -36.34 -13.16 9.84
CA GLY C 84 -35.41 -14.19 10.27
C GLY C 84 -34.05 -14.02 9.64
N TRP C 85 -33.93 -13.01 8.78
CA TRP C 85 -32.68 -12.71 8.09
C TRP C 85 -31.85 -11.70 8.84
N ARG C 86 -32.43 -11.14 9.90
CA ARG C 86 -31.79 -10.05 10.66
C ARG C 86 -30.80 -10.59 11.64
N TYR C 87 -29.63 -9.97 11.67
CA TYR C 87 -28.66 -10.28 12.69
C TYR C 87 -27.98 -9.01 13.15
N ARG C 88 -27.38 -9.08 14.32
CA ARG C 88 -26.64 -7.96 14.84
C ARG C 88 -25.46 -8.46 15.64
N VAL C 89 -24.53 -7.55 15.89
CA VAL C 89 -23.26 -7.88 16.50
C VAL C 89 -23.34 -7.50 17.96
N ASP C 90 -23.18 -8.48 18.85
CA ASP C 90 -23.10 -8.24 20.27
C ASP C 90 -21.73 -8.60 20.77
N TRP C 91 -21.38 -8.04 21.91
CA TRP C 91 -20.16 -8.37 22.57
C TRP C 91 -20.47 -9.00 23.88
N VAL C 92 -19.87 -10.16 24.14
CA VAL C 92 -20.16 -10.91 25.34
C VAL C 92 -18.92 -10.96 26.20
N ARG C 93 -19.09 -10.71 27.49
CA ARG C 93 -17.96 -10.70 28.41
C ARG C 93 -17.40 -12.10 28.48
N VAL C 94 -16.09 -12.23 28.24
CA VAL C 94 -15.40 -13.51 28.35
C VAL C 94 -14.66 -13.59 29.68
N ALA C 95 -14.81 -14.73 30.37
CA ALA C 95 -14.20 -14.92 31.69
C ALA C 95 -12.68 -14.78 31.66
N PRO C 96 -12.08 -14.38 32.80
CA PRO C 96 -10.64 -14.26 32.95
C PRO C 96 -9.88 -15.54 32.53
N GLN C 97 -9.53 -16.38 33.51
CA GLN C 97 -9.02 -17.75 33.29
C GLN C 97 -8.21 -18.25 34.50
N PRO C 98 -7.11 -17.56 34.81
CA PRO C 98 -6.57 -17.57 36.18
C PRO C 98 -5.87 -16.24 36.64
N VAL C 99 -4.54 -16.22 36.94
CA VAL C 99 -3.44 -16.98 36.25
C VAL C 99 -3.50 -17.11 34.69
N ARG C 100 -2.65 -17.96 34.06
CA ARG C 100 -2.10 -19.20 34.64
C ARG C 100 -0.73 -19.62 34.01
N ARG C 101 -0.40 -19.02 32.87
CA ARG C 101 0.54 -19.63 31.91
C ARG C 101 2.03 -19.33 32.24
N THR C 102 2.87 -19.34 31.20
CA THR C 102 4.33 -19.11 31.36
C THR C 102 4.96 -18.39 30.13
N ARG C 103 6.31 -18.40 30.05
CA ARG C 103 7.07 -17.33 29.35
C ARG C 103 7.54 -17.66 27.92
N GLU C 104 7.69 -16.60 27.11
CA GLU C 104 7.86 -16.73 25.64
C GLU C 104 8.21 -15.37 24.99
N THR C 105 8.53 -15.39 23.69
CA THR C 105 8.88 -14.16 22.96
C THR C 105 7.93 -13.84 21.78
N TRP C 106 7.59 -12.56 21.66
CA TRP C 106 6.77 -12.04 20.54
C TRP C 106 7.54 -10.95 19.83
N LEU C 107 7.37 -10.85 18.52
CA LEU C 107 7.79 -9.64 17.81
C LEU C 107 6.70 -8.57 17.77
N LEU C 108 7.06 -7.35 18.13
CA LEU C 108 6.11 -6.24 18.15
C LEU C 108 6.35 -5.30 16.97
N VAL C 109 5.40 -5.24 16.05
CA VAL C 109 5.63 -4.45 14.82
C VAL C 109 4.96 -3.09 14.81
N VAL C 110 5.73 -2.07 14.47
CA VAL C 110 5.37 -0.67 14.76
C VAL C 110 5.37 0.23 13.51
N PRO C 111 4.23 0.87 13.23
CA PRO C 111 4.16 1.73 12.07
C PRO C 111 4.87 3.05 12.32
N PRO C 112 5.18 3.81 11.24
CA PRO C 112 5.91 5.06 11.41
C PRO C 112 5.02 6.22 11.88
N GLY C 113 3.72 6.15 11.58
CA GLY C 113 2.78 7.17 12.05
C GLY C 113 1.79 6.63 13.07
N GLY C 114 1.21 7.54 13.84
CA GLY C 114 -0.03 7.24 14.59
C GLY C 114 0.12 6.68 16.01
N ILE C 115 1.34 6.34 16.41
CA ILE C 115 1.57 5.73 17.74
C ILE C 115 2.47 6.57 18.64
N GLU C 116 1.96 6.90 19.83
CA GLU C 116 2.77 7.43 20.91
C GLU C 116 3.80 6.41 21.36
N GLU C 117 5.04 6.87 21.58
CA GLU C 117 6.02 6.06 22.28
C GLU C 117 5.48 5.53 23.59
N ALA C 118 4.54 6.25 24.17
CA ALA C 118 4.13 5.98 25.53
C ALA C 118 3.20 4.79 25.54
N LEU C 119 2.40 4.67 24.49
CA LEU C 119 1.58 3.48 24.29
C LEU C 119 2.49 2.27 24.18
N VAL C 120 3.49 2.38 23.33
CA VAL C 120 4.41 1.27 23.11
C VAL C 120 5.03 0.81 24.42
N GLU C 121 5.43 1.76 25.24
CA GLU C 121 6.10 1.47 26.52
C GLU C 121 5.15 0.75 27.46
N ARG C 122 3.93 1.28 27.53
CA ARG C 122 2.87 0.76 28.38
C ARG C 122 2.43 -0.66 27.96
N LEU C 123 2.33 -0.89 26.65
CA LEU C 123 1.93 -2.20 26.16
C LEU C 123 3.04 -3.19 26.43
N THR C 124 4.27 -2.68 26.49
CA THR C 124 5.40 -3.54 26.73
C THR C 124 5.56 -3.95 28.20
N ASP C 125 5.13 -3.13 29.15
CA ASP C 125 5.05 -3.66 30.51
C ASP C 125 3.97 -4.71 30.56
N ALA C 126 2.73 -4.27 30.36
CA ALA C 126 1.60 -5.18 30.34
C ALA C 126 1.99 -6.56 29.80
N LEU C 127 2.63 -6.56 28.63
CA LEU C 127 3.15 -7.79 28.03
C LEU C 127 4.17 -8.47 28.93
N ASN C 128 5.21 -7.73 29.28
CA ASN C 128 6.35 -8.26 30.03
C ASN C 128 5.93 -8.84 31.38
N THR C 129 5.03 -8.13 32.05
CA THR C 129 4.58 -8.45 33.39
C THR C 129 3.42 -9.46 33.31
N ARG C 130 3.63 -10.47 32.46
CA ARG C 130 2.59 -11.46 32.15
C ARG C 130 3.24 -12.55 31.30
N GLY C 131 4.56 -12.56 31.27
CA GLY C 131 5.31 -13.66 30.65
C GLY C 131 6.09 -13.27 29.41
N ILE C 132 5.48 -12.45 28.56
CA ILE C 132 5.96 -12.28 27.18
C ILE C 132 7.11 -11.28 27.07
N SER C 133 8.25 -11.76 26.57
CA SER C 133 9.31 -10.89 26.07
C SER C 133 8.88 -10.21 24.79
N THR C 134 9.71 -9.29 24.31
CA THR C 134 9.30 -8.41 23.23
C THR C 134 10.49 -7.94 22.44
N LEU C 135 10.41 -8.09 21.12
CA LEU C 135 11.34 -7.46 20.21
C LEU C 135 10.56 -6.50 19.32
N ARG C 136 11.15 -5.34 19.05
CA ARG C 136 10.45 -4.27 18.36
C ARG C 136 11.04 -4.01 16.99
N LEU C 137 10.18 -3.93 15.99
CA LEU C 137 10.59 -3.54 14.68
C LEU C 137 9.79 -2.35 14.20
N ASP C 138 10.48 -1.28 13.83
CA ASP C 138 9.81 -0.08 13.37
C ASP C 138 9.83 -0.05 11.86
N VAL C 139 8.70 -0.39 11.27
CA VAL C 139 8.56 -0.41 9.83
C VAL C 139 8.80 0.98 9.24
N PRO C 140 9.46 1.05 8.06
CA PRO C 140 9.60 2.30 7.31
C PRO C 140 8.37 2.61 6.46
N PRO C 141 8.17 3.88 6.12
CA PRO C 141 7.01 4.28 5.30
C PRO C 141 6.88 3.42 4.05
N ALA C 142 5.64 3.10 3.68
CA ALA C 142 5.34 2.49 2.38
C ALA C 142 5.99 1.11 2.19
N ALA C 143 6.64 0.60 3.23
CA ALA C 143 7.32 -0.69 3.16
C ALA C 143 6.54 -1.68 2.31
N THR C 144 7.23 -2.34 1.38
CA THR C 144 6.66 -3.45 0.62
C THR C 144 6.85 -4.75 1.39
N SER C 145 5.99 -5.72 1.11
CA SER C 145 6.12 -7.02 1.71
C SER C 145 7.49 -7.61 1.40
N GLY C 146 8.01 -7.26 0.23
CA GLY C 146 9.41 -7.53 -0.11
C GLY C 146 10.32 -7.32 1.08
N GLU C 147 10.51 -6.05 1.44
CA GLU C 147 11.48 -5.67 2.50
C GLU C 147 11.02 -6.12 3.90
N LEU C 148 9.70 -6.14 4.09
CA LEU C 148 9.11 -6.67 5.31
C LEU C 148 9.55 -8.10 5.60
N ALA C 149 9.48 -8.96 4.58
CA ALA C 149 9.94 -10.34 4.73
C ALA C 149 11.41 -10.38 5.19
N THR C 150 12.24 -9.55 4.57
CA THR C 150 13.65 -9.48 4.92
C THR C 150 13.81 -9.15 6.40
N GLU C 151 13.08 -8.14 6.85
CA GLU C 151 13.21 -7.68 8.23
C GLU C 151 12.61 -8.71 9.20
N LEU C 152 11.61 -9.43 8.73
CA LEU C 152 11.04 -10.52 9.51
C LEU C 152 11.99 -11.70 9.61
N ARG C 153 12.76 -11.95 8.55
CA ARG C 153 13.82 -12.98 8.61
C ARG C 153 14.85 -12.62 9.68
N ALA C 154 15.40 -11.41 9.58
CA ALA C 154 16.37 -10.91 10.56
C ALA C 154 15.93 -11.20 11.99
N ALA C 155 14.79 -10.63 12.38
CA ALA C 155 14.22 -10.85 13.71
C ALA C 155 14.03 -12.34 14.03
N ALA C 156 13.81 -13.15 13.00
CA ALA C 156 13.50 -14.58 13.16
C ALA C 156 14.67 -15.41 13.69
N ASP C 157 15.87 -14.81 13.74
CA ASP C 157 17.05 -15.44 14.36
C ASP C 157 17.12 -15.13 15.85
N GLY C 158 16.68 -13.93 16.23
CA GLY C 158 16.77 -13.46 17.60
C GLY C 158 16.60 -14.58 18.61
N ASP C 159 15.37 -15.07 18.75
CA ASP C 159 15.08 -16.30 19.47
C ASP C 159 14.01 -17.10 18.72
N PRO C 160 13.51 -18.18 19.33
CA PRO C 160 12.17 -18.59 18.96
C PRO C 160 11.19 -17.44 19.15
N VAL C 161 10.76 -16.84 18.03
CA VAL C 161 9.69 -15.84 18.05
C VAL C 161 8.33 -16.54 18.03
N LYS C 162 7.65 -16.54 19.17
CA LYS C 162 6.49 -17.41 19.35
C LYS C 162 5.20 -16.81 18.75
N ALA C 163 5.26 -15.54 18.33
CA ALA C 163 4.11 -14.84 17.71
C ALA C 163 4.41 -13.37 17.36
N ILE C 164 3.46 -12.70 16.71
CA ILE C 164 3.64 -11.32 16.27
C ILE C 164 2.49 -10.42 16.67
N LEU C 165 2.83 -9.24 17.17
CA LEU C 165 1.83 -8.20 17.50
C LEU C 165 2.03 -6.94 16.66
N SER C 166 1.01 -6.61 15.88
CA SER C 166 1.08 -5.49 14.96
C SER C 166 0.21 -4.37 15.45
N LEU C 167 0.80 -3.18 15.51
CA LEU C 167 0.07 -1.96 15.84
C LEU C 167 -0.10 -1.09 14.63
N THR C 168 0.20 -1.62 13.45
CA THR C 168 0.21 -0.80 12.23
C THR C 168 -1.15 -0.16 11.89
N ALA C 169 -2.23 -0.81 12.29
CA ALA C 169 -3.57 -0.32 11.98
C ALA C 169 -3.83 1.02 12.64
N LEU C 170 -3.13 1.30 13.73
CA LEU C 170 -3.20 2.60 14.38
C LEU C 170 -2.84 3.76 13.45
N ASP C 171 -2.14 3.46 12.36
CA ASP C 171 -1.56 4.48 11.49
C ASP C 171 -2.53 4.81 10.35
N GLU C 172 -3.58 5.56 10.69
CA GLU C 172 -4.65 5.89 9.78
C GLU C 172 -4.18 6.70 8.59
N ARG C 173 -3.37 7.72 8.87
CA ARG C 173 -2.96 8.70 7.88
C ARG C 173 -2.69 8.08 6.50
N PRO C 174 -3.30 8.64 5.44
CA PRO C 174 -3.22 8.14 4.07
C PRO C 174 -1.80 7.82 3.66
N HIS C 175 -1.62 6.61 3.12
CA HIS C 175 -0.41 6.18 2.40
C HIS C 175 0.14 7.27 1.50
N PRO C 176 1.43 7.62 1.67
CA PRO C 176 1.93 8.87 1.06
C PRO C 176 1.89 8.87 -0.48
N GLU C 177 2.27 7.74 -1.09
CA GLU C 177 2.28 7.61 -2.54
C GLU C 177 0.86 7.37 -3.12
N CYS C 178 -0.15 7.34 -2.24
CA CYS C 178 -1.44 6.74 -2.59
C CYS C 178 -2.54 7.20 -1.61
N LYS C 179 -3.30 8.21 -2.00
CA LYS C 179 -4.13 8.97 -1.06
C LYS C 179 -5.31 8.17 -0.51
N ASP C 180 -5.65 7.08 -1.18
CA ASP C 180 -6.97 6.45 -0.99
C ASP C 180 -6.89 5.20 -0.11
N VAL C 181 -5.89 5.12 0.76
CA VAL C 181 -5.66 3.96 1.62
C VAL C 181 -4.91 4.44 2.84
N PRO C 182 -5.37 4.06 4.04
CA PRO C 182 -4.55 4.33 5.23
C PRO C 182 -3.28 3.51 5.21
N SER C 183 -2.17 4.11 5.62
CA SER C 183 -0.89 3.43 5.48
C SER C 183 -0.82 2.19 6.34
N GLY C 184 -1.48 2.22 7.49
CA GLY C 184 -1.57 1.05 8.35
C GLY C 184 -2.27 -0.13 7.71
N ILE C 185 -3.37 0.13 7.01
CA ILE C 185 -4.09 -0.94 6.33
C ILE C 185 -3.18 -1.56 5.27
N ALA C 186 -2.57 -0.71 4.45
CA ALA C 186 -1.66 -1.17 3.40
C ALA C 186 -0.44 -1.91 3.95
N LEU C 187 -0.08 -1.64 5.20
CA LEU C 187 1.03 -2.34 5.83
C LEU C 187 0.55 -3.68 6.37
N LEU C 188 -0.68 -3.69 6.84
CA LEU C 188 -1.31 -4.91 7.30
C LEU C 188 -1.26 -5.95 6.20
N LEU C 189 -1.81 -5.58 5.05
CA LEU C 189 -1.77 -6.40 3.85
C LEU C 189 -0.37 -6.96 3.63
N ASN C 190 0.60 -6.07 3.51
CA ASN C 190 1.95 -6.49 3.16
C ASN C 190 2.56 -7.35 4.25
N LEU C 191 2.15 -7.10 5.49
CA LEU C 191 2.56 -7.93 6.61
C LEU C 191 2.00 -9.35 6.50
N VAL C 192 0.75 -9.47 6.08
CA VAL C 192 0.16 -10.78 5.90
C VAL C 192 0.87 -11.56 4.77
N LYS C 193 1.16 -10.88 3.66
CA LYS C 193 1.88 -11.48 2.55
C LYS C 193 3.29 -11.88 2.97
N ALA C 194 3.96 -10.98 3.69
CA ALA C 194 5.36 -11.14 4.02
C ALA C 194 5.65 -12.39 4.87
N LEU C 195 4.66 -12.85 5.63
CA LEU C 195 4.81 -14.06 6.45
C LEU C 195 4.75 -15.34 5.61
N GLY C 196 4.34 -15.20 4.35
CA GLY C 196 4.45 -16.28 3.40
C GLY C 196 5.81 -16.24 2.77
N GLU C 197 6.06 -15.17 2.02
CA GLU C 197 7.40 -14.84 1.51
C GLU C 197 8.56 -15.28 2.41
N ALA C 198 8.37 -15.18 3.72
CA ALA C 198 9.40 -15.56 4.68
C ALA C 198 9.01 -16.85 5.39
N ASP C 199 7.81 -17.33 5.09
CA ASP C 199 7.28 -18.59 5.63
C ASP C 199 7.65 -18.81 7.09
N LEU C 200 6.97 -18.09 7.98
CA LEU C 200 7.20 -18.24 9.42
C LEU C 200 6.08 -19.00 10.12
N ARG C 201 4.88 -18.93 9.56
CA ARG C 201 3.73 -19.71 10.07
C ARG C 201 3.45 -19.40 11.54
N ILE C 202 3.48 -18.12 11.89
CA ILE C 202 3.42 -17.68 13.27
C ILE C 202 2.24 -16.69 13.45
N PRO C 203 1.34 -16.97 14.42
CA PRO C 203 0.12 -16.18 14.37
C PRO C 203 0.33 -14.68 14.53
N LEU C 204 -0.37 -13.91 13.72
CA LEU C 204 -0.29 -12.48 13.75
C LEU C 204 -1.52 -11.94 14.48
N TRP C 205 -1.27 -11.05 15.45
CA TRP C 205 -2.35 -10.35 16.14
C TRP C 205 -2.37 -8.91 15.78
N THR C 206 -3.55 -8.41 15.40
CA THR C 206 -3.70 -7.01 14.97
C THR C 206 -4.41 -6.17 16.04
N ILE C 207 -3.76 -5.09 16.49
CA ILE C 207 -4.31 -4.21 17.52
C ILE C 207 -4.94 -2.93 16.91
N THR C 208 -6.18 -2.61 17.26
CA THR C 208 -6.78 -1.32 16.87
C THR C 208 -7.27 -0.51 18.08
N ARG C 209 -7.59 0.76 17.88
CA ARG C 209 -8.12 1.53 18.96
C ARG C 209 -9.32 2.33 18.55
N GLY C 210 -10.50 1.81 18.82
CA GLY C 210 -11.74 2.50 18.46
C GLY C 210 -12.29 2.02 17.12
N ALA C 211 -11.96 0.79 16.73
CA ALA C 211 -12.46 0.24 15.47
C ALA C 211 -13.86 -0.34 15.59
N VAL C 212 -14.25 -0.71 16.82
CA VAL C 212 -15.56 -1.32 17.08
C VAL C 212 -16.30 -0.58 18.19
N LYS C 213 -17.63 -0.50 18.08
CA LYS C 213 -18.44 -0.14 19.22
C LYS C 213 -18.83 -1.38 19.97
N ALA C 214 -18.12 -1.65 21.06
CA ALA C 214 -18.30 -2.88 21.82
C ALA C 214 -19.29 -2.71 22.99
N GLY C 215 -19.83 -1.52 23.13
CA GLY C 215 -21.00 -1.30 23.97
C GLY C 215 -21.48 0.13 23.80
N PRO C 216 -22.61 0.47 24.43
CA PRO C 216 -22.79 1.91 24.54
C PRO C 216 -21.71 2.48 25.44
N ALA C 217 -21.43 3.77 25.29
CA ALA C 217 -20.30 4.41 26.00
C ALA C 217 -19.03 4.44 25.16
N ASP C 218 -18.90 3.53 24.21
CA ASP C 218 -17.85 3.68 23.24
C ASP C 218 -18.13 4.88 22.33
N ARG C 219 -17.26 5.88 22.42
CA ARG C 219 -17.37 7.11 21.60
C ARG C 219 -16.11 7.41 20.76
N LEU C 220 -14.99 6.75 21.06
CA LEU C 220 -13.78 6.75 20.20
C LEU C 220 -14.00 5.83 19.00
N LEU C 221 -14.49 6.37 17.90
CA LEU C 221 -14.84 5.54 16.76
C LEU C 221 -14.04 5.93 15.54
N ARG C 222 -13.27 4.97 15.04
CA ARG C 222 -12.20 5.21 14.07
C ARG C 222 -12.38 4.32 12.82
N PRO C 223 -13.25 4.75 11.89
CA PRO C 223 -13.63 3.98 10.71
C PRO C 223 -12.46 3.39 9.94
N MET C 224 -11.38 4.16 9.79
CA MET C 224 -10.28 3.70 8.99
C MET C 224 -9.75 2.42 9.59
N GLN C 225 -9.53 2.42 10.89
CA GLN C 225 -9.09 1.21 11.60
C GLN C 225 -10.08 0.03 11.43
N ALA C 226 -11.38 0.34 11.33
CA ALA C 226 -12.37 -0.72 11.04
C ALA C 226 -11.93 -1.62 9.87
N GLN C 227 -11.21 -1.04 8.93
CA GLN C 227 -10.72 -1.77 7.77
C GLN C 227 -9.79 -2.94 8.13
N ALA C 228 -9.00 -2.75 9.17
CA ALA C 228 -8.19 -3.83 9.67
C ALA C 228 -9.06 -5.05 9.93
N TRP C 229 -10.31 -4.83 10.33
CA TRP C 229 -11.15 -5.95 10.75
C TRP C 229 -11.84 -6.63 9.59
N GLY C 230 -12.38 -5.82 8.67
CA GLY C 230 -13.02 -6.37 7.50
C GLY C 230 -12.05 -7.30 6.83
N LEU C 231 -10.82 -6.84 6.73
CA LEU C 231 -9.76 -7.56 6.05
C LEU C 231 -9.22 -8.71 6.90
N GLY C 232 -9.08 -8.47 8.20
CA GLY C 232 -8.42 -9.42 9.09
C GLY C 232 -9.25 -10.66 9.28
N ARG C 233 -10.56 -10.47 9.34
CA ARG C 233 -11.47 -11.58 9.33
C ARG C 233 -11.20 -12.46 8.11
N VAL C 234 -11.01 -11.83 6.96
CA VAL C 234 -10.81 -12.56 5.72
C VAL C 234 -9.50 -13.29 5.75
N ALA C 235 -8.47 -12.64 6.29
CA ALA C 235 -7.16 -13.26 6.34
C ALA C 235 -7.19 -14.46 7.25
N ALA C 236 -8.14 -14.49 8.17
CA ALA C 236 -8.27 -15.65 9.03
C ALA C 236 -8.76 -16.83 8.24
N LEU C 237 -9.63 -16.58 7.27
CA LEU C 237 -10.12 -17.65 6.40
C LEU C 237 -9.07 -18.12 5.39
N GLU C 238 -8.28 -17.20 4.88
CA GLU C 238 -7.31 -17.53 3.83
C GLU C 238 -5.99 -18.09 4.36
N HIS C 239 -5.57 -17.64 5.55
CA HIS C 239 -4.33 -18.15 6.17
C HIS C 239 -4.49 -18.34 7.67
N PRO C 240 -5.32 -19.32 8.07
CA PRO C 240 -5.39 -19.67 9.50
C PRO C 240 -4.00 -19.88 10.10
N GLU C 241 -3.18 -20.67 9.42
CA GLU C 241 -1.73 -20.78 9.67
C GLU C 241 -1.11 -19.49 10.23
N ARG C 242 -1.56 -18.34 9.74
CA ARG C 242 -0.81 -17.08 9.87
C ARG C 242 -1.48 -16.04 10.80
N TRP C 243 -2.64 -16.37 11.35
CA TRP C 243 -3.52 -15.35 11.91
C TRP C 243 -3.95 -15.65 13.31
N GLY C 244 -3.65 -14.73 14.22
CA GLY C 244 -4.00 -14.89 15.62
C GLY C 244 -5.40 -14.39 15.89
N GLY C 245 -5.62 -13.09 15.69
CA GLY C 245 -6.94 -12.53 15.85
C GLY C 245 -6.87 -11.04 15.89
N LEU C 246 -8.02 -10.40 16.13
CA LEU C 246 -8.12 -8.95 16.20
C LEU C 246 -8.40 -8.52 17.63
N ILE C 247 -7.82 -7.40 18.07
CA ILE C 247 -8.13 -6.85 19.41
C ILE C 247 -8.21 -5.33 19.42
N ASP C 248 -9.35 -4.82 19.87
CA ASP C 248 -9.59 -3.41 19.92
C ASP C 248 -9.42 -2.86 21.34
N LEU C 249 -8.73 -1.72 21.41
CA LEU C 249 -8.30 -1.10 22.64
C LEU C 249 -9.25 0.05 22.98
N PRO C 250 -9.42 0.33 24.26
CA PRO C 250 -10.31 1.43 24.63
C PRO C 250 -9.68 2.80 24.46
N ASP C 251 -10.53 3.82 24.52
CA ASP C 251 -10.12 5.20 24.50
C ASP C 251 -9.26 5.50 25.72
N SER C 252 -9.85 5.28 26.90
CA SER C 252 -9.20 5.59 28.18
C SER C 252 -8.52 4.35 28.72
N LEU C 253 -7.35 4.52 29.35
CA LEU C 253 -6.57 3.37 29.86
C LEU C 253 -6.56 3.32 31.39
N ASP C 254 -7.61 3.88 31.99
CA ASP C 254 -7.79 3.92 33.45
C ASP C 254 -8.13 2.55 34.06
N GLY C 255 -8.14 2.49 35.40
CA GLY C 255 -8.38 1.25 36.14
C GLY C 255 -7.33 0.17 35.86
N ASP C 256 -6.22 0.58 35.24
CA ASP C 256 -5.17 -0.33 34.72
C ASP C 256 -5.68 -1.36 33.69
N VAL C 257 -6.35 -0.86 32.66
CA VAL C 257 -7.09 -1.70 31.74
C VAL C 257 -6.23 -2.72 30.96
N LEU C 258 -5.11 -2.24 30.40
CA LEU C 258 -4.14 -3.09 29.67
C LEU C 258 -3.64 -4.36 30.34
N THR C 259 -3.86 -4.48 31.65
CA THR C 259 -3.58 -5.73 32.34
C THR C 259 -4.14 -6.81 31.45
N ARG C 260 -5.39 -6.66 31.09
CA ARG C 260 -6.12 -7.76 30.50
C ARG C 260 -5.91 -7.95 28.98
N LEU C 261 -4.98 -7.19 28.39
CA LEU C 261 -4.55 -7.47 27.02
C LEU C 261 -3.77 -8.79 26.91
N GLY C 262 -2.94 -9.07 27.90
CA GLY C 262 -2.11 -10.26 27.89
C GLY C 262 -2.91 -11.54 28.14
N GLU C 263 -4.04 -11.40 28.81
CA GLU C 263 -4.91 -12.55 28.99
C GLU C 263 -5.81 -12.76 27.77
N ALA C 264 -6.12 -11.66 27.09
CA ALA C 264 -6.87 -11.73 25.82
C ALA C 264 -6.04 -12.23 24.64
N LEU C 265 -4.72 -12.00 24.69
CA LEU C 265 -3.82 -12.53 23.66
C LEU C 265 -3.58 -14.03 23.82
N THR C 266 -3.71 -14.51 25.05
CA THR C 266 -3.41 -15.90 25.36
C THR C 266 -4.62 -16.55 26.02
N ASN C 267 -5.71 -16.66 25.25
CA ASN C 267 -6.95 -17.26 25.74
C ASN C 267 -7.01 -18.79 25.64
N GLY C 268 -6.59 -19.34 24.51
CA GLY C 268 -6.82 -20.75 24.22
C GLY C 268 -8.30 -21.15 24.24
N LEU C 269 -9.16 -20.20 24.60
CA LEU C 269 -10.63 -20.35 24.45
C LEU C 269 -11.00 -20.21 22.98
N ALA C 270 -9.99 -20.01 22.15
CA ALA C 270 -10.22 -19.71 20.76
C ALA C 270 -11.21 -18.57 20.64
N GLU C 271 -10.86 -17.43 21.22
CA GLU C 271 -11.37 -16.16 20.71
C GLU C 271 -10.31 -15.48 19.88
N ASP C 272 -10.76 -14.70 18.91
CA ASP C 272 -9.89 -14.04 17.97
C ASP C 272 -10.49 -12.70 17.53
N GLN C 273 -11.69 -12.43 18.03
CA GLN C 273 -12.32 -11.14 17.81
C GLN C 273 -12.76 -10.51 19.14
N LEU C 274 -11.86 -9.68 19.68
CA LEU C 274 -11.95 -9.16 21.06
C LEU C 274 -11.91 -7.62 21.14
N ALA C 275 -12.69 -7.07 22.06
CA ALA C 275 -12.47 -5.72 22.55
C ALA C 275 -12.08 -5.74 24.02
N ILE C 276 -11.18 -4.85 24.39
CA ILE C 276 -10.86 -4.68 25.77
C ILE C 276 -11.43 -3.38 26.30
N ARG C 277 -12.28 -3.52 27.31
CA ARG C 277 -13.01 -2.38 27.84
C ARG C 277 -12.95 -2.39 29.36
N GLN C 278 -13.45 -1.32 29.99
CA GLN C 278 -13.36 -1.15 31.44
C GLN C 278 -14.20 -2.21 32.14
N SER C 279 -15.30 -2.58 31.49
CA SER C 279 -16.19 -3.64 31.95
C SER C 279 -15.70 -5.05 31.58
N GLY C 280 -14.49 -5.16 31.05
CA GLY C 280 -13.90 -6.47 30.84
C GLY C 280 -13.46 -6.74 29.41
N VAL C 281 -12.88 -7.92 29.22
CA VAL C 281 -12.62 -8.49 27.90
C VAL C 281 -13.93 -9.00 27.24
N LEU C 282 -14.20 -8.55 26.02
CA LEU C 282 -15.44 -8.92 25.31
C LEU C 282 -15.18 -9.62 23.94
N ALA C 283 -16.05 -10.56 23.59
CA ALA C 283 -15.83 -11.36 22.38
C ALA C 283 -16.95 -11.07 21.45
N ARG C 284 -16.62 -11.03 20.16
CA ARG C 284 -17.56 -10.69 19.11
C ARG C 284 -18.47 -11.87 18.80
N ARG C 285 -19.79 -11.61 18.81
CA ARG C 285 -20.82 -12.62 18.49
C ARG C 285 -21.77 -12.05 17.43
N LEU C 286 -22.19 -12.89 16.47
CA LEU C 286 -23.35 -12.57 15.64
C LEU C 286 -24.61 -13.14 16.26
N VAL C 287 -25.67 -12.34 16.28
CA VAL C 287 -26.84 -12.66 17.09
C VAL C 287 -28.09 -12.40 16.29
N PRO C 288 -29.01 -13.37 16.29
CA PRO C 288 -30.25 -13.11 15.60
C PRO C 288 -30.89 -11.87 16.16
N ALA C 289 -31.38 -11.00 15.29
CA ALA C 289 -32.03 -9.78 15.76
C ALA C 289 -33.50 -9.69 15.34
N PRO C 290 -34.35 -10.63 15.80
CA PRO C 290 -35.76 -10.41 15.47
C PRO C 290 -36.21 -9.03 15.95
N ALA C 291 -36.99 -8.34 15.13
CA ALA C 291 -37.51 -7.03 15.52
C ALA C 291 -38.61 -7.17 16.57
N ASN C 292 -38.46 -6.46 17.70
CA ASN C 292 -39.55 -6.29 18.67
C ASN C 292 -40.59 -5.28 18.19
N GLN C 293 -41.37 -5.67 17.19
CA GLN C 293 -42.32 -4.77 16.54
C GLN C 293 -43.41 -4.30 17.50
N PRO C 294 -44.09 -3.19 17.17
CA PRO C 294 -43.92 -2.49 15.91
C PRO C 294 -43.05 -1.25 16.05
N ALA C 295 -42.59 -0.72 14.91
CA ALA C 295 -41.71 0.44 14.90
C ALA C 295 -42.48 1.70 15.29
N GLY C 296 -41.75 2.73 15.69
CA GLY C 296 -42.36 3.99 16.11
C GLY C 296 -42.40 5.03 15.01
N ARG C 297 -42.91 4.63 13.84
CA ARG C 297 -42.97 5.51 12.65
C ARG C 297 -42.90 4.69 11.35
N LYS C 298 -43.58 5.18 10.32
CA LYS C 298 -43.39 4.64 8.98
C LYS C 298 -42.53 5.61 8.19
N TRP C 299 -41.28 5.21 7.92
CA TRP C 299 -40.33 6.12 7.31
C TRP C 299 -40.75 6.56 5.93
N ARG C 300 -40.70 7.86 5.69
CA ARG C 300 -41.08 8.44 4.39
C ARG C 300 -40.13 9.58 4.06
N PRO C 301 -39.80 9.74 2.76
CA PRO C 301 -38.93 10.83 2.29
C PRO C 301 -39.64 12.19 2.28
N ARG C 302 -39.09 13.16 3.00
CA ARG C 302 -39.58 14.54 2.93
C ARG C 302 -39.38 15.14 1.53
N GLY C 303 -38.15 15.58 1.26
CA GLY C 303 -37.85 16.22 -0.02
C GLY C 303 -37.22 15.28 -1.02
N SER C 304 -36.20 15.75 -1.73
CA SER C 304 -35.45 14.95 -2.71
C SER C 304 -34.66 13.80 -2.04
N ALA C 305 -34.51 12.70 -2.76
CA ALA C 305 -33.61 11.62 -2.33
C ALA C 305 -32.49 11.38 -3.34
N LEU C 306 -31.33 10.97 -2.86
CA LEU C 306 -30.23 10.72 -3.77
C LEU C 306 -29.65 9.31 -3.63
N ILE C 307 -29.47 8.63 -4.74
CA ILE C 307 -28.83 7.34 -4.71
C ILE C 307 -27.53 7.31 -5.51
N THR C 308 -26.43 7.13 -4.82
CA THR C 308 -25.17 6.97 -5.50
C THR C 308 -25.02 5.52 -5.98
N GLY C 309 -24.54 5.36 -7.21
CA GLY C 309 -24.48 4.04 -7.81
C GLY C 309 -25.88 3.66 -8.16
N GLY C 310 -26.73 4.70 -8.24
CA GLY C 310 -28.15 4.56 -8.52
C GLY C 310 -28.58 3.87 -9.83
N LEU C 311 -27.65 3.68 -10.75
CA LEU C 311 -27.95 2.88 -11.94
C LEU C 311 -27.41 1.43 -11.88
N GLY C 312 -26.96 1.01 -10.70
CA GLY C 312 -26.61 -0.38 -10.44
C GLY C 312 -27.84 -1.22 -10.13
N ALA C 313 -27.64 -2.50 -9.88
CA ALA C 313 -28.77 -3.41 -9.68
C ALA C 313 -29.56 -3.05 -8.41
N VAL C 314 -28.84 -2.72 -7.34
CA VAL C 314 -29.49 -2.50 -6.05
C VAL C 314 -30.16 -1.14 -6.02
N GLY C 315 -29.39 -0.09 -6.32
CA GLY C 315 -29.92 1.28 -6.35
C GLY C 315 -31.16 1.41 -7.21
N ALA C 316 -31.24 0.61 -8.27
CA ALA C 316 -32.40 0.64 -9.16
C ALA C 316 -33.68 0.17 -8.46
N GLN C 317 -33.54 -0.82 -7.57
CA GLN C 317 -34.66 -1.32 -6.75
C GLN C 317 -35.06 -0.29 -5.72
N VAL C 318 -34.05 0.29 -5.06
CA VAL C 318 -34.24 1.24 -3.99
C VAL C 318 -34.95 2.44 -4.56
N ALA C 319 -34.52 2.81 -5.77
CA ALA C 319 -35.15 3.89 -6.55
C ALA C 319 -36.64 3.65 -6.80
N ARG C 320 -36.97 2.47 -7.33
CA ARG C 320 -38.36 2.01 -7.44
C ARG C 320 -39.09 2.12 -6.12
N TRP C 321 -38.51 1.56 -5.07
CA TRP C 321 -39.12 1.56 -3.76
C TRP C 321 -39.35 2.98 -3.31
N LEU C 322 -38.32 3.80 -3.42
CA LEU C 322 -38.46 5.21 -3.10
C LEU C 322 -39.65 5.84 -3.80
N ALA C 323 -39.77 5.60 -5.11
CA ALA C 323 -40.84 6.19 -5.91
C ALA C 323 -42.21 5.73 -5.40
N GLU C 324 -42.30 4.45 -5.07
CA GLU C 324 -43.56 3.82 -4.68
C GLU C 324 -44.12 4.42 -3.39
N ILE C 325 -43.25 4.68 -2.43
CA ILE C 325 -43.70 5.30 -1.21
C ILE C 325 -43.64 6.83 -1.29
N GLY C 326 -43.44 7.34 -2.50
CA GLY C 326 -43.94 8.67 -2.87
C GLY C 326 -42.91 9.80 -2.82
N ALA C 327 -41.64 9.44 -2.99
CA ALA C 327 -40.57 10.42 -3.13
C ALA C 327 -40.88 11.49 -4.19
N GLU C 328 -40.70 12.75 -3.81
CA GLU C 328 -40.97 13.87 -4.72
C GLU C 328 -40.01 13.82 -5.90
N ARG C 329 -38.79 13.35 -5.64
CA ARG C 329 -37.74 13.32 -6.68
C ARG C 329 -36.56 12.41 -6.33
N ILE C 330 -36.13 11.64 -7.32
CA ILE C 330 -35.00 10.74 -7.16
C ILE C 330 -33.82 11.12 -8.05
N VAL C 331 -32.64 11.17 -7.46
CA VAL C 331 -31.43 11.64 -8.12
C VAL C 331 -30.45 10.47 -8.15
N LEU C 332 -30.10 10.02 -9.35
CA LEU C 332 -29.27 8.83 -9.50
C LEU C 332 -27.94 9.19 -10.15
N THR C 333 -26.87 9.00 -9.40
CA THR C 333 -25.54 9.35 -9.86
C THR C 333 -24.79 8.07 -10.18
N SER C 334 -23.67 8.22 -10.87
CA SER C 334 -22.88 7.10 -11.38
C SER C 334 -21.88 7.79 -12.27
N ARG C 335 -20.73 7.16 -12.50
CA ARG C 335 -19.74 7.77 -13.40
C ARG C 335 -20.19 7.83 -14.87
N ARG C 336 -21.09 6.93 -15.28
CA ARG C 336 -21.67 6.97 -16.64
C ARG C 336 -22.91 7.87 -16.71
N GLY C 337 -23.79 7.74 -15.72
CA GLY C 337 -24.95 8.60 -15.60
C GLY C 337 -25.99 8.27 -16.65
N ASN C 338 -26.29 9.24 -17.52
CA ASN C 338 -27.31 9.06 -18.55
C ASN C 338 -26.94 8.05 -19.62
N GLN C 339 -25.73 7.52 -19.54
CA GLN C 339 -25.23 6.60 -20.54
C GLN C 339 -25.07 5.18 -19.99
N ALA C 340 -25.44 4.96 -18.74
CA ALA C 340 -25.49 3.59 -18.21
C ALA C 340 -26.52 2.78 -18.98
N ALA C 341 -26.15 1.54 -19.28
CA ALA C 341 -27.08 0.58 -19.85
C ALA C 341 -28.38 0.53 -19.06
N GLY C 342 -29.47 0.96 -19.69
CA GLY C 342 -30.80 0.81 -19.12
C GLY C 342 -31.29 2.05 -18.42
N ALA C 343 -30.49 3.12 -18.45
CA ALA C 343 -30.86 4.40 -17.84
C ALA C 343 -32.25 4.92 -18.28
N ALA C 344 -32.42 5.12 -19.59
CA ALA C 344 -33.69 5.64 -20.15
C ALA C 344 -34.90 4.82 -19.71
N GLU C 345 -34.76 3.50 -19.71
CA GLU C 345 -35.83 2.60 -19.36
C GLU C 345 -36.10 2.63 -17.83
N LEU C 346 -35.09 2.97 -17.04
CA LEU C 346 -35.29 3.07 -15.61
C LEU C 346 -35.89 4.42 -15.20
N GLU C 347 -35.51 5.48 -15.90
CA GLU C 347 -36.17 6.76 -15.73
C GLU C 347 -37.68 6.63 -15.99
N ALA C 348 -38.01 5.95 -17.08
CA ALA C 348 -39.40 5.71 -17.48
C ALA C 348 -40.20 4.94 -16.44
N GLU C 349 -39.61 3.88 -15.88
CA GLU C 349 -40.31 3.11 -14.84
C GLU C 349 -40.61 4.02 -13.67
N LEU C 350 -39.66 4.91 -13.37
CA LEU C 350 -39.75 5.76 -12.20
C LEU C 350 -40.74 6.90 -12.40
N ARG C 351 -40.69 7.53 -13.57
CA ARG C 351 -41.58 8.65 -13.85
C ARG C 351 -43.05 8.23 -13.80
N ALA C 352 -43.33 7.02 -14.27
CA ALA C 352 -44.68 6.47 -14.23
C ALA C 352 -45.20 6.14 -12.81
N LEU C 353 -44.32 5.84 -11.87
CA LEU C 353 -44.74 5.61 -10.48
C LEU C 353 -45.08 6.91 -9.73
N GLY C 354 -44.80 8.05 -10.35
CA GLY C 354 -45.21 9.35 -9.81
C GLY C 354 -44.06 10.26 -9.40
N ALA C 355 -42.83 9.91 -9.81
CA ALA C 355 -41.63 10.60 -9.32
C ALA C 355 -40.96 11.46 -10.39
N GLN C 356 -40.26 12.50 -9.94
CA GLN C 356 -39.32 13.25 -10.77
C GLN C 356 -37.92 12.63 -10.73
N VAL C 357 -37.26 12.58 -11.88
CA VAL C 357 -35.97 11.90 -11.98
C VAL C 357 -34.87 12.83 -12.43
N SER C 358 -33.67 12.56 -11.95
CA SER C 358 -32.49 13.27 -12.38
C SER C 358 -31.31 12.32 -12.34
N ILE C 359 -30.88 11.90 -13.51
CA ILE C 359 -29.72 11.05 -13.64
C ILE C 359 -28.50 11.90 -13.93
N VAL C 360 -27.49 11.81 -13.08
CA VAL C 360 -26.28 12.61 -13.23
C VAL C 360 -25.01 11.77 -13.31
N ALA C 361 -24.15 12.13 -14.26
CA ALA C 361 -22.79 11.65 -14.30
C ALA C 361 -21.99 12.42 -13.28
N CYS C 362 -21.60 11.74 -12.21
CA CYS C 362 -20.83 12.35 -11.14
C CYS C 362 -20.10 11.30 -10.30
N ASP C 363 -18.81 11.51 -10.09
CA ASP C 363 -18.02 10.65 -9.20
C ASP C 363 -18.45 10.90 -7.79
N VAL C 364 -18.65 9.84 -7.00
CA VAL C 364 -18.88 10.05 -5.55
C VAL C 364 -17.72 10.68 -4.84
N THR C 365 -16.51 10.32 -5.25
CA THR C 365 -15.28 10.73 -4.55
C THR C 365 -14.89 12.18 -4.83
N ASP C 366 -15.72 12.87 -5.62
CA ASP C 366 -15.47 14.25 -6.02
C ASP C 366 -16.28 15.21 -5.15
N ARG C 367 -15.61 15.85 -4.20
CA ARG C 367 -16.25 16.81 -3.29
C ARG C 367 -17.12 17.84 -4.04
N ALA C 368 -16.51 18.56 -4.99
CA ALA C 368 -17.14 19.72 -5.61
C ALA C 368 -18.43 19.35 -6.37
N GLU C 369 -18.33 18.36 -7.25
CA GLU C 369 -19.50 17.82 -7.94
C GLU C 369 -20.61 17.47 -6.94
N MET C 370 -20.29 16.62 -5.96
CA MET C 370 -21.27 16.23 -4.95
C MET C 370 -21.79 17.43 -4.15
N SER C 371 -20.88 18.30 -3.70
CA SER C 371 -21.27 19.58 -3.07
C SER C 371 -22.47 20.15 -3.79
N ALA C 372 -22.19 20.64 -5.00
CA ALA C 372 -23.16 21.33 -5.85
C ALA C 372 -24.39 20.47 -6.17
N LEU C 373 -24.16 19.16 -6.28
CA LEU C 373 -25.24 18.20 -6.54
C LEU C 373 -26.29 18.15 -5.42
N LEU C 374 -25.83 18.21 -4.16
CA LEU C 374 -26.75 18.14 -2.99
C LEU C 374 -27.36 19.51 -2.71
N ALA C 375 -26.64 20.56 -3.06
CA ALA C 375 -27.17 21.91 -3.04
C ALA C 375 -27.57 22.32 -4.44
N GLU C 376 -28.46 21.54 -5.04
CA GLU C 376 -29.03 21.86 -6.34
C GLU C 376 -30.34 21.10 -6.44
N PHE C 377 -30.54 20.20 -5.49
CA PHE C 377 -31.79 19.48 -5.35
C PHE C 377 -32.25 19.45 -3.89
N ASP C 378 -31.47 20.10 -3.01
CA ASP C 378 -31.77 20.16 -1.58
C ASP C 378 -32.14 18.77 -1.00
N VAL C 379 -31.23 17.80 -1.12
CA VAL C 379 -31.60 16.41 -0.83
C VAL C 379 -31.74 16.13 0.64
N THR C 380 -32.73 15.31 0.96
CA THR C 380 -33.11 15.11 2.34
C THR C 380 -32.80 13.70 2.83
N ALA C 381 -32.53 12.79 1.90
CA ALA C 381 -32.20 11.41 2.26
C ALA C 381 -31.21 10.77 1.27
N VAL C 382 -30.18 10.14 1.79
CA VAL C 382 -29.04 9.76 0.98
C VAL C 382 -28.85 8.24 1.04
N PHE C 383 -28.64 7.63 -0.12
CA PHE C 383 -28.43 6.21 -0.21
C PHE C 383 -27.13 5.91 -0.95
N HIS C 384 -26.18 5.30 -0.26
CA HIS C 384 -24.84 5.15 -0.82
C HIS C 384 -24.61 3.73 -1.33
N ALA C 385 -24.89 3.53 -2.61
CA ALA C 385 -24.71 2.24 -3.23
C ALA C 385 -23.50 2.21 -4.17
N ALA C 386 -22.81 3.34 -4.29
CA ALA C 386 -21.69 3.37 -5.18
C ALA C 386 -20.67 2.39 -4.64
N GLY C 387 -20.40 1.34 -5.39
CA GLY C 387 -19.51 0.28 -4.94
C GLY C 387 -18.78 -0.44 -6.06
N VAL C 388 -17.88 -1.34 -5.68
CA VAL C 388 -17.18 -2.21 -6.63
C VAL C 388 -16.89 -3.53 -5.90
N GLY C 389 -17.18 -4.65 -6.54
CA GLY C 389 -16.84 -5.95 -5.99
C GLY C 389 -15.78 -6.64 -6.80
N ARG C 390 -14.93 -7.42 -6.16
CA ARG C 390 -14.38 -8.61 -6.78
C ARG C 390 -13.95 -9.69 -5.82
N LEU C 391 -13.58 -10.82 -6.39
CA LEU C 391 -13.06 -11.96 -5.65
C LEU C 391 -11.60 -11.99 -5.97
N LEU C 392 -10.77 -11.71 -4.99
CA LEU C 392 -9.34 -11.61 -5.21
C LEU C 392 -8.62 -11.94 -3.91
N PRO C 393 -7.94 -13.09 -3.86
CA PRO C 393 -7.24 -13.51 -2.66
C PRO C 393 -6.27 -12.43 -2.16
N LEU C 394 -6.16 -12.30 -0.85
CA LEU C 394 -5.21 -11.40 -0.23
C LEU C 394 -3.85 -11.56 -0.87
N ALA C 395 -3.47 -12.81 -1.11
CA ALA C 395 -2.15 -13.15 -1.64
C ALA C 395 -1.84 -12.43 -2.95
N GLU C 396 -2.89 -11.97 -3.64
CA GLU C 396 -2.72 -11.31 -4.93
C GLU C 396 -3.20 -9.86 -4.90
N THR C 397 -3.72 -9.44 -3.75
CA THR C 397 -4.17 -8.07 -3.57
C THR C 397 -2.97 -7.16 -3.27
N ASP C 398 -2.75 -6.17 -4.14
CA ASP C 398 -1.81 -5.09 -3.85
C ASP C 398 -2.54 -3.83 -3.38
N GLN C 399 -1.78 -2.79 -3.01
CA GLN C 399 -2.39 -1.52 -2.57
C GLN C 399 -3.36 -0.87 -3.58
N ASN C 400 -2.96 -0.75 -4.84
CA ASN C 400 -3.83 -0.13 -5.83
C ASN C 400 -5.06 -0.97 -6.17
N GLY C 401 -5.01 -2.27 -5.89
CA GLY C 401 -6.21 -3.09 -5.89
C GLY C 401 -7.10 -2.74 -4.71
N LEU C 402 -6.52 -2.78 -3.52
CA LEU C 402 -7.15 -2.21 -2.34
C LEU C 402 -7.85 -0.91 -2.66
N ALA C 403 -7.10 0.02 -3.23
CA ALA C 403 -7.61 1.35 -3.55
C ALA C 403 -8.76 1.31 -4.59
N GLU C 404 -8.56 0.55 -5.67
CA GLU C 404 -9.60 0.25 -6.67
C GLU C 404 -10.94 -0.07 -6.01
N ILE C 405 -10.91 -1.06 -5.10
CA ILE C 405 -12.12 -1.62 -4.50
C ILE C 405 -12.74 -0.69 -3.45
N CYS C 406 -11.88 0.03 -2.73
CA CYS C 406 -12.32 0.84 -1.60
C CYS C 406 -12.79 2.23 -2.00
N ALA C 407 -12.23 2.74 -3.11
CA ALA C 407 -12.37 4.15 -3.43
C ALA C 407 -13.81 4.65 -3.31
N ALA C 408 -14.68 4.21 -4.20
CA ALA C 408 -16.02 4.80 -4.28
C ALA C 408 -16.81 4.58 -3.00
N LYS C 409 -16.73 3.36 -2.48
CA LYS C 409 -17.47 2.99 -1.26
C LYS C 409 -17.05 3.85 -0.06
N VAL C 410 -15.74 3.88 0.21
CA VAL C 410 -15.17 4.54 1.39
C VAL C 410 -15.06 6.05 1.20
N ARG C 411 -14.27 6.47 0.21
CA ARG C 411 -14.07 7.88 -0.03
C ARG C 411 -15.39 8.59 -0.30
N GLY C 412 -16.25 7.99 -1.13
CA GLY C 412 -17.60 8.52 -1.36
C GLY C 412 -18.43 8.65 -0.10
N ALA C 413 -18.33 7.65 0.77
CA ALA C 413 -18.96 7.73 2.09
C ALA C 413 -18.48 8.93 2.91
N GLN C 414 -17.16 9.11 2.96
CA GLN C 414 -16.61 10.31 3.59
C GLN C 414 -17.15 11.59 2.96
N VAL C 415 -17.22 11.63 1.64
CA VAL C 415 -17.68 12.84 1.00
C VAL C 415 -19.09 13.17 1.45
N LEU C 416 -19.94 12.15 1.48
CA LEU C 416 -21.32 12.30 1.93
C LEU C 416 -21.42 12.63 3.40
N ASP C 417 -20.56 12.00 4.20
CA ASP C 417 -20.37 12.38 5.60
C ASP C 417 -20.04 13.90 5.81
N GLU C 418 -19.12 14.43 5.02
CA GLU C 418 -18.65 15.82 5.19
C GLU C 418 -19.70 16.84 4.75
N LEU C 419 -20.60 16.45 3.85
CA LEU C 419 -21.55 17.41 3.28
C LEU C 419 -22.93 17.30 3.93
N CYS C 420 -23.17 16.18 4.59
CA CYS C 420 -24.33 16.05 5.43
C CYS C 420 -23.94 16.24 6.88
N ASP C 421 -23.79 17.49 7.28
CA ASP C 421 -23.24 17.82 8.59
C ASP C 421 -24.33 18.19 9.61
N SER C 422 -25.59 18.17 9.17
CA SER C 422 -26.68 18.61 10.02
C SER C 422 -27.70 17.50 10.24
N THR C 423 -28.72 17.80 11.03
CA THR C 423 -29.68 16.77 11.45
C THR C 423 -31.05 16.88 10.76
N ASP C 424 -31.19 17.85 9.84
CA ASP C 424 -32.40 17.94 9.00
C ASP C 424 -32.47 16.82 7.94
N LEU C 425 -31.37 16.06 7.80
CA LEU C 425 -31.35 14.83 7.00
C LEU C 425 -32.31 13.83 7.60
N ASP C 426 -33.08 13.15 6.76
CA ASP C 426 -34.07 12.16 7.22
C ASP C 426 -33.45 10.76 7.29
N ALA C 427 -32.28 10.60 6.68
CA ALA C 427 -31.74 9.28 6.39
C ALA C 427 -30.33 9.36 5.81
N PHE C 428 -29.47 8.48 6.27
CA PHE C 428 -28.14 8.36 5.72
C PHE C 428 -27.76 6.89 5.65
N VAL C 429 -28.03 6.27 4.50
CA VAL C 429 -27.98 4.83 4.41
C VAL C 429 -26.78 4.35 3.63
N LEU C 430 -25.96 3.53 4.27
CA LEU C 430 -24.83 2.93 3.59
C LEU C 430 -25.12 1.48 3.31
N PHE C 431 -25.00 1.09 2.05
CA PHE C 431 -25.29 -0.26 1.67
C PHE C 431 -24.06 -1.12 1.84
N SER C 432 -23.97 -1.81 2.95
CA SER C 432 -22.78 -2.57 3.23
C SER C 432 -22.98 -4.06 2.92
N SER C 433 -22.17 -4.92 3.53
CA SER C 433 -22.09 -6.28 3.07
C SER C 433 -21.62 -7.25 4.18
N GLY C 434 -22.17 -8.46 4.18
CA GLY C 434 -21.79 -9.47 5.16
C GLY C 434 -20.34 -9.94 5.00
N ALA C 435 -19.76 -9.64 3.83
CA ALA C 435 -18.35 -9.85 3.60
C ALA C 435 -17.54 -9.10 4.63
N GLY C 436 -18.12 -8.01 5.11
CA GLY C 436 -17.42 -7.08 5.99
C GLY C 436 -17.80 -7.26 7.45
N VAL C 437 -18.74 -8.17 7.68
CA VAL C 437 -19.19 -8.46 9.01
C VAL C 437 -18.74 -9.84 9.44
N TRP C 438 -18.74 -10.81 8.52
CA TRP C 438 -18.13 -12.11 8.84
C TRP C 438 -17.00 -12.52 7.96
N GLY C 439 -16.94 -11.96 6.75
CA GLY C 439 -15.96 -12.38 5.75
C GLY C 439 -16.36 -13.59 4.91
N GLY C 440 -15.79 -13.68 3.71
CA GLY C 440 -15.66 -14.94 2.98
C GLY C 440 -14.34 -14.93 2.26
N GLY C 441 -13.88 -16.08 1.78
CA GLY C 441 -12.68 -16.17 0.94
C GLY C 441 -12.78 -15.27 -0.28
N GLY C 442 -11.72 -14.51 -0.55
CA GLY C 442 -11.64 -13.71 -1.76
C GLY C 442 -12.12 -12.28 -1.58
N GLN C 443 -12.51 -11.94 -0.37
CA GLN C 443 -13.13 -10.64 -0.15
C GLN C 443 -12.38 -9.74 0.84
N GLY C 444 -11.05 -9.91 0.93
CA GLY C 444 -10.24 -9.09 1.81
C GLY C 444 -10.48 -7.60 1.67
N ALA C 445 -10.41 -7.11 0.44
CA ALA C 445 -10.49 -5.68 0.16
C ALA C 445 -11.93 -5.18 0.27
N TYR C 446 -12.86 -5.96 -0.27
CA TYR C 446 -14.27 -5.61 -0.25
C TYR C 446 -14.78 -5.65 1.20
N GLY C 447 -14.20 -6.55 1.99
CA GLY C 447 -14.57 -6.70 3.39
C GLY C 447 -14.07 -5.51 4.20
N ALA C 448 -12.86 -5.08 3.93
CA ALA C 448 -12.33 -3.86 4.53
C ALA C 448 -13.21 -2.67 4.19
N ALA C 449 -13.62 -2.57 2.94
CA ALA C 449 -14.44 -1.45 2.50
C ALA C 449 -15.78 -1.33 3.25
N ASN C 450 -16.42 -2.46 3.51
CA ASN C 450 -17.71 -2.47 4.22
C ASN C 450 -17.62 -2.34 5.74
N ALA C 451 -16.69 -3.04 6.36
CA ALA C 451 -16.44 -2.83 7.78
C ALA C 451 -16.28 -1.34 8.12
N PHE C 452 -15.59 -0.61 7.25
CA PHE C 452 -15.48 0.83 7.41
C PHE C 452 -16.87 1.49 7.50
N LEU C 453 -17.79 1.03 6.66
CA LEU C 453 -19.13 1.61 6.59
C LEU C 453 -19.85 1.49 7.92
N ASP C 454 -19.72 0.33 8.56
CA ASP C 454 -20.43 0.07 9.81
C ASP C 454 -19.93 1.04 10.87
N THR C 455 -18.61 1.14 11.01
CA THR C 455 -18.07 2.01 12.04
C THR C 455 -18.40 3.45 11.76
N LEU C 456 -18.45 3.82 10.49
CA LEU C 456 -18.75 5.20 10.14
C LEU C 456 -20.16 5.58 10.58
N ALA C 457 -21.12 4.70 10.29
CA ALA C 457 -22.49 4.88 10.76
C ALA C 457 -22.55 5.12 12.26
N GLU C 458 -21.83 4.29 13.03
CA GLU C 458 -21.68 4.48 14.48
C GLU C 458 -20.99 5.78 14.84
N GLN C 459 -19.98 6.16 14.07
CA GLN C 459 -19.34 7.44 14.31
C GLN C 459 -20.28 8.63 14.07
N ARG C 460 -21.07 8.57 13.00
CA ARG C 460 -22.03 9.66 12.74
C ARG C 460 -23.02 9.77 13.88
N ARG C 461 -23.44 8.63 14.44
CA ARG C 461 -24.41 8.66 15.55
C ARG C 461 -23.82 9.27 16.81
N ALA C 462 -22.55 9.03 17.05
CA ALA C 462 -21.94 9.53 18.28
C ALA C 462 -21.85 11.06 18.28
N ARG C 463 -21.91 11.67 17.09
CA ARG C 463 -21.90 13.12 16.95
C ARG C 463 -23.33 13.68 16.86
N GLY C 464 -24.31 12.78 17.01
CA GLY C 464 -25.71 13.15 16.94
C GLY C 464 -26.25 13.32 15.52
N LEU C 465 -25.72 12.52 14.58
CA LEU C 465 -26.21 12.55 13.19
C LEU C 465 -26.80 11.19 12.74
N PRO C 466 -27.93 11.22 12.03
CA PRO C 466 -28.55 9.97 11.59
C PRO C 466 -27.63 9.17 10.67
N ALA C 467 -27.48 7.89 10.94
CA ALA C 467 -26.82 7.03 10.00
C ALA C 467 -27.22 5.59 10.19
N THR C 468 -27.38 4.90 9.07
CA THR C 468 -27.73 3.51 9.04
C THR C 468 -26.67 2.82 8.19
N SER C 469 -26.13 1.71 8.67
CA SER C 469 -25.36 0.81 7.81
C SER C 469 -25.84 -0.65 7.83
N ILE C 470 -26.40 -1.08 6.69
CA ILE C 470 -26.96 -2.42 6.56
C ILE C 470 -26.01 -3.27 5.77
N SER C 471 -25.56 -4.36 6.38
CA SER C 471 -24.70 -5.31 5.69
C SER C 471 -25.51 -6.48 5.14
N TRP C 472 -25.83 -6.36 3.85
CA TRP C 472 -26.70 -7.25 3.12
C TRP C 472 -25.98 -8.53 2.79
N GLY C 473 -26.72 -9.65 2.76
CA GLY C 473 -26.37 -10.81 1.94
C GLY C 473 -26.68 -10.57 0.46
N SER C 474 -26.59 -11.62 -0.34
CA SER C 474 -26.75 -11.45 -1.78
C SER C 474 -28.19 -11.09 -2.14
N TRP C 475 -28.33 -10.25 -3.18
CA TRP C 475 -29.63 -9.90 -3.77
C TRP C 475 -29.88 -10.73 -5.01
N ALA C 476 -31.14 -11.11 -5.22
CA ALA C 476 -31.55 -11.76 -6.47
C ALA C 476 -31.49 -10.79 -7.64
N GLY C 477 -31.08 -11.29 -8.80
CA GLY C 477 -31.01 -10.48 -10.00
C GLY C 477 -29.57 -10.17 -10.36
N GLY C 478 -29.35 -9.00 -10.95
CA GLY C 478 -28.02 -8.61 -11.39
C GLY C 478 -27.21 -7.96 -10.28
N GLY C 479 -25.98 -7.58 -10.61
CA GLY C 479 -25.14 -6.86 -9.67
C GLY C 479 -24.08 -7.76 -9.13
N MET C 480 -23.65 -7.52 -7.90
CA MET C 480 -22.51 -8.22 -7.39
C MET C 480 -22.77 -9.69 -7.10
N ALA C 481 -24.01 -10.04 -6.77
CA ALA C 481 -24.31 -11.42 -6.48
C ALA C 481 -24.74 -12.21 -7.72
N ASP C 482 -24.06 -11.97 -8.84
CA ASP C 482 -24.68 -12.21 -10.15
C ASP C 482 -23.98 -13.21 -11.05
N GLY C 483 -22.68 -13.04 -11.25
CA GLY C 483 -21.99 -13.79 -12.25
C GLY C 483 -21.34 -15.03 -11.68
N ALA C 484 -20.06 -15.22 -12.01
CA ALA C 484 -19.20 -16.15 -11.30
C ALA C 484 -19.34 -16.00 -9.78
N ALA C 485 -19.18 -14.76 -9.30
CA ALA C 485 -19.42 -14.44 -7.90
C ALA C 485 -20.65 -15.17 -7.33
N GLY C 486 -21.80 -14.97 -7.95
CA GLY C 486 -23.06 -15.52 -7.45
C GLY C 486 -22.97 -17.02 -7.18
N GLU C 487 -22.12 -17.69 -7.95
CA GLU C 487 -22.04 -19.14 -7.90
C GLU C 487 -21.16 -19.64 -6.76
N HIS C 488 -20.04 -18.95 -6.52
CA HIS C 488 -19.34 -19.02 -5.22
C HIS C 488 -20.27 -18.78 -4.04
N LEU C 489 -21.00 -17.66 -4.08
CA LEU C 489 -21.86 -17.28 -2.97
C LEU C 489 -22.88 -18.35 -2.61
N ARG C 490 -23.58 -18.85 -3.61
CA ARG C 490 -24.60 -19.85 -3.37
C ARG C 490 -23.98 -21.16 -2.94
N ARG C 491 -22.79 -21.46 -3.45
CA ARG C 491 -22.02 -22.60 -2.95
C ARG C 491 -21.49 -22.40 -1.54
N ARG C 492 -21.43 -21.15 -1.10
CA ARG C 492 -20.91 -20.81 0.21
C ARG C 492 -22.02 -20.88 1.25
N GLY C 493 -23.26 -20.82 0.76
CA GLY C 493 -24.43 -21.00 1.61
C GLY C 493 -25.36 -19.80 1.64
N ILE C 494 -25.01 -18.75 0.90
CA ILE C 494 -25.79 -17.53 0.93
C ILE C 494 -26.92 -17.57 -0.09
N ARG C 495 -28.15 -17.47 0.38
CA ARG C 495 -29.29 -17.57 -0.49
C ARG C 495 -29.72 -16.21 -1.00
N PRO C 496 -29.84 -16.07 -2.32
CA PRO C 496 -30.27 -14.79 -2.84
C PRO C 496 -31.63 -14.40 -2.29
N MET C 497 -31.71 -13.19 -1.72
CA MET C 497 -32.98 -12.60 -1.30
C MET C 497 -33.64 -11.94 -2.49
N PRO C 498 -34.88 -12.33 -2.78
CA PRO C 498 -35.59 -11.59 -3.82
C PRO C 498 -35.66 -10.10 -3.47
N ALA C 499 -35.54 -9.25 -4.49
CA ALA C 499 -35.43 -7.81 -4.27
C ALA C 499 -36.60 -7.24 -3.46
N ALA C 500 -37.81 -7.70 -3.78
CA ALA C 500 -38.99 -7.21 -3.12
C ALA C 500 -38.81 -7.35 -1.61
N SER C 501 -38.46 -8.57 -1.18
CA SER C 501 -38.40 -8.90 0.25
C SER C 501 -37.30 -8.10 0.92
N ALA C 502 -36.16 -8.02 0.25
CA ALA C 502 -35.05 -7.22 0.71
C ALA C 502 -35.41 -5.75 0.88
N ILE C 503 -36.29 -5.23 0.03
CA ILE C 503 -36.77 -3.86 0.15
C ILE C 503 -37.65 -3.72 1.40
N LEU C 504 -38.34 -4.77 1.76
CA LEU C 504 -39.13 -4.73 2.98
C LEU C 504 -38.27 -4.67 4.26
N ALA C 505 -37.15 -5.38 4.25
CA ALA C 505 -36.17 -5.28 5.30
C ALA C 505 -35.56 -3.87 5.37
N LEU C 506 -35.21 -3.30 4.21
CA LEU C 506 -34.68 -1.94 4.18
C LEU C 506 -35.64 -0.99 4.89
N GLN C 507 -36.94 -1.10 4.55
CA GLN C 507 -37.97 -0.27 5.16
C GLN C 507 -38.04 -0.45 6.65
N GLU C 508 -37.99 -1.70 7.10
CA GLU C 508 -38.11 -2.01 8.52
C GLU C 508 -37.04 -1.30 9.34
N VAL C 509 -35.77 -1.45 8.93
CA VAL C 509 -34.65 -0.82 9.64
C VAL C 509 -34.79 0.70 9.71
N LEU C 510 -35.11 1.31 8.57
CA LEU C 510 -35.44 2.74 8.54
C LEU C 510 -36.57 3.10 9.51
N ASP C 511 -37.55 2.22 9.61
CA ASP C 511 -38.71 2.44 10.49
C ASP C 511 -38.31 2.29 11.96
N GLN C 512 -37.61 1.21 12.26
CA GLN C 512 -37.07 0.95 13.60
C GLN C 512 -36.01 1.98 14.01
N ASP C 513 -35.57 2.78 13.05
CA ASP C 513 -34.48 3.77 13.25
C ASP C 513 -33.17 3.19 13.78
N GLU C 514 -32.73 2.08 13.19
CA GLU C 514 -31.52 1.40 13.65
C GLU C 514 -30.25 1.97 13.02
N THR C 515 -29.10 1.51 13.49
CA THR C 515 -27.82 1.94 12.96
C THR C 515 -27.11 0.82 12.19
N CYS C 516 -26.78 -0.26 12.87
CA CYS C 516 -26.12 -1.36 12.23
C CYS C 516 -26.90 -2.62 12.38
N VAL C 517 -27.28 -3.20 11.25
CA VAL C 517 -27.99 -4.46 11.25
C VAL C 517 -27.60 -5.23 9.99
N SER C 518 -27.33 -6.52 10.16
CA SER C 518 -27.09 -7.38 9.03
C SER C 518 -28.37 -8.07 8.58
N ILE C 519 -28.58 -8.10 7.27
CA ILE C 519 -29.79 -8.65 6.67
C ILE C 519 -29.39 -9.63 5.58
N ALA C 520 -29.37 -10.92 5.94
CA ALA C 520 -28.96 -11.99 5.03
C ALA C 520 -29.71 -13.32 5.25
N ASP C 521 -30.08 -13.98 4.15
CA ASP C 521 -30.65 -15.31 4.21
C ASP C 521 -29.54 -16.34 4.07
N VAL C 522 -29.24 -17.03 5.17
CA VAL C 522 -28.09 -17.92 5.27
C VAL C 522 -28.58 -19.35 5.44
N ASP C 523 -28.06 -20.24 4.60
CA ASP C 523 -28.25 -21.67 4.78
C ASP C 523 -27.13 -22.23 5.65
N TRP C 524 -27.34 -22.22 6.95
CA TRP C 524 -26.27 -22.53 7.88
C TRP C 524 -25.68 -23.89 7.70
N ASP C 525 -26.51 -24.84 7.27
CA ASP C 525 -26.06 -26.21 7.05
C ASP C 525 -24.90 -26.25 6.08
N ARG C 526 -25.00 -25.43 5.02
CA ARG C 526 -23.95 -25.30 4.01
C ARG C 526 -22.90 -24.28 4.44
N PHE C 527 -23.35 -23.12 4.90
CA PHE C 527 -22.44 -22.05 5.31
C PHE C 527 -21.35 -22.53 6.29
N VAL C 528 -21.80 -22.97 7.46
CA VAL C 528 -20.89 -23.32 8.55
C VAL C 528 -19.78 -24.33 8.16
N PRO C 529 -20.16 -25.46 7.50
CA PRO C 529 -19.08 -26.41 7.17
C PRO C 529 -18.06 -25.84 6.18
N THR C 530 -18.48 -24.94 5.30
CA THR C 530 -17.49 -24.29 4.46
C THR C 530 -16.81 -23.04 5.04
N PHE C 531 -17.58 -22.18 5.69
CA PHE C 531 -16.98 -21.05 6.43
C PHE C 531 -15.95 -21.52 7.45
N ALA C 532 -16.28 -22.58 8.18
CA ALA C 532 -15.40 -23.04 9.24
C ALA C 532 -14.57 -24.23 8.83
N ALA C 533 -14.47 -24.46 7.51
CA ALA C 533 -13.70 -25.59 7.00
C ALA C 533 -12.30 -25.65 7.61
N THR C 534 -11.47 -24.64 7.32
CA THR C 534 -10.06 -24.69 7.72
C THR C 534 -9.77 -24.05 9.09
N ARG C 535 -10.81 -23.60 9.79
CA ARG C 535 -10.63 -22.56 10.81
C ARG C 535 -11.80 -22.48 11.80
N ALA C 536 -11.54 -22.86 13.05
CA ALA C 536 -12.56 -22.87 14.07
C ALA C 536 -13.02 -21.45 14.34
N THR C 537 -14.30 -21.29 14.66
CA THR C 537 -14.88 -19.97 14.88
C THR C 537 -15.97 -20.00 15.95
N ARG C 538 -15.98 -18.98 16.81
CA ARG C 538 -16.97 -18.85 17.87
C ARG C 538 -17.94 -17.72 17.52
N LEU C 539 -17.71 -17.10 16.38
CA LEU C 539 -18.45 -15.92 16.02
C LEU C 539 -19.96 -16.16 15.96
N PHE C 540 -20.37 -17.44 15.88
CA PHE C 540 -21.77 -17.81 15.62
C PHE C 540 -22.46 -18.56 16.79
N ASP C 541 -21.68 -18.92 17.82
CA ASP C 541 -22.22 -19.59 19.03
C ASP C 541 -23.70 -19.32 19.30
N GLU C 542 -24.08 -18.04 19.29
CA GLU C 542 -25.42 -17.62 19.67
C GLU C 542 -26.41 -17.62 18.50
N VAL C 543 -26.04 -18.29 17.41
CA VAL C 543 -27.00 -18.62 16.36
C VAL C 543 -27.37 -20.11 16.41
N PRO C 544 -28.59 -20.41 16.89
CA PRO C 544 -29.09 -21.78 17.05
C PRO C 544 -28.75 -22.69 15.87
N ALA C 545 -29.20 -22.29 14.67
CA ALA C 545 -29.04 -23.14 13.48
C ALA C 545 -27.58 -23.39 13.16
N ALA C 546 -26.72 -22.46 13.54
CA ALA C 546 -25.32 -22.56 13.20
C ALA C 546 -24.61 -23.48 14.17
N ARG C 547 -24.89 -23.32 15.47
CA ARG C 547 -24.28 -24.19 16.49
C ARG C 547 -24.55 -25.66 16.11
N LYS C 548 -25.80 -25.93 15.76
CA LYS C 548 -26.14 -27.23 15.16
C LYS C 548 -25.69 -27.34 13.71
N ALA C 549 -24.37 -27.46 13.52
CA ALA C 549 -23.79 -27.71 12.19
C ALA C 549 -22.28 -27.95 12.28
N MET C 550 -21.68 -27.52 13.39
CA MET C 550 -20.21 -27.39 13.48
C MET C 550 -19.50 -28.74 13.48
N ALA D 34 -58.35 -26.12 10.34
CA ALA D 34 -58.92 -25.97 8.97
C ALA D 34 -59.22 -24.50 8.67
N ALA D 35 -58.26 -23.63 8.99
CA ALA D 35 -58.43 -22.19 8.79
C ALA D 35 -58.55 -21.80 7.30
N GLY D 36 -57.76 -22.48 6.46
CA GLY D 36 -57.79 -22.34 4.97
C GLY D 36 -58.77 -21.38 4.31
N TRP D 37 -60.05 -21.52 4.65
CA TRP D 37 -61.12 -20.90 3.86
C TRP D 37 -61.16 -19.39 3.95
N PHE D 38 -60.98 -18.87 5.15
CA PHE D 38 -60.92 -17.42 5.34
C PHE D 38 -59.87 -16.79 4.41
N TRP D 39 -58.69 -17.40 4.33
CA TRP D 39 -57.57 -16.78 3.64
C TRP D 39 -57.69 -16.77 2.13
N GLN D 40 -58.52 -17.65 1.56
CA GLN D 40 -58.84 -17.60 0.14
C GLN D 40 -59.86 -16.49 -0.12
N ALA D 41 -60.89 -16.45 0.71
CA ALA D 41 -61.93 -15.43 0.60
C ALA D 41 -61.32 -14.05 0.67
N VAL D 42 -60.13 -14.00 1.26
CA VAL D 42 -59.27 -12.82 1.26
C VAL D 42 -58.77 -12.43 -0.16
N ALA D 43 -58.39 -13.43 -0.95
CA ALA D 43 -58.22 -13.23 -2.38
C ALA D 43 -59.59 -12.99 -3.00
N ARG D 44 -59.75 -11.87 -3.69
CA ARG D 44 -61.06 -11.34 -4.11
C ARG D 44 -61.61 -10.30 -3.13
N GLN D 45 -62.25 -9.27 -3.68
CA GLN D 45 -63.15 -8.38 -2.93
C GLN D 45 -64.24 -9.16 -2.17
N ASP D 46 -64.16 -10.49 -2.21
CA ASP D 46 -65.31 -11.37 -1.95
C ASP D 46 -66.14 -10.95 -0.74
N LEU D 47 -66.76 -9.78 -0.83
CA LEU D 47 -67.56 -9.24 0.23
C LEU D 47 -68.68 -10.20 0.62
N LYS D 48 -69.51 -10.55 -0.35
CA LYS D 48 -70.73 -11.35 -0.09
C LYS D 48 -70.47 -12.57 0.80
N SER D 49 -69.41 -13.31 0.50
CA SER D 49 -69.05 -14.51 1.26
C SER D 49 -68.70 -14.20 2.72
N VAL D 50 -67.86 -13.18 2.90
CA VAL D 50 -67.38 -12.79 4.23
C VAL D 50 -68.43 -11.95 4.98
N SER D 51 -69.12 -11.09 4.25
CA SER D 51 -70.28 -10.40 4.80
C SER D 51 -71.30 -11.37 5.39
N ASP D 52 -71.80 -12.31 4.57
CA ASP D 52 -72.88 -13.20 5.02
C ASP D 52 -72.41 -14.28 6.02
N ALA D 53 -71.13 -14.64 5.95
CA ALA D 53 -70.54 -15.58 6.90
C ALA D 53 -70.44 -15.00 8.31
N LEU D 54 -70.09 -13.71 8.40
CA LEU D 54 -69.89 -13.02 9.68
C LEU D 54 -71.19 -12.37 10.17
N ASP D 55 -72.07 -12.07 9.23
CA ASP D 55 -73.35 -11.41 9.50
C ASP D 55 -73.18 -9.91 9.71
N LEU D 56 -72.17 -9.34 9.05
CA LEU D 56 -71.98 -7.90 8.99
C LEU D 56 -72.21 -7.36 7.60
N ASP D 57 -72.61 -6.10 7.53
CA ASP D 57 -72.76 -5.38 6.28
C ASP D 57 -71.40 -5.01 5.71
N ALA D 58 -71.40 -4.49 4.48
CA ALA D 58 -70.16 -4.10 3.82
C ALA D 58 -69.60 -2.82 4.43
N ASP D 59 -70.49 -1.98 4.94
CA ASP D 59 -70.07 -0.75 5.60
C ASP D 59 -70.11 -0.86 7.12
N ALA D 60 -69.78 -2.06 7.61
CA ALA D 60 -69.65 -2.31 9.04
C ALA D 60 -68.24 -1.93 9.53
N PRO D 61 -68.15 -1.23 10.68
CA PRO D 61 -66.85 -0.77 11.13
C PRO D 61 -66.04 -1.88 11.78
N LEU D 62 -64.71 -1.75 11.70
CA LEU D 62 -63.75 -2.69 12.26
C LEU D 62 -64.07 -3.04 13.71
N SER D 63 -64.77 -2.13 14.37
CA SER D 63 -65.06 -2.28 15.80
C SER D 63 -66.27 -3.18 16.02
N ALA D 64 -67.05 -3.38 14.96
CA ALA D 64 -68.14 -4.35 14.95
C ALA D 64 -67.63 -5.63 14.31
N THR D 65 -66.73 -5.49 13.35
CA THR D 65 -66.30 -6.64 12.58
C THR D 65 -65.24 -7.48 13.29
N LEU D 66 -64.49 -6.86 14.19
CA LEU D 66 -63.51 -7.59 14.98
C LEU D 66 -64.19 -8.58 15.96
N PRO D 67 -65.16 -8.09 16.74
CA PRO D 67 -65.97 -8.98 17.57
C PRO D 67 -66.66 -10.10 16.79
N ALA D 68 -67.10 -9.82 15.58
CA ALA D 68 -67.77 -10.84 14.78
C ALA D 68 -66.82 -11.96 14.33
N LEU D 69 -65.55 -11.61 14.07
CA LEU D 69 -64.55 -12.62 13.70
C LEU D 69 -64.27 -13.59 14.82
N SER D 70 -64.28 -13.11 16.06
CA SER D 70 -63.98 -13.98 17.19
C SER D 70 -65.14 -14.91 17.49
N VAL D 71 -66.36 -14.34 17.47
CA VAL D 71 -67.59 -15.14 17.44
C VAL D 71 -67.48 -16.24 16.39
N TRP D 72 -67.14 -15.83 15.17
CA TRP D 72 -67.10 -16.73 14.04
C TRP D 72 -65.99 -17.75 14.14
N HIS D 73 -64.85 -17.35 14.70
CA HIS D 73 -63.71 -18.26 14.87
C HIS D 73 -64.01 -19.32 15.89
N ARG D 74 -64.49 -18.89 17.06
CA ARG D 74 -64.96 -19.81 18.10
C ARG D 74 -65.85 -20.89 17.50
N GLN D 75 -66.78 -20.46 16.66
CA GLN D 75 -67.78 -21.36 16.10
C GLN D 75 -67.23 -22.23 14.98
N GLU D 76 -65.99 -21.98 14.59
CA GLU D 76 -65.34 -22.88 13.68
C GLU D 76 -64.48 -23.89 14.41
N ARG D 77 -63.79 -23.45 15.46
CA ARG D 77 -63.04 -24.35 16.32
C ARG D 77 -63.97 -25.26 17.14
N GLU D 78 -65.14 -24.75 17.49
CA GLU D 78 -66.24 -25.55 18.04
C GLU D 78 -66.57 -26.76 17.16
N ARG D 79 -66.54 -26.56 15.84
CA ARG D 79 -66.91 -27.59 14.90
C ARG D 79 -65.81 -28.65 14.73
N VAL D 80 -64.56 -28.22 14.80
CA VAL D 80 -63.43 -29.12 14.61
C VAL D 80 -63.29 -30.02 15.85
N LEU D 81 -63.48 -29.41 17.02
CA LEU D 81 -63.41 -30.12 18.27
C LEU D 81 -64.53 -31.18 18.34
N ALA D 82 -65.69 -30.88 17.77
CA ALA D 82 -66.87 -31.78 17.81
C ALA D 82 -66.69 -32.99 16.90
N ASP D 83 -65.75 -32.88 15.97
CA ASP D 83 -65.30 -34.02 15.21
C ASP D 83 -64.47 -34.98 16.07
N GLY D 84 -63.80 -34.44 17.08
CA GLY D 84 -63.05 -35.26 18.01
C GLY D 84 -63.91 -35.96 19.04
N TRP D 85 -65.24 -35.81 18.91
CA TRP D 85 -66.19 -36.45 19.82
C TRP D 85 -66.75 -37.75 19.29
N ARG D 86 -66.68 -37.94 17.98
CA ARG D 86 -67.27 -39.12 17.34
C ARG D 86 -66.46 -40.37 17.61
N TYR D 87 -67.15 -41.43 18.01
CA TYR D 87 -66.55 -42.74 18.15
C TYR D 87 -67.49 -43.79 17.58
N ARG D 88 -66.98 -44.98 17.35
CA ARG D 88 -67.81 -46.09 17.00
C ARG D 88 -67.23 -47.38 17.52
N VAL D 89 -67.99 -48.46 17.35
CA VAL D 89 -67.60 -49.77 17.84
C VAL D 89 -67.00 -50.60 16.71
N ASP D 90 -65.82 -51.15 16.96
CA ASP D 90 -65.20 -52.11 16.05
C ASP D 90 -64.96 -53.39 16.77
N TRP D 91 -64.73 -54.43 15.99
CA TRP D 91 -64.36 -55.74 16.52
C TRP D 91 -63.02 -56.15 15.97
N VAL D 92 -62.11 -56.62 16.84
CA VAL D 92 -60.77 -57.03 16.36
C VAL D 92 -60.44 -58.49 16.65
N ARG D 93 -59.63 -59.09 15.78
CA ARG D 93 -59.19 -60.46 15.97
C ARG D 93 -58.47 -60.63 17.30
N VAL D 94 -58.85 -61.66 18.06
CA VAL D 94 -58.03 -62.14 19.17
C VAL D 94 -57.44 -63.51 18.84
N ALA D 95 -56.17 -63.71 19.20
CA ALA D 95 -55.42 -64.92 18.85
C ALA D 95 -56.00 -66.19 19.48
N PRO D 96 -55.80 -67.36 18.83
CA PRO D 96 -56.13 -68.66 19.42
C PRO D 96 -55.16 -69.02 20.55
N GLN D 97 -55.29 -70.25 21.07
CA GLN D 97 -54.35 -70.77 22.06
C GLN D 97 -54.65 -72.24 22.39
N ARG D 100 -54.04 -76.86 26.40
CA ARG D 100 -53.47 -76.20 27.58
C ARG D 100 -54.40 -76.29 28.80
N ARG D 101 -55.56 -76.88 28.62
CA ARG D 101 -56.66 -76.73 29.58
C ARG D 101 -56.53 -77.65 30.81
N THR D 102 -57.35 -77.35 31.81
CA THR D 102 -57.56 -78.22 32.96
C THR D 102 -59.07 -78.40 33.24
N ARG D 103 -59.49 -79.68 33.31
CA ARG D 103 -60.89 -80.06 33.59
C ARG D 103 -61.52 -79.35 34.77
N GLU D 104 -62.81 -79.01 34.64
CA GLU D 104 -63.57 -78.34 35.72
C GLU D 104 -65.09 -78.45 35.49
N THR D 105 -65.87 -78.07 36.50
CA THR D 105 -67.31 -77.97 36.32
C THR D 105 -67.79 -76.54 36.26
N TRP D 106 -68.54 -76.22 35.22
CA TRP D 106 -69.32 -75.00 35.17
C TRP D 106 -70.74 -75.34 35.42
N LEU D 107 -71.46 -74.41 36.04
CA LEU D 107 -72.90 -74.50 36.08
C LEU D 107 -73.51 -73.87 34.82
N LEU D 108 -74.60 -74.47 34.34
CA LEU D 108 -75.21 -74.06 33.08
C LEU D 108 -76.68 -73.73 33.28
N VAL D 109 -77.03 -72.47 33.08
CA VAL D 109 -78.34 -71.98 33.48
C VAL D 109 -79.21 -71.69 32.28
N VAL D 110 -80.35 -72.40 32.20
CA VAL D 110 -81.21 -72.40 31.02
C VAL D 110 -82.57 -71.75 31.35
N PRO D 111 -82.99 -70.76 30.55
CA PRO D 111 -84.32 -70.21 30.80
C PRO D 111 -85.36 -71.20 30.33
N PRO D 112 -86.65 -70.93 30.62
CA PRO D 112 -87.81 -71.70 30.15
C PRO D 112 -87.99 -71.64 28.63
N GLY D 113 -87.90 -70.44 28.06
CA GLY D 113 -88.24 -70.24 26.65
C GLY D 113 -87.01 -69.89 25.81
N GLY D 114 -87.12 -70.09 24.51
CA GLY D 114 -86.19 -69.47 23.54
C GLY D 114 -84.90 -70.24 23.20
N ILE D 115 -84.72 -71.43 23.76
CA ILE D 115 -83.69 -72.36 23.24
C ILE D 115 -84.24 -73.70 22.85
N GLU D 116 -83.83 -74.17 21.67
CA GLU D 116 -83.97 -75.56 21.29
C GLU D 116 -83.10 -76.43 22.19
N GLU D 117 -83.65 -77.55 22.65
CA GLU D 117 -82.87 -78.61 23.29
C GLU D 117 -81.62 -79.00 22.48
N ALA D 118 -81.77 -79.04 21.15
CA ALA D 118 -80.65 -79.35 20.28
C ALA D 118 -79.47 -78.41 20.51
N LEU D 119 -79.78 -77.15 20.79
CA LEU D 119 -78.74 -76.19 21.12
C LEU D 119 -78.04 -76.53 22.43
N VAL D 120 -78.80 -76.83 23.48
CA VAL D 120 -78.21 -77.15 24.77
C VAL D 120 -77.26 -78.34 24.66
N GLU D 121 -77.69 -79.37 23.93
CA GLU D 121 -76.90 -80.58 23.75
C GLU D 121 -75.57 -80.33 23.00
N ARG D 122 -75.62 -79.58 21.90
CA ARG D 122 -74.40 -79.13 21.20
C ARG D 122 -73.42 -78.39 22.12
N LEU D 123 -73.95 -77.57 23.02
CA LEU D 123 -73.09 -76.81 23.94
C LEU D 123 -72.48 -77.69 25.01
N THR D 124 -73.29 -78.57 25.58
CA THR D 124 -72.81 -79.44 26.65
C THR D 124 -71.69 -80.31 26.12
N ASP D 125 -71.78 -80.69 24.86
CA ASP D 125 -70.80 -81.59 24.30
C ASP D 125 -69.59 -80.93 23.67
N ALA D 126 -69.77 -79.71 23.15
CA ALA D 126 -68.63 -78.83 22.87
C ALA D 126 -67.86 -78.41 24.14
N LEU D 127 -68.60 -78.24 25.23
CA LEU D 127 -68.00 -77.93 26.54
C LEU D 127 -67.36 -79.16 27.20
N ASN D 128 -67.96 -80.34 27.04
CA ASN D 128 -67.34 -81.56 27.58
C ASN D 128 -66.08 -81.92 26.83
N THR D 129 -66.01 -81.51 25.57
CA THR D 129 -64.88 -81.86 24.71
C THR D 129 -63.60 -81.17 25.17
N ARG D 130 -63.73 -79.94 25.66
CA ARG D 130 -62.58 -79.16 26.12
C ARG D 130 -62.34 -79.28 27.63
N GLY D 131 -63.08 -80.17 28.29
CA GLY D 131 -62.79 -80.54 29.68
C GLY D 131 -63.59 -79.75 30.69
N ILE D 132 -64.72 -79.21 30.24
CA ILE D 132 -65.68 -78.56 31.12
C ILE D 132 -66.86 -79.51 31.26
N SER D 133 -67.02 -80.10 32.43
CA SER D 133 -68.25 -80.81 32.75
C SER D 133 -69.33 -79.80 33.11
N THR D 134 -70.59 -80.17 32.93
CA THR D 134 -71.69 -79.23 33.07
C THR D 134 -72.79 -79.74 33.97
N LEU D 135 -73.14 -78.94 34.98
CA LEU D 135 -74.38 -79.13 35.71
C LEU D 135 -75.47 -78.28 35.11
N ARG D 136 -76.59 -78.91 34.76
CA ARG D 136 -77.66 -78.19 34.12
C ARG D 136 -78.76 -77.84 35.11
N LEU D 137 -79.04 -76.55 35.24
CA LEU D 137 -80.15 -76.08 36.08
C LEU D 137 -81.25 -75.40 35.25
N ASP D 138 -82.47 -75.88 35.42
CA ASP D 138 -83.63 -75.29 34.76
C ASP D 138 -84.39 -74.32 35.66
N VAL D 139 -84.30 -73.05 35.32
CA VAL D 139 -84.99 -71.99 36.03
C VAL D 139 -86.48 -71.94 35.64
N PRO D 140 -87.37 -71.89 36.64
CA PRO D 140 -88.80 -71.75 36.39
C PRO D 140 -89.12 -70.35 35.88
N PRO D 141 -90.26 -70.19 35.18
CA PRO D 141 -90.57 -68.84 34.70
C PRO D 141 -90.54 -67.82 35.85
N ALA D 142 -90.16 -66.58 35.53
CA ALA D 142 -90.31 -65.43 36.47
C ALA D 142 -89.71 -65.64 37.86
N ALA D 143 -88.62 -66.38 37.95
CA ALA D 143 -88.00 -66.69 39.24
C ALA D 143 -87.54 -65.43 39.93
N THR D 144 -87.59 -65.44 41.26
CA THR D 144 -86.93 -64.41 42.05
C THR D 144 -85.47 -64.78 42.28
N SER D 145 -84.66 -63.76 42.54
CA SER D 145 -83.28 -63.97 43.00
C SER D 145 -83.20 -64.95 44.18
N GLY D 146 -84.01 -64.73 45.21
CA GLY D 146 -84.09 -65.64 46.36
C GLY D 146 -84.20 -67.12 45.98
N GLU D 147 -85.17 -67.43 45.13
CA GLU D 147 -85.31 -68.78 44.58
C GLU D 147 -84.01 -69.22 43.92
N LEU D 148 -83.47 -68.37 43.03
CA LEU D 148 -82.22 -68.65 42.35
C LEU D 148 -81.06 -68.79 43.33
N ALA D 149 -80.97 -67.84 44.27
CA ALA D 149 -80.10 -67.97 45.46
C ALA D 149 -80.10 -69.38 46.07
N THR D 150 -81.28 -69.92 46.37
CA THR D 150 -81.31 -71.24 46.98
C THR D 150 -80.61 -72.25 46.08
N GLU D 151 -80.97 -72.29 44.80
CA GLU D 151 -80.48 -73.37 43.97
C GLU D 151 -79.04 -73.21 43.51
N LEU D 152 -78.58 -71.95 43.44
CA LEU D 152 -77.13 -71.65 43.34
C LEU D 152 -76.35 -72.16 44.55
N ARG D 153 -76.91 -71.96 45.74
CA ARG D 153 -76.30 -72.48 46.97
C ARG D 153 -76.07 -73.99 46.90
N ALA D 154 -77.15 -74.72 46.62
CA ALA D 154 -77.11 -76.18 46.58
C ALA D 154 -76.16 -76.68 45.50
N ALA D 155 -76.21 -76.03 44.35
CA ALA D 155 -75.31 -76.33 43.24
C ALA D 155 -73.83 -76.21 43.63
N ALA D 156 -73.49 -75.19 44.40
CA ALA D 156 -72.09 -74.91 44.76
C ALA D 156 -71.61 -75.64 46.03
N ASP D 157 -72.54 -76.18 46.81
CA ASP D 157 -72.18 -77.04 47.94
C ASP D 157 -71.88 -78.46 47.47
N GLY D 158 -72.65 -78.91 46.48
CA GLY D 158 -72.55 -80.27 45.98
C GLY D 158 -71.45 -80.47 44.96
N ASP D 159 -70.76 -79.38 44.61
CA ASP D 159 -69.75 -79.42 43.54
C ASP D 159 -68.73 -78.27 43.66
N PRO D 160 -67.49 -78.49 43.16
CA PRO D 160 -66.58 -77.38 43.03
C PRO D 160 -66.81 -76.64 41.70
N VAL D 161 -67.60 -75.56 41.75
CA VAL D 161 -68.12 -74.93 40.54
C VAL D 161 -67.32 -73.70 40.16
N LYS D 162 -66.62 -73.76 39.03
CA LYS D 162 -65.65 -72.71 38.68
C LYS D 162 -66.23 -71.48 37.93
N ALA D 163 -67.51 -71.56 37.55
CA ALA D 163 -68.18 -70.47 36.80
C ALA D 163 -69.60 -70.86 36.43
N ILE D 164 -70.44 -69.85 36.23
CA ILE D 164 -71.76 -70.06 35.64
C ILE D 164 -71.70 -69.72 34.15
N LEU D 165 -72.44 -70.47 33.35
CA LEU D 165 -72.66 -70.11 31.96
C LEU D 165 -74.15 -69.97 31.70
N SER D 166 -74.58 -68.76 31.42
CA SER D 166 -76.00 -68.47 31.39
C SER D 166 -76.47 -68.33 29.98
N LEU D 167 -77.61 -68.94 29.68
CA LEU D 167 -78.23 -68.84 28.37
C LEU D 167 -79.52 -68.05 28.43
N THR D 168 -79.73 -67.34 29.53
CA THR D 168 -81.03 -66.72 29.81
C THR D 168 -81.38 -65.61 28.82
N ALA D 169 -80.34 -64.89 28.36
CA ALA D 169 -80.54 -63.74 27.50
C ALA D 169 -81.21 -64.13 26.21
N LEU D 170 -81.10 -65.40 25.84
CA LEU D 170 -81.75 -65.93 24.66
C LEU D 170 -83.29 -65.96 24.81
N ASP D 171 -83.79 -66.01 26.04
CA ASP D 171 -85.25 -65.97 26.27
C ASP D 171 -85.84 -64.56 26.07
N GLU D 172 -86.28 -64.28 24.85
CA GLU D 172 -86.67 -62.92 24.45
C GLU D 172 -88.13 -62.58 24.78
N ARG D 173 -88.99 -63.59 24.88
CA ARG D 173 -90.39 -63.33 25.15
C ARG D 173 -90.55 -62.70 26.53
N PRO D 174 -91.36 -61.63 26.62
CA PRO D 174 -91.54 -60.97 27.92
C PRO D 174 -92.30 -61.87 28.89
N HIS D 175 -92.46 -61.44 30.13
CA HIS D 175 -93.49 -62.05 30.94
C HIS D 175 -94.83 -61.44 30.73
N PRO D 176 -95.89 -62.28 30.75
CA PRO D 176 -97.22 -61.70 30.86
C PRO D 176 -97.36 -60.80 32.11
N GLU D 177 -96.69 -61.17 33.20
CA GLU D 177 -96.72 -60.36 34.44
C GLU D 177 -95.94 -59.03 34.36
N CYS D 178 -95.53 -58.64 33.14
CA CYS D 178 -94.52 -57.58 32.98
C CYS D 178 -94.11 -57.39 31.52
N LYS D 179 -95.04 -56.90 30.71
CA LYS D 179 -94.99 -57.14 29.27
C LYS D 179 -93.80 -56.47 28.55
N ASP D 180 -93.18 -55.48 29.17
CA ASP D 180 -92.16 -54.72 28.47
C ASP D 180 -90.73 -55.05 28.90
N VAL D 181 -90.58 -56.18 29.55
CA VAL D 181 -89.25 -56.64 29.94
C VAL D 181 -89.03 -58.06 29.46
N PRO D 182 -88.06 -58.24 28.54
CA PRO D 182 -87.76 -59.60 28.10
C PRO D 182 -87.45 -60.51 29.28
N SER D 183 -88.24 -61.55 29.43
CA SER D 183 -88.07 -62.54 30.48
C SER D 183 -86.60 -62.88 30.81
N GLY D 184 -85.77 -63.11 29.80
CA GLY D 184 -84.38 -63.51 30.03
C GLY D 184 -83.47 -62.40 30.56
N ILE D 185 -83.86 -61.17 30.36
CA ILE D 185 -83.12 -60.05 30.92
C ILE D 185 -83.43 -59.95 32.42
N ALA D 186 -84.69 -60.21 32.76
CA ALA D 186 -85.11 -60.31 34.15
C ALA D 186 -84.43 -61.48 34.87
N LEU D 187 -84.25 -62.59 34.18
CA LEU D 187 -83.46 -63.65 34.75
C LEU D 187 -82.02 -63.24 34.92
N LEU D 188 -81.46 -62.53 33.95
CA LEU D 188 -80.08 -62.06 34.09
C LEU D 188 -79.97 -61.22 35.36
N LEU D 189 -80.90 -60.28 35.51
CA LEU D 189 -80.96 -59.40 36.66
C LEU D 189 -81.08 -60.23 37.94
N ASN D 190 -82.14 -61.02 38.06
CA ASN D 190 -82.35 -61.80 39.28
C ASN D 190 -81.18 -62.72 39.56
N LEU D 191 -80.36 -62.96 38.55
CA LEU D 191 -79.28 -63.93 38.66
C LEU D 191 -77.99 -63.25 39.14
N VAL D 192 -77.81 -61.99 38.78
CA VAL D 192 -76.65 -61.21 39.27
C VAL D 192 -76.82 -60.89 40.76
N LYS D 193 -78.01 -60.43 41.14
CA LYS D 193 -78.40 -60.30 42.53
C LYS D 193 -78.22 -61.62 43.27
N ALA D 194 -78.55 -62.72 42.61
CA ALA D 194 -78.64 -64.03 43.26
C ALA D 194 -77.30 -64.53 43.78
N LEU D 195 -76.24 -64.28 43.03
CA LEU D 195 -74.88 -64.49 43.54
C LEU D 195 -74.59 -63.49 44.64
N GLY D 196 -75.40 -62.44 44.68
CA GLY D 196 -75.36 -61.46 45.76
C GLY D 196 -75.78 -62.11 47.05
N GLU D 197 -77.08 -62.34 47.18
CA GLU D 197 -77.65 -63.07 48.33
C GLU D 197 -76.84 -64.33 48.68
N ALA D 198 -76.80 -65.28 47.76
CA ALA D 198 -76.12 -66.57 47.98
C ALA D 198 -74.63 -66.42 48.30
N ASP D 199 -74.06 -65.27 47.95
CA ASP D 199 -72.62 -65.02 48.12
C ASP D 199 -71.77 -66.16 47.55
N LEU D 200 -71.42 -66.07 46.27
CA LEU D 200 -70.64 -67.14 45.65
C LEU D 200 -69.31 -66.71 45.01
N ARG D 201 -69.27 -65.47 44.51
CA ARG D 201 -68.04 -64.93 43.94
C ARG D 201 -67.51 -65.86 42.85
N ILE D 202 -68.43 -66.36 42.03
CA ILE D 202 -68.07 -67.19 40.89
C ILE D 202 -68.46 -66.45 39.59
N PRO D 203 -67.52 -66.38 38.63
CA PRO D 203 -67.77 -65.54 37.46
C PRO D 203 -68.96 -66.02 36.64
N LEU D 204 -69.75 -65.09 36.13
CA LEU D 204 -70.90 -65.42 35.33
C LEU D 204 -70.71 -65.00 33.82
N TRP D 205 -70.78 -65.98 32.92
CA TRP D 205 -70.65 -65.72 31.48
C TRP D 205 -71.97 -65.75 30.78
N THR D 206 -72.30 -64.66 30.09
CA THR D 206 -73.59 -64.56 29.41
C THR D 206 -73.49 -64.81 27.90
N ILE D 207 -74.28 -65.76 27.41
CA ILE D 207 -74.31 -66.07 25.99
C ILE D 207 -75.50 -65.37 25.33
N THR D 208 -75.26 -64.81 24.15
CA THR D 208 -76.32 -64.26 23.29
C THR D 208 -76.12 -64.79 21.86
N ARG D 209 -77.08 -64.50 20.99
CA ARG D 209 -76.93 -64.84 19.58
C ARG D 209 -77.55 -63.80 18.63
N GLY D 210 -76.70 -63.07 17.93
CA GLY D 210 -77.16 -62.01 17.05
C GLY D 210 -77.42 -60.69 17.79
N ALA D 211 -76.77 -60.51 18.93
CA ALA D 211 -76.94 -59.31 19.76
C ALA D 211 -76.07 -58.13 19.28
N VAL D 212 -74.93 -58.46 18.71
CA VAL D 212 -74.06 -57.45 18.12
C VAL D 212 -73.89 -57.70 16.63
N LYS D 213 -73.60 -56.64 15.90
CA LYS D 213 -73.05 -56.74 14.59
C LYS D 213 -71.52 -56.68 14.67
N ALA D 214 -70.87 -57.81 14.52
CA ALA D 214 -69.42 -57.87 14.68
C ALA D 214 -68.64 -57.82 13.36
N GLY D 215 -69.34 -57.98 12.24
CA GLY D 215 -68.79 -57.60 10.92
C GLY D 215 -69.88 -57.52 9.85
N PRO D 216 -69.53 -57.00 8.67
CA PRO D 216 -70.56 -57.02 7.66
C PRO D 216 -70.82 -58.47 7.28
N ALA D 217 -72.08 -58.82 7.09
CA ALA D 217 -72.45 -60.24 6.96
C ALA D 217 -73.41 -60.67 8.06
N ASP D 218 -73.23 -60.10 9.26
CA ASP D 218 -74.18 -60.30 10.35
C ASP D 218 -75.47 -59.52 10.06
N ARG D 219 -76.54 -60.25 9.74
CA ARG D 219 -77.86 -59.63 9.53
C ARG D 219 -78.93 -60.25 10.45
N LEU D 220 -78.59 -61.33 11.13
CA LEU D 220 -79.52 -61.95 12.07
C LEU D 220 -79.42 -61.25 13.43
N LEU D 221 -80.01 -60.07 13.51
CA LEU D 221 -79.77 -59.18 14.65
C LEU D 221 -80.96 -59.15 15.61
N ARG D 222 -80.66 -59.34 16.90
CA ARG D 222 -81.67 -59.47 17.96
C ARG D 222 -81.57 -58.33 19.00
N PRO D 223 -82.40 -57.29 18.82
CA PRO D 223 -82.26 -56.10 19.65
C PRO D 223 -82.52 -56.38 21.14
N MET D 224 -83.46 -57.28 21.44
CA MET D 224 -83.76 -57.68 22.82
C MET D 224 -82.59 -58.31 23.53
N GLN D 225 -81.79 -59.07 22.82
CA GLN D 225 -80.63 -59.67 23.46
C GLN D 225 -79.48 -58.68 23.68
N ALA D 226 -79.47 -57.58 22.93
CA ALA D 226 -78.50 -56.52 23.17
C ALA D 226 -78.63 -55.91 24.57
N GLN D 227 -79.83 -55.95 25.13
CA GLN D 227 -80.05 -55.49 26.50
C GLN D 227 -79.14 -56.20 27.51
N ALA D 228 -78.96 -57.50 27.33
CA ALA D 228 -77.94 -58.21 28.08
C ALA D 228 -76.58 -57.54 28.05
N TRP D 229 -76.27 -56.85 26.98
CA TRP D 229 -74.93 -56.28 26.84
C TRP D 229 -74.90 -54.94 27.50
N GLY D 230 -76.02 -54.24 27.48
CA GLY D 230 -76.08 -52.87 27.97
C GLY D 230 -76.06 -52.95 29.46
N LEU D 231 -76.70 -54.00 29.96
CA LEU D 231 -76.73 -54.24 31.36
C LEU D 231 -75.52 -55.03 31.88
N GLY D 232 -75.03 -55.99 31.11
CA GLY D 232 -73.93 -56.82 31.57
C GLY D 232 -72.64 -56.04 31.76
N ARG D 233 -72.52 -54.96 30.98
CA ARG D 233 -71.33 -54.10 31.05
C ARG D 233 -71.29 -53.33 32.39
N VAL D 234 -72.47 -52.90 32.83
CA VAL D 234 -72.61 -52.20 34.06
C VAL D 234 -72.39 -53.15 35.25
N ALA D 235 -72.84 -54.39 35.10
CA ALA D 235 -72.56 -55.44 36.08
C ALA D 235 -71.06 -55.64 36.28
N ALA D 236 -70.29 -55.50 35.19
CA ALA D 236 -68.85 -55.69 35.27
C ALA D 236 -68.29 -54.59 36.14
N LEU D 237 -68.95 -53.43 36.09
CA LEU D 237 -68.50 -52.26 36.83
C LEU D 237 -68.86 -52.35 38.30
N GLU D 238 -70.05 -52.86 38.57
CA GLU D 238 -70.57 -52.88 39.94
C GLU D 238 -70.25 -54.15 40.71
N HIS D 239 -69.95 -55.23 39.99
CA HIS D 239 -69.63 -56.50 40.63
C HIS D 239 -68.58 -57.25 39.85
N PRO D 240 -67.32 -56.79 39.93
CA PRO D 240 -66.20 -57.40 39.21
C PRO D 240 -66.02 -58.88 39.54
N GLU D 241 -66.57 -59.30 40.67
CA GLU D 241 -66.25 -60.58 41.30
C GLU D 241 -67.20 -61.60 40.73
N ARG D 242 -68.30 -61.11 40.18
CA ARG D 242 -69.40 -61.96 39.85
C ARG D 242 -69.56 -62.09 38.34
N TRP D 243 -68.72 -61.38 37.60
CA TRP D 243 -68.94 -61.17 36.16
C TRP D 243 -67.81 -61.68 35.31
N GLY D 244 -68.09 -62.75 34.57
CA GLY D 244 -67.11 -63.28 33.61
C GLY D 244 -67.04 -62.41 32.38
N GLY D 245 -68.04 -62.55 31.51
CA GLY D 245 -68.23 -61.60 30.42
C GLY D 245 -69.37 -61.96 29.47
N LEU D 246 -69.34 -61.36 28.28
CA LEU D 246 -70.35 -61.57 27.27
C LEU D 246 -69.76 -62.17 25.99
N ILE D 247 -70.51 -63.10 25.40
CA ILE D 247 -70.12 -63.75 24.16
C ILE D 247 -71.32 -63.92 23.24
N ASP D 248 -71.18 -63.46 22.00
CA ASP D 248 -72.23 -63.60 21.00
C ASP D 248 -71.89 -64.72 20.02
N LEU D 249 -72.75 -65.73 19.98
CA LEU D 249 -72.71 -66.80 18.97
C LEU D 249 -73.15 -66.31 17.60
N PRO D 250 -72.72 -67.02 16.53
CA PRO D 250 -73.06 -66.59 15.18
C PRO D 250 -74.36 -67.18 14.72
N ASP D 251 -74.88 -66.64 13.61
CA ASP D 251 -75.84 -67.35 12.75
C ASP D 251 -75.83 -68.88 12.89
N SER D 252 -74.80 -69.53 12.33
CA SER D 252 -74.72 -71.00 12.38
C SER D 252 -73.50 -71.53 13.11
N LEU D 253 -73.65 -72.72 13.66
CA LEU D 253 -72.67 -73.26 14.59
C LEU D 253 -71.91 -74.41 13.93
N ASP D 254 -71.89 -74.38 12.60
CA ASP D 254 -71.16 -75.37 11.83
C ASP D 254 -69.66 -75.32 12.10
N GLY D 255 -69.08 -76.50 12.33
CA GLY D 255 -67.63 -76.63 12.49
C GLY D 255 -67.13 -76.05 13.80
N ASP D 256 -66.30 -75.03 13.70
CA ASP D 256 -65.40 -74.72 14.79
C ASP D 256 -66.01 -73.77 15.82
N VAL D 257 -67.11 -73.11 15.46
CA VAL D 257 -67.58 -72.02 16.30
C VAL D 257 -67.73 -72.48 17.75
N LEU D 258 -68.26 -73.67 17.95
CA LEU D 258 -68.46 -74.15 19.31
C LEU D 258 -67.16 -74.47 20.05
N THR D 259 -66.21 -75.10 19.36
CA THR D 259 -64.87 -75.31 19.94
C THR D 259 -64.27 -73.99 20.44
N ARG D 260 -64.23 -72.98 19.59
CA ARG D 260 -63.63 -71.72 20.03
C ARG D 260 -64.52 -70.86 20.94
N LEU D 261 -65.72 -71.34 21.25
CA LEU D 261 -66.44 -70.84 22.41
C LEU D 261 -65.75 -71.29 23.67
N GLY D 262 -65.22 -72.51 23.65
CA GLY D 262 -64.52 -73.05 24.80
C GLY D 262 -63.18 -72.36 24.99
N GLU D 263 -62.53 -72.07 23.87
CA GLU D 263 -61.25 -71.37 23.86
C GLU D 263 -61.41 -69.89 24.25
N ALA D 264 -62.64 -69.39 24.18
CA ALA D 264 -62.88 -67.98 24.49
C ALA D 264 -63.33 -67.78 25.93
N LEU D 265 -64.10 -68.73 26.45
CA LEU D 265 -64.55 -68.64 27.83
C LEU D 265 -63.38 -68.63 28.80
N THR D 266 -62.33 -69.35 28.44
CA THR D 266 -61.18 -69.45 29.32
C THR D 266 -59.94 -68.77 28.76
N ASN D 267 -60.14 -67.61 28.13
CA ASN D 267 -59.05 -66.91 27.40
C ASN D 267 -57.90 -66.37 28.26
N GLY D 268 -58.23 -65.79 29.41
CA GLY D 268 -57.22 -65.21 30.30
C GLY D 268 -56.41 -64.09 29.67
N LEU D 269 -57.03 -63.37 28.73
CA LEU D 269 -56.49 -62.09 28.24
C LEU D 269 -57.37 -60.95 28.74
N ALA D 270 -58.09 -61.20 29.83
CA ALA D 270 -59.06 -60.26 30.39
C ALA D 270 -59.91 -59.63 29.29
N GLU D 271 -60.20 -60.40 28.26
CA GLU D 271 -61.28 -60.06 27.34
C GLU D 271 -62.62 -60.56 27.88
N ASP D 272 -63.60 -59.67 27.91
CA ASP D 272 -64.91 -60.01 28.46
C ASP D 272 -66.08 -59.60 27.55
N GLN D 273 -65.75 -59.09 26.36
CA GLN D 273 -66.78 -58.65 25.41
C GLN D 273 -66.51 -59.20 24.05
N LEU D 274 -67.07 -60.37 23.77
CA LEU D 274 -66.59 -61.21 22.70
C LEU D 274 -67.66 -61.61 21.70
N ALA D 275 -67.22 -61.87 20.48
CA ALA D 275 -68.06 -62.47 19.45
C ALA D 275 -67.33 -63.65 18.80
N ILE D 276 -68.06 -64.73 18.57
CA ILE D 276 -67.53 -65.85 17.82
C ILE D 276 -68.16 -65.89 16.45
N ARG D 277 -67.33 -65.69 15.43
CA ARG D 277 -67.80 -65.74 14.07
C ARG D 277 -66.99 -66.76 13.30
N GLN D 278 -67.38 -67.07 12.07
CA GLN D 278 -66.69 -68.10 11.31
C GLN D 278 -65.22 -67.70 10.98
N SER D 279 -64.91 -66.41 11.11
CA SER D 279 -63.55 -65.91 10.89
C SER D 279 -62.63 -66.18 12.10
N GLY D 280 -63.22 -66.46 13.25
CA GLY D 280 -62.47 -66.54 14.49
C GLY D 280 -63.16 -65.83 15.65
N VAL D 281 -62.40 -65.58 16.71
CA VAL D 281 -62.90 -64.93 17.91
C VAL D 281 -62.57 -63.45 17.83
N LEU D 282 -63.53 -62.60 18.17
CA LEU D 282 -63.38 -61.16 17.96
C LEU D 282 -63.59 -60.43 19.28
N ALA D 283 -62.94 -59.28 19.44
CA ALA D 283 -63.05 -58.52 20.68
C ALA D 283 -63.44 -57.09 20.42
N ARG D 284 -64.19 -56.53 21.36
CA ARG D 284 -64.89 -55.25 21.20
C ARG D 284 -64.02 -54.05 21.62
N ARG D 285 -64.05 -52.99 20.83
CA ARG D 285 -63.14 -51.85 21.02
C ARG D 285 -63.88 -50.56 20.68
N LEU D 286 -63.76 -49.54 21.51
CA LEU D 286 -64.21 -48.24 21.07
C LEU D 286 -63.14 -47.61 20.21
N VAL D 287 -63.56 -47.02 19.10
CA VAL D 287 -62.62 -46.51 18.11
C VAL D 287 -63.01 -45.08 17.68
N PRO D 288 -62.01 -44.18 17.60
CA PRO D 288 -62.28 -42.80 17.14
C PRO D 288 -62.75 -42.77 15.69
N ALA D 289 -63.82 -42.02 15.43
CA ALA D 289 -64.49 -42.03 14.12
C ALA D 289 -64.50 -40.66 13.48
N PRO D 290 -63.31 -40.13 13.13
CA PRO D 290 -63.27 -38.89 12.35
C PRO D 290 -64.11 -39.03 11.09
N ALA D 291 -64.76 -37.95 10.67
CA ALA D 291 -65.58 -37.95 9.46
C ALA D 291 -64.75 -37.71 8.16
N ASN D 292 -64.96 -38.57 7.15
CA ASN D 292 -64.26 -38.45 5.86
C ASN D 292 -64.80 -37.31 5.01
N GLN D 293 -64.26 -36.10 5.22
CA GLN D 293 -64.91 -34.89 4.72
C GLN D 293 -64.86 -34.80 3.18
N PRO D 294 -66.05 -34.76 2.52
CA PRO D 294 -67.30 -34.53 3.23
C PRO D 294 -68.42 -35.52 2.83
N ALA D 295 -69.66 -35.11 3.06
CA ALA D 295 -70.79 -36.02 3.11
C ALA D 295 -71.40 -36.23 1.73
N GLY D 296 -72.23 -37.27 1.61
CA GLY D 296 -72.93 -37.57 0.37
C GLY D 296 -74.12 -36.66 0.13
N ARG D 297 -74.82 -36.29 1.20
CA ARG D 297 -76.00 -35.43 1.08
C ARG D 297 -75.96 -34.23 2.02
N LYS D 298 -76.78 -33.24 1.74
CA LYS D 298 -76.96 -32.10 2.62
C LYS D 298 -78.34 -32.18 3.25
N TRP D 299 -78.44 -32.81 4.41
CA TRP D 299 -79.72 -33.34 4.89
C TRP D 299 -80.75 -32.28 5.19
N ARG D 300 -81.99 -32.50 4.72
CA ARG D 300 -83.15 -31.62 4.99
C ARG D 300 -84.44 -32.45 4.94
N PRO D 301 -85.43 -32.14 5.80
CA PRO D 301 -86.71 -32.85 5.69
C PRO D 301 -87.51 -32.43 4.45
N ARG D 302 -88.15 -33.39 3.77
CA ARG D 302 -89.08 -33.11 2.67
C ARG D 302 -90.32 -32.38 3.17
N GLY D 303 -90.89 -32.88 4.26
CA GLY D 303 -92.14 -32.38 4.79
C GLY D 303 -92.15 -32.42 6.30
N SER D 304 -93.03 -33.23 6.87
CA SER D 304 -93.31 -33.16 8.30
C SER D 304 -92.34 -34.02 9.13
N ALA D 305 -91.83 -33.44 10.20
CA ALA D 305 -90.93 -34.15 11.11
C ALA D 305 -91.60 -34.41 12.47
N LEU D 306 -91.49 -35.64 12.96
CA LEU D 306 -92.04 -35.99 14.27
C LEU D 306 -90.94 -36.24 15.28
N ILE D 307 -91.16 -35.77 16.50
CA ILE D 307 -90.23 -36.00 17.61
C ILE D 307 -91.00 -36.49 18.81
N THR D 308 -90.76 -37.74 19.19
CA THR D 308 -91.23 -38.26 20.47
C THR D 308 -90.34 -37.70 21.52
N GLY D 309 -90.90 -37.40 22.69
CA GLY D 309 -90.16 -36.67 23.72
C GLY D 309 -89.86 -35.27 23.23
N GLY D 310 -90.72 -34.78 22.34
CA GLY D 310 -90.47 -33.55 21.60
C GLY D 310 -90.67 -32.30 22.42
N LEU D 311 -90.89 -32.46 23.72
CA LEU D 311 -91.01 -31.33 24.64
C LEU D 311 -90.05 -31.45 25.82
N GLY D 312 -89.29 -32.54 25.86
CA GLY D 312 -88.14 -32.65 26.76
C GLY D 312 -87.06 -31.68 26.36
N ALA D 313 -85.91 -31.76 27.02
CA ALA D 313 -84.82 -30.82 26.79
C ALA D 313 -84.16 -31.00 25.42
N VAL D 314 -83.84 -32.24 25.07
CA VAL D 314 -83.20 -32.52 23.80
C VAL D 314 -84.17 -32.32 22.64
N GLY D 315 -85.36 -32.88 22.76
CA GLY D 315 -86.42 -32.62 21.78
C GLY D 315 -86.66 -31.15 21.47
N ALA D 316 -86.27 -30.26 22.38
CA ALA D 316 -86.48 -28.83 22.19
C ALA D 316 -85.50 -28.27 21.16
N GLN D 317 -84.22 -28.57 21.35
CA GLN D 317 -83.16 -28.15 20.43
C GLN D 317 -83.41 -28.70 19.04
N VAL D 318 -83.75 -29.99 18.98
CA VAL D 318 -83.94 -30.69 17.74
C VAL D 318 -85.13 -30.07 16.99
N ALA D 319 -86.21 -29.80 17.73
CA ALA D 319 -87.31 -29.02 17.17
C ALA D 319 -86.80 -27.70 16.59
N ARG D 320 -86.12 -26.93 17.43
CA ARG D 320 -85.54 -25.66 17.01
C ARG D 320 -84.75 -25.87 15.73
N TRP D 321 -83.75 -26.74 15.81
CA TRP D 321 -82.86 -26.97 14.70
C TRP D 321 -83.65 -27.27 13.45
N LEU D 322 -84.63 -28.16 13.57
CA LEU D 322 -85.48 -28.49 12.43
C LEU D 322 -86.18 -27.28 11.82
N ALA D 323 -86.42 -26.26 12.64
CA ALA D 323 -87.01 -25.03 12.14
C ALA D 323 -85.99 -24.19 11.40
N GLU D 324 -84.86 -23.93 12.06
CA GLU D 324 -83.75 -23.17 11.44
C GLU D 324 -83.37 -23.71 10.06
N ILE D 325 -83.53 -25.01 9.86
CA ILE D 325 -83.22 -25.61 8.57
C ILE D 325 -84.51 -25.89 7.77
N GLY D 326 -85.61 -25.32 8.25
CA GLY D 326 -86.80 -25.04 7.43
C GLY D 326 -87.79 -26.18 7.21
N ALA D 327 -88.14 -26.90 8.29
CA ALA D 327 -89.21 -27.90 8.20
C ALA D 327 -90.60 -27.23 8.04
N GLU D 328 -91.37 -27.70 7.06
CA GLU D 328 -92.71 -27.17 6.79
C GLU D 328 -93.75 -27.52 7.87
N ARG D 329 -93.44 -28.53 8.69
CA ARG D 329 -94.24 -28.83 9.89
C ARG D 329 -93.49 -29.76 10.86
N ILE D 330 -93.45 -29.34 12.14
CA ILE D 330 -92.94 -30.18 13.22
C ILE D 330 -94.09 -30.73 14.07
N VAL D 331 -94.00 -32.00 14.43
CA VAL D 331 -94.98 -32.64 15.31
C VAL D 331 -94.32 -33.17 16.59
N LEU D 332 -94.57 -32.50 17.71
CA LEU D 332 -94.04 -32.95 18.98
C LEU D 332 -95.07 -33.78 19.72
N THR D 333 -94.69 -35.00 20.12
CA THR D 333 -95.57 -35.81 20.96
C THR D 333 -94.99 -36.05 22.36
N SER D 334 -95.88 -36.37 23.30
CA SER D 334 -95.51 -36.71 24.67
C SER D 334 -96.75 -37.24 25.40
N ARG D 335 -96.53 -37.91 26.53
CA ARG D 335 -97.59 -38.14 27.51
C ARG D 335 -98.29 -36.84 27.90
N ARG D 336 -97.49 -35.80 28.16
CA ARG D 336 -97.96 -34.49 28.61
C ARG D 336 -98.65 -33.69 27.48
N GLY D 337 -98.03 -33.71 26.29
CA GLY D 337 -98.54 -32.98 25.13
C GLY D 337 -98.72 -31.49 25.33
N ASN D 338 -99.85 -30.97 24.83
CA ASN D 338 -100.19 -29.56 24.97
C ASN D 338 -99.84 -28.97 26.33
N GLN D 339 -100.10 -29.71 27.39
CA GLN D 339 -100.03 -29.16 28.75
C GLN D 339 -98.65 -29.29 29.39
N ALA D 340 -97.62 -29.54 28.57
CA ALA D 340 -96.24 -29.55 29.07
C ALA D 340 -95.77 -28.15 29.49
N ALA D 341 -94.56 -28.10 30.07
CA ALA D 341 -93.98 -26.85 30.62
C ALA D 341 -93.10 -26.10 29.60
N GLY D 342 -93.29 -24.79 29.52
CA GLY D 342 -92.66 -24.01 28.48
C GLY D 342 -93.09 -24.53 27.12
N ALA D 343 -94.27 -25.12 27.07
CA ALA D 343 -94.79 -25.72 25.84
C ALA D 343 -95.31 -24.69 24.82
N ALA D 344 -96.20 -23.81 25.25
CA ALA D 344 -96.80 -22.82 24.35
C ALA D 344 -95.73 -21.92 23.74
N GLU D 345 -94.81 -21.44 24.57
CA GLU D 345 -93.76 -20.53 24.13
C GLU D 345 -92.77 -21.20 23.17
N LEU D 346 -92.58 -22.51 23.33
CA LEU D 346 -91.77 -23.29 22.40
C LEU D 346 -92.42 -23.32 21.00
N GLU D 347 -93.74 -23.43 20.97
CA GLU D 347 -94.46 -23.35 19.69
C GLU D 347 -94.35 -21.96 19.08
N ALA D 348 -94.56 -20.94 19.90
CA ALA D 348 -94.31 -19.57 19.45
C ALA D 348 -92.93 -19.46 18.80
N GLU D 349 -91.91 -20.00 19.47
CA GLU D 349 -90.53 -19.94 18.97
C GLU D 349 -90.35 -20.56 17.58
N LEU D 350 -91.11 -21.61 17.31
CA LEU D 350 -90.92 -22.40 16.11
C LEU D 350 -91.84 -21.96 14.95
N ARG D 351 -93.06 -21.55 15.28
CA ARG D 351 -93.90 -20.83 14.32
C ARG D 351 -93.24 -19.50 13.92
N ALA D 352 -92.49 -18.92 14.86
CA ALA D 352 -91.66 -17.74 14.58
C ALA D 352 -90.59 -17.99 13.50
N LEU D 353 -90.10 -19.22 13.41
CA LEU D 353 -88.98 -19.51 12.51
C LEU D 353 -89.41 -20.13 11.17
N GLY D 354 -90.71 -20.07 10.89
CA GLY D 354 -91.23 -20.50 9.58
C GLY D 354 -91.96 -21.84 9.59
N ALA D 355 -92.14 -22.40 10.78
CA ALA D 355 -92.59 -23.80 10.92
C ALA D 355 -93.97 -23.90 11.57
N GLN D 356 -94.90 -24.58 10.89
CA GLN D 356 -96.17 -24.97 11.48
C GLN D 356 -95.99 -26.04 12.55
N VAL D 357 -96.61 -25.85 13.71
CA VAL D 357 -96.43 -26.78 14.83
C VAL D 357 -97.66 -27.69 15.02
N SER D 358 -97.42 -28.88 15.56
CA SER D 358 -98.49 -29.76 16.04
C SER D 358 -98.04 -30.43 17.32
N ILE D 359 -98.72 -30.15 18.41
CA ILE D 359 -98.41 -30.80 19.67
C ILE D 359 -99.54 -31.75 20.08
N VAL D 360 -99.25 -33.04 20.03
CA VAL D 360 -100.22 -34.04 20.40
C VAL D 360 -99.80 -34.71 21.70
N ALA D 361 -100.79 -35.05 22.52
CA ALA D 361 -100.55 -35.91 23.66
C ALA D 361 -100.79 -37.33 23.21
N CYS D 362 -99.81 -38.18 23.47
CA CYS D 362 -99.74 -39.47 22.82
C CYS D 362 -98.61 -40.26 23.43
N ASP D 363 -98.92 -41.42 23.99
CA ASP D 363 -97.91 -42.35 24.44
C ASP D 363 -97.25 -42.97 23.22
N VAL D 364 -95.92 -42.86 23.13
CA VAL D 364 -95.16 -43.52 22.06
C VAL D 364 -95.39 -45.03 22.01
N THR D 365 -95.80 -45.60 23.14
CA THR D 365 -95.96 -47.05 23.28
C THR D 365 -97.34 -47.53 22.83
N ASP D 366 -98.17 -46.59 22.37
CA ASP D 366 -99.54 -46.91 21.93
C ASP D 366 -99.66 -46.92 20.42
N ARG D 367 -99.69 -48.12 19.84
CA ARG D 367 -99.53 -48.29 18.40
C ARG D 367 -100.63 -47.59 17.60
N ALA D 368 -101.87 -47.78 18.02
CA ALA D 368 -103.01 -47.22 17.30
C ALA D 368 -102.90 -45.72 17.14
N GLU D 369 -102.51 -45.02 18.21
CA GLU D 369 -102.48 -43.56 18.19
C GLU D 369 -101.36 -43.12 17.27
N MET D 370 -100.25 -43.85 17.38
CA MET D 370 -99.03 -43.50 16.69
C MET D 370 -99.21 -43.61 15.18
N SER D 371 -99.77 -44.71 14.72
CA SER D 371 -100.11 -44.84 13.30
C SER D 371 -101.07 -43.74 12.89
N ALA D 372 -102.26 -43.72 13.51
CA ALA D 372 -103.26 -42.68 13.22
C ALA D 372 -102.58 -41.34 13.02
N LEU D 373 -101.73 -40.97 13.97
CA LEU D 373 -101.01 -39.69 13.94
C LEU D 373 -100.10 -39.52 12.73
N LEU D 374 -99.25 -40.51 12.46
CA LEU D 374 -98.27 -40.42 11.38
C LEU D 374 -98.95 -40.26 10.02
N ALA D 375 -100.00 -41.06 9.79
CA ALA D 375 -100.89 -40.86 8.63
C ALA D 375 -101.94 -39.82 8.96
N GLU D 376 -101.62 -38.57 8.70
CA GLU D 376 -102.46 -37.44 9.06
C GLU D 376 -101.57 -36.24 8.92
N PHE D 377 -100.28 -36.50 9.10
CA PHE D 377 -99.26 -35.48 8.93
C PHE D 377 -98.19 -35.94 7.93
N ASP D 378 -98.38 -37.13 7.37
CA ASP D 378 -97.51 -37.63 6.31
C ASP D 378 -96.04 -37.31 6.60
N VAL D 379 -95.51 -37.92 7.68
CA VAL D 379 -94.18 -37.57 8.17
C VAL D 379 -93.07 -38.29 7.40
N THR D 380 -91.97 -37.56 7.16
CA THR D 380 -90.86 -38.10 6.37
C THR D 380 -89.63 -38.27 7.24
N ALA D 381 -89.73 -37.80 8.48
CA ALA D 381 -88.61 -37.82 9.42
C ALA D 381 -89.11 -38.14 10.85
N VAL D 382 -88.39 -39.01 11.55
CA VAL D 382 -88.79 -39.44 12.90
C VAL D 382 -87.60 -39.35 13.82
N PHE D 383 -87.76 -38.64 14.94
CA PHE D 383 -86.74 -38.61 15.98
C PHE D 383 -87.32 -39.13 17.30
N HIS D 384 -86.76 -40.23 17.81
CA HIS D 384 -87.24 -40.88 19.04
C HIS D 384 -86.44 -40.40 20.21
N ALA D 385 -86.96 -39.39 20.91
CA ALA D 385 -86.31 -38.87 22.12
C ALA D 385 -87.08 -39.26 23.40
N ALA D 386 -88.13 -40.06 23.24
CA ALA D 386 -88.87 -40.50 24.41
C ALA D 386 -87.99 -41.35 25.31
N GLY D 387 -87.80 -40.89 26.53
CA GLY D 387 -86.96 -41.60 27.48
C GLY D 387 -87.29 -41.25 28.91
N VAL D 388 -86.85 -42.11 29.82
CA VAL D 388 -86.74 -41.74 31.22
C VAL D 388 -85.37 -42.21 31.73
N GLY D 389 -84.80 -41.45 32.66
CA GLY D 389 -83.52 -41.81 33.26
C GLY D 389 -83.58 -41.81 34.78
N ARG D 390 -82.98 -42.83 35.38
CA ARG D 390 -82.52 -42.74 36.77
C ARG D 390 -81.24 -43.54 36.99
N LEU D 391 -80.62 -43.37 38.16
CA LEU D 391 -79.41 -44.09 38.46
C LEU D 391 -79.58 -44.96 39.68
N LEU D 392 -80.14 -46.15 39.48
CA LEU D 392 -80.19 -47.18 40.50
C LEU D 392 -79.09 -48.20 40.20
N PRO D 393 -78.36 -48.63 41.24
CA PRO D 393 -77.47 -49.79 41.09
C PRO D 393 -78.27 -51.00 40.71
N LEU D 394 -77.60 -52.05 40.25
CA LEU D 394 -78.27 -53.31 39.88
C LEU D 394 -78.95 -53.96 41.09
N ALA D 395 -78.28 -53.88 42.23
CA ALA D 395 -78.71 -54.58 43.44
C ALA D 395 -80.06 -54.06 43.92
N GLU D 396 -80.43 -52.87 43.46
CA GLU D 396 -81.65 -52.20 43.90
C GLU D 396 -82.71 -52.10 42.76
N THR D 397 -82.38 -52.66 41.58
CA THR D 397 -83.29 -52.67 40.43
C THR D 397 -84.07 -53.99 40.37
N ASP D 398 -85.38 -53.90 40.18
CA ASP D 398 -86.19 -55.07 39.90
C ASP D 398 -86.92 -54.98 38.57
N GLN D 399 -87.52 -56.09 38.15
CA GLN D 399 -88.52 -56.11 37.09
C GLN D 399 -89.16 -54.74 36.86
N ASN D 400 -89.75 -54.16 37.89
CA ASN D 400 -90.55 -52.96 37.69
C ASN D 400 -89.69 -51.72 37.52
N GLY D 401 -88.49 -51.73 38.10
CA GLY D 401 -87.51 -50.69 37.81
C GLY D 401 -87.14 -50.72 36.34
N LEU D 402 -86.79 -51.92 35.89
CA LEU D 402 -86.45 -52.20 34.50
C LEU D 402 -87.49 -51.72 33.50
N ALA D 403 -88.74 -52.11 33.74
CA ALA D 403 -89.86 -51.72 32.89
C ALA D 403 -90.04 -50.21 32.75
N GLU D 404 -89.91 -49.50 33.87
CA GLU D 404 -90.10 -48.05 33.89
C GLU D 404 -89.05 -47.34 33.03
N ILE D 405 -87.81 -47.81 33.13
CA ILE D 405 -86.70 -47.22 32.39
C ILE D 405 -86.77 -47.58 30.89
N CYS D 406 -87.35 -48.73 30.58
CA CYS D 406 -87.33 -49.25 29.22
C CYS D 406 -88.55 -48.88 28.39
N ALA D 407 -89.74 -48.97 28.99
CA ALA D 407 -90.96 -49.06 28.20
C ALA D 407 -91.00 -48.06 27.04
N ALA D 408 -90.81 -46.78 27.34
CA ALA D 408 -91.03 -45.71 26.34
C ALA D 408 -89.95 -45.72 25.26
N LYS D 409 -88.71 -45.90 25.68
CA LYS D 409 -87.57 -45.97 24.81
C LYS D 409 -87.69 -47.23 23.95
N VAL D 410 -87.72 -48.38 24.63
CA VAL D 410 -87.68 -49.68 23.97
C VAL D 410 -88.95 -49.96 23.21
N ARG D 411 -90.11 -49.86 23.84
CA ARG D 411 -91.33 -50.17 23.13
C ARG D 411 -91.74 -49.12 22.11
N GLY D 412 -91.46 -47.85 22.40
CA GLY D 412 -91.73 -46.77 21.44
C GLY D 412 -90.97 -46.88 20.12
N ALA D 413 -89.70 -47.27 20.21
CA ALA D 413 -88.90 -47.54 19.01
C ALA D 413 -89.46 -48.74 18.24
N GLN D 414 -89.82 -49.79 18.97
CA GLN D 414 -90.52 -50.91 18.34
C GLN D 414 -91.78 -50.47 17.64
N VAL D 415 -92.52 -49.55 18.26
CA VAL D 415 -93.75 -49.06 17.64
C VAL D 415 -93.42 -48.23 16.39
N LEU D 416 -92.39 -47.40 16.50
CA LEU D 416 -92.00 -46.56 15.36
C LEU D 416 -91.46 -47.41 14.21
N ASP D 417 -90.69 -48.44 14.55
CA ASP D 417 -90.21 -49.41 13.59
C ASP D 417 -91.35 -50.12 12.86
N GLU D 418 -92.39 -50.50 13.59
CA GLU D 418 -93.44 -51.33 12.99
C GLU D 418 -94.25 -50.57 11.91
N LEU D 419 -94.65 -49.35 12.23
CA LEU D 419 -95.00 -48.37 11.20
C LEU D 419 -93.66 -47.99 10.57
N CYS D 420 -93.63 -47.00 9.67
CA CYS D 420 -92.35 -46.66 8.98
C CYS D 420 -91.74 -47.82 8.17
N ASP D 421 -92.59 -48.58 7.47
CA ASP D 421 -92.11 -49.74 6.72
C ASP D 421 -91.63 -49.36 5.31
N SER D 422 -91.05 -48.18 5.16
CA SER D 422 -90.92 -47.56 3.85
C SER D 422 -89.49 -47.07 3.57
N THR D 423 -89.00 -47.41 2.38
CA THR D 423 -87.67 -46.96 1.91
C THR D 423 -87.58 -45.43 1.89
N ASP D 424 -88.71 -44.78 1.63
CA ASP D 424 -88.80 -43.31 1.52
C ASP D 424 -88.21 -42.59 2.71
N LEU D 425 -88.56 -43.09 3.89
CA LEU D 425 -88.37 -42.36 5.13
C LEU D 425 -87.04 -41.62 5.08
N ASP D 426 -87.09 -40.30 5.17
CA ASP D 426 -85.88 -39.53 5.02
C ASP D 426 -85.09 -39.36 6.31
N ALA D 427 -85.48 -40.09 7.35
CA ALA D 427 -84.66 -40.21 8.56
C ALA D 427 -85.43 -40.90 9.67
N PHE D 428 -84.73 -41.74 10.41
CA PHE D 428 -85.32 -42.46 11.50
C PHE D 428 -84.26 -42.50 12.55
N VAL D 429 -84.27 -41.51 13.43
CA VAL D 429 -83.17 -41.27 14.33
C VAL D 429 -83.52 -41.61 15.77
N LEU D 430 -82.64 -42.37 16.42
CA LEU D 430 -82.87 -42.85 17.78
C LEU D 430 -81.89 -42.22 18.73
N PHE D 431 -82.38 -41.75 19.85
CA PHE D 431 -81.53 -41.06 20.76
C PHE D 431 -81.03 -42.00 21.84
N SER D 432 -79.83 -42.51 21.62
CA SER D 432 -79.27 -43.48 22.52
C SER D 432 -78.32 -42.81 23.50
N SER D 433 -77.45 -43.60 24.14
CA SER D 433 -76.60 -43.06 25.18
C SER D 433 -75.34 -43.91 25.33
N GLY D 434 -74.27 -43.29 25.77
CA GLY D 434 -73.00 -43.98 25.90
C GLY D 434 -73.06 -44.96 27.04
N ALA D 435 -74.06 -44.80 27.90
CA ALA D 435 -74.27 -45.75 28.98
C ALA D 435 -74.50 -47.15 28.42
N GLY D 436 -75.19 -47.22 27.28
CA GLY D 436 -75.44 -48.47 26.58
C GLY D 436 -74.33 -48.93 25.66
N VAL D 437 -73.26 -48.12 25.58
CA VAL D 437 -72.10 -48.43 24.73
C VAL D 437 -70.88 -48.83 25.55
N TRP D 438 -70.63 -48.13 26.66
CA TRP D 438 -69.54 -48.55 27.57
C TRP D 438 -69.99 -48.75 28.99
N GLY D 439 -71.14 -48.16 29.34
CA GLY D 439 -71.69 -48.30 30.70
C GLY D 439 -71.13 -47.33 31.74
N GLY D 440 -71.91 -47.07 32.79
CA GLY D 440 -71.40 -46.47 34.02
C GLY D 440 -72.10 -47.04 35.24
N GLY D 441 -71.47 -46.88 36.42
CA GLY D 441 -72.11 -47.22 37.69
C GLY D 441 -73.51 -46.65 37.80
N GLY D 442 -74.48 -47.52 38.09
CA GLY D 442 -75.85 -47.08 38.28
C GLY D 442 -76.66 -46.95 37.00
N GLN D 443 -76.18 -47.57 35.93
CA GLN D 443 -76.83 -47.40 34.63
C GLN D 443 -77.21 -48.69 33.91
N GLY D 444 -77.43 -49.75 34.69
CA GLY D 444 -77.85 -51.05 34.14
C GLY D 444 -79.11 -51.01 33.29
N ALA D 445 -80.19 -50.49 33.86
CA ALA D 445 -81.48 -50.37 33.17
C ALA D 445 -81.37 -49.43 31.98
N TYR D 446 -80.67 -48.31 32.20
CA TYR D 446 -80.52 -47.29 31.19
C TYR D 446 -79.61 -47.81 30.07
N GLY D 447 -78.60 -48.57 30.45
CA GLY D 447 -77.71 -49.22 29.49
C GLY D 447 -78.43 -50.27 28.66
N ALA D 448 -79.14 -51.18 29.32
CA ALA D 448 -79.92 -52.18 28.63
C ALA D 448 -80.76 -51.55 27.52
N ALA D 449 -81.56 -50.54 27.90
CA ALA D 449 -82.53 -49.93 27.01
C ALA D 449 -81.89 -49.18 25.83
N ASN D 450 -80.73 -48.58 26.06
CA ASN D 450 -80.05 -47.88 24.99
C ASN D 450 -79.35 -48.83 24.03
N ALA D 451 -78.74 -49.89 24.58
CA ALA D 451 -78.04 -50.87 23.77
C ALA D 451 -79.00 -51.52 22.76
N PHE D 452 -80.23 -51.73 23.20
CA PHE D 452 -81.32 -52.09 22.32
C PHE D 452 -81.38 -51.20 21.10
N LEU D 453 -81.31 -49.89 21.29
CA LEU D 453 -81.51 -48.97 20.18
C LEU D 453 -80.42 -49.11 19.10
N ASP D 454 -79.15 -49.16 19.54
CA ASP D 454 -78.07 -49.60 18.68
C ASP D 454 -78.51 -50.75 17.77
N THR D 455 -78.86 -51.87 18.37
CA THR D 455 -78.99 -53.06 17.58
C THR D 455 -80.25 -52.98 16.72
N LEU D 456 -81.24 -52.23 17.18
CA LEU D 456 -82.44 -52.02 16.37
C LEU D 456 -82.12 -51.33 15.03
N ALA D 457 -81.48 -50.16 15.11
CA ALA D 457 -80.97 -49.48 13.93
C ALA D 457 -80.24 -50.38 12.92
N GLU D 458 -79.24 -51.15 13.38
CA GLU D 458 -78.55 -52.10 12.50
C GLU D 458 -79.57 -53.03 11.87
N GLN D 459 -80.39 -53.66 12.68
CA GLN D 459 -81.43 -54.54 12.18
C GLN D 459 -82.30 -53.90 11.09
N ARG D 460 -82.58 -52.59 11.18
CA ARG D 460 -83.32 -51.88 10.11
C ARG D 460 -82.46 -51.76 8.85
N ARG D 461 -81.21 -51.37 9.03
CA ARG D 461 -80.31 -51.26 7.91
C ARG D 461 -80.12 -52.60 7.18
N ALA D 462 -80.09 -53.69 7.94
CA ALA D 462 -79.93 -55.03 7.35
C ALA D 462 -81.08 -55.34 6.39
N ARG D 463 -82.17 -54.62 6.55
CA ARG D 463 -83.42 -54.89 5.85
C ARG D 463 -83.59 -53.90 4.69
N GLY D 464 -82.72 -52.90 4.64
CA GLY D 464 -82.82 -51.85 3.64
C GLY D 464 -83.66 -50.65 4.06
N LEU D 465 -83.96 -50.56 5.35
CA LEU D 465 -84.63 -49.38 5.88
C LEU D 465 -83.60 -48.47 6.58
N PRO D 466 -83.77 -47.14 6.47
CA PRO D 466 -82.82 -46.20 7.04
C PRO D 466 -83.00 -46.16 8.55
N ALA D 467 -81.92 -46.08 9.29
CA ALA D 467 -82.02 -45.96 10.73
C ALA D 467 -80.77 -45.33 11.22
N THR D 468 -80.90 -44.45 12.19
CA THR D 468 -79.73 -43.84 12.81
C THR D 468 -79.86 -43.86 14.32
N SER D 469 -78.90 -44.48 14.98
CA SER D 469 -78.82 -44.44 16.43
C SER D 469 -77.54 -43.74 16.87
N ILE D 470 -77.70 -42.54 17.43
CA ILE D 470 -76.59 -41.82 18.05
C ILE D 470 -76.62 -42.04 19.55
N SER D 471 -75.47 -42.37 20.11
CA SER D 471 -75.38 -42.53 21.54
C SER D 471 -74.56 -41.42 22.17
N TRP D 472 -75.25 -40.44 22.73
CA TRP D 472 -74.63 -39.22 23.23
C TRP D 472 -74.00 -39.44 24.57
N GLY D 473 -72.93 -38.70 24.86
CA GLY D 473 -72.63 -38.30 26.23
C GLY D 473 -73.60 -37.21 26.63
N SER D 474 -73.50 -36.74 27.86
CA SER D 474 -74.44 -35.77 28.41
C SER D 474 -74.52 -34.48 27.58
N TRP D 475 -75.73 -33.94 27.43
CA TRP D 475 -75.95 -32.58 26.93
C TRP D 475 -75.96 -31.56 28.06
N ALA D 476 -75.45 -30.36 27.79
CA ALA D 476 -75.63 -29.24 28.71
C ALA D 476 -76.95 -28.52 28.45
N GLY D 477 -77.29 -27.56 29.31
CA GLY D 477 -78.67 -27.12 29.44
C GLY D 477 -79.47 -28.14 30.21
N GLY D 478 -80.79 -28.06 30.11
CA GLY D 478 -81.68 -28.93 30.88
C GLY D 478 -81.69 -30.38 30.44
N GLY D 479 -82.45 -31.21 31.17
CA GLY D 479 -82.64 -32.60 30.80
C GLY D 479 -81.89 -33.55 31.71
N MET D 480 -81.64 -34.75 31.23
CA MET D 480 -81.19 -35.83 32.09
C MET D 480 -79.76 -35.62 32.60
N ALA D 481 -79.09 -34.62 32.06
CA ALA D 481 -77.78 -34.25 32.55
C ALA D 481 -77.80 -33.03 33.46
N ASP D 482 -78.99 -32.50 33.75
CA ASP D 482 -79.10 -31.13 34.27
C ASP D 482 -79.04 -31.01 35.80
N GLY D 483 -79.52 -32.03 36.50
CA GLY D 483 -79.63 -31.96 37.95
C GLY D 483 -78.50 -32.66 38.66
N ALA D 484 -78.87 -33.55 39.59
CA ALA D 484 -77.90 -34.32 40.35
C ALA D 484 -77.18 -35.32 39.45
N ALA D 485 -77.95 -35.99 38.59
CA ALA D 485 -77.40 -36.84 37.53
C ALA D 485 -76.37 -36.10 36.69
N GLY D 486 -76.64 -34.84 36.39
CA GLY D 486 -75.64 -33.93 35.84
C GLY D 486 -74.26 -34.05 36.44
N GLU D 487 -74.10 -33.66 37.71
CA GLU D 487 -72.77 -33.59 38.31
C GLU D 487 -72.09 -34.96 38.57
N HIS D 488 -72.88 -36.01 38.77
CA HIS D 488 -72.31 -37.35 38.91
C HIS D 488 -71.53 -37.75 37.68
N LEU D 489 -72.08 -37.44 36.49
CA LEU D 489 -71.43 -37.73 35.20
C LEU D 489 -70.20 -36.84 34.98
N ARG D 490 -70.31 -35.58 35.38
CA ARG D 490 -69.21 -34.63 35.23
C ARG D 490 -67.95 -35.08 35.99
N ARG D 491 -68.16 -35.65 37.18
CA ARG D 491 -67.07 -36.19 38.02
C ARG D 491 -66.44 -37.47 37.46
N ARG D 492 -67.27 -38.29 36.81
CA ARG D 492 -66.82 -39.55 36.19
C ARG D 492 -65.96 -39.30 34.92
N GLY D 493 -66.24 -38.20 34.22
CA GLY D 493 -65.33 -37.72 33.18
C GLY D 493 -66.01 -37.35 31.88
N ILE D 494 -67.31 -37.13 31.92
CA ILE D 494 -68.05 -36.83 30.71
C ILE D 494 -68.51 -35.38 30.63
N ARG D 495 -67.82 -34.63 29.79
CA ARG D 495 -68.06 -33.20 29.67
C ARG D 495 -69.37 -32.97 28.96
N PRO D 496 -70.22 -32.09 29.51
CA PRO D 496 -71.45 -31.73 28.80
C PRO D 496 -71.15 -31.07 27.47
N MET D 497 -72.01 -31.30 26.48
CA MET D 497 -71.81 -30.69 25.18
C MET D 497 -72.73 -29.48 24.99
N PRO D 498 -72.17 -28.32 24.64
CA PRO D 498 -73.09 -27.25 24.31
C PRO D 498 -74.14 -27.72 23.29
N ALA D 499 -75.40 -27.36 23.54
CA ALA D 499 -76.49 -27.76 22.67
C ALA D 499 -76.19 -27.55 21.17
N ALA D 500 -75.77 -26.35 20.79
CA ALA D 500 -75.50 -26.04 19.38
C ALA D 500 -74.48 -27.00 18.77
N SER D 501 -73.36 -27.20 19.48
CA SER D 501 -72.35 -28.16 19.03
C SER D 501 -72.97 -29.52 18.68
N ALA D 502 -73.70 -30.10 19.62
CA ALA D 502 -74.26 -31.43 19.45
C ALA D 502 -75.23 -31.43 18.28
N ILE D 503 -76.00 -30.35 18.13
CA ILE D 503 -76.90 -30.22 17.01
C ILE D 503 -76.13 -30.28 15.68
N LEU D 504 -74.92 -29.73 15.67
CA LEU D 504 -74.06 -29.85 14.50
C LEU D 504 -73.68 -31.30 14.22
N ALA D 505 -73.26 -32.03 15.25
CA ALA D 505 -72.95 -33.45 15.08
C ALA D 505 -74.15 -34.18 14.47
N LEU D 506 -75.33 -33.84 14.96
CA LEU D 506 -76.58 -34.36 14.41
C LEU D 506 -76.73 -34.15 12.89
N GLN D 507 -76.51 -32.93 12.42
CA GLN D 507 -76.53 -32.65 10.97
C GLN D 507 -75.48 -33.51 10.25
N GLU D 508 -74.25 -33.50 10.77
CA GLU D 508 -73.18 -34.32 10.20
C GLU D 508 -73.68 -35.73 9.97
N VAL D 509 -73.98 -36.42 11.07
CA VAL D 509 -74.43 -37.78 11.01
C VAL D 509 -75.55 -37.98 9.99
N LEU D 510 -76.51 -37.07 9.96
CA LEU D 510 -77.59 -37.19 8.97
C LEU D 510 -77.10 -37.00 7.54
N ASP D 511 -76.40 -35.89 7.29
CA ASP D 511 -75.71 -35.65 6.00
C ASP D 511 -74.92 -36.90 5.56
N GLN D 512 -74.21 -37.49 6.52
CA GLN D 512 -73.24 -38.54 6.29
C GLN D 512 -73.94 -39.91 6.15
N ASP D 513 -75.24 -39.93 6.44
CA ASP D 513 -76.08 -41.15 6.34
C ASP D 513 -75.60 -42.37 7.14
N GLU D 514 -75.20 -42.12 8.37
CA GLU D 514 -74.57 -43.11 9.21
C GLU D 514 -75.58 -43.99 9.92
N THR D 515 -75.11 -45.12 10.43
CA THR D 515 -75.94 -45.97 11.23
C THR D 515 -75.81 -45.76 12.73
N CYS D 516 -74.76 -46.31 13.35
CA CYS D 516 -74.49 -46.08 14.76
C CYS D 516 -73.26 -45.25 14.91
N VAL D 517 -73.33 -44.26 15.78
CA VAL D 517 -72.16 -43.50 16.19
C VAL D 517 -72.35 -42.99 17.62
N SER D 518 -71.27 -43.05 18.40
CA SER D 518 -71.22 -42.40 19.70
C SER D 518 -70.76 -40.98 19.53
N ILE D 519 -71.49 -40.04 20.10
CA ILE D 519 -70.96 -38.69 20.23
C ILE D 519 -70.85 -38.20 21.66
N ALA D 520 -69.63 -38.20 22.19
CA ALA D 520 -69.38 -37.76 23.55
C ALA D 520 -68.10 -36.94 23.66
N ASP D 521 -68.17 -35.82 24.39
CA ASP D 521 -66.96 -35.18 24.91
C ASP D 521 -66.44 -35.90 26.15
N VAL D 522 -65.42 -36.74 25.96
CA VAL D 522 -64.83 -37.55 27.03
C VAL D 522 -63.43 -37.06 27.42
N ASP D 523 -63.25 -36.81 28.72
CA ASP D 523 -61.94 -36.54 29.29
C ASP D 523 -61.30 -37.84 29.74
N TRP D 524 -60.41 -38.36 28.91
CA TRP D 524 -59.82 -39.67 29.14
C TRP D 524 -58.81 -39.70 30.25
N ASP D 525 -58.29 -38.53 30.64
CA ASP D 525 -57.38 -38.43 31.79
C ASP D 525 -58.12 -38.72 33.10
N ARG D 526 -59.38 -38.26 33.16
CA ARG D 526 -60.29 -38.53 34.25
C ARG D 526 -61.06 -39.86 34.10
N PHE D 527 -61.65 -40.06 32.93
CA PHE D 527 -62.55 -41.19 32.68
C PHE D 527 -61.90 -42.53 33.02
N VAL D 528 -60.66 -42.71 32.58
CA VAL D 528 -60.06 -44.02 32.52
C VAL D 528 -59.71 -44.62 33.89
N PRO D 529 -59.08 -43.84 34.78
CA PRO D 529 -58.71 -44.49 36.03
C PRO D 529 -59.92 -44.76 36.92
N THR D 530 -61.01 -44.03 36.74
CA THR D 530 -62.18 -44.31 37.56
C THR D 530 -63.10 -45.37 36.96
N PHE D 531 -63.05 -45.52 35.63
CA PHE D 531 -63.79 -46.57 34.94
C PHE D 531 -63.12 -47.94 35.06
N ALA D 532 -61.79 -47.97 35.09
CA ALA D 532 -61.08 -49.25 35.30
C ALA D 532 -60.52 -49.38 36.72
N ALA D 533 -60.89 -48.42 37.57
CA ALA D 533 -60.64 -48.51 39.01
C ALA D 533 -60.47 -49.93 39.54
N THR D 534 -61.50 -50.74 39.38
CA THR D 534 -61.53 -52.04 40.04
C THR D 534 -61.76 -53.20 39.07
N ARG D 535 -61.47 -52.96 37.79
CA ARG D 535 -61.79 -53.90 36.70
C ARG D 535 -61.00 -53.53 35.44
N ALA D 536 -59.95 -54.31 35.13
CA ALA D 536 -59.22 -54.13 33.88
C ALA D 536 -60.19 -54.09 32.70
N THR D 537 -59.78 -53.46 31.62
CA THR D 537 -60.63 -53.41 30.44
C THR D 537 -59.85 -53.09 29.18
N ARG D 538 -60.18 -53.77 28.10
CA ARG D 538 -59.49 -53.54 26.86
C ARG D 538 -60.41 -52.77 25.92
N LEU D 539 -61.56 -52.40 26.42
CA LEU D 539 -62.52 -51.66 25.63
C LEU D 539 -61.92 -50.45 24.86
N PHE D 540 -60.80 -49.92 25.35
CA PHE D 540 -60.38 -48.56 24.97
C PHE D 540 -58.96 -48.52 24.40
N ASP D 541 -58.35 -49.69 24.23
CA ASP D 541 -57.02 -49.81 23.65
C ASP D 541 -56.81 -49.00 22.36
N GLU D 542 -57.82 -48.98 21.49
CA GLU D 542 -57.69 -48.26 20.22
C GLU D 542 -57.95 -46.76 20.32
N VAL D 543 -58.18 -46.26 21.52
CA VAL D 543 -58.31 -44.82 21.72
C VAL D 543 -57.00 -44.24 22.23
N PRO D 544 -56.30 -43.43 21.41
CA PRO D 544 -54.92 -43.12 21.77
C PRO D 544 -54.84 -42.34 23.08
N ALA D 545 -55.70 -41.32 23.23
CA ALA D 545 -55.78 -40.53 24.45
C ALA D 545 -55.97 -41.42 25.67
N ALA D 546 -56.86 -42.40 25.54
CA ALA D 546 -57.23 -43.30 26.65
C ALA D 546 -56.12 -44.27 26.97
N ARG D 547 -55.47 -44.79 25.94
CA ARG D 547 -54.46 -45.81 26.10
C ARG D 547 -53.32 -45.25 26.94
N LYS D 548 -53.01 -43.99 26.68
CA LYS D 548 -51.87 -43.34 27.31
C LYS D 548 -52.20 -42.80 28.70
N ALA D 549 -53.48 -42.85 29.07
CA ALA D 549 -53.90 -42.43 30.41
C ALA D 549 -53.92 -43.60 31.39
N MET D 550 -52.82 -44.35 31.45
CA MET D 550 -52.67 -45.40 32.44
C MET D 550 -51.31 -45.33 33.13
PA NDP E . 23.75 30.36 -48.44
O1A NDP E . 24.88 31.23 -48.70
O2A NDP E . 22.46 30.95 -48.48
O5B NDP E . 23.82 29.15 -49.41
C5B NDP E . 22.87 28.13 -49.60
C4B NDP E . 22.81 27.74 -51.06
O4B NDP E . 21.90 26.70 -51.30
C3B NDP E . 22.36 28.82 -52.00
O3B NDP E . 23.47 29.28 -52.72
C2B NDP E . 21.44 28.18 -52.99
O2B NDP E . 21.80 28.54 -54.31
C1B NDP E . 21.60 26.72 -52.66
N9A NDP E . 20.36 26.05 -53.02
C8A NDP E . 19.18 26.47 -52.66
N7A NDP E . 18.25 25.69 -53.15
C5A NDP E . 18.84 24.78 -53.87
C6A NDP E . 18.39 23.66 -54.65
N6A NDP E . 17.09 23.41 -54.75
N1A NDP E . 19.33 22.94 -55.24
C2A NDP E . 20.62 23.21 -55.14
N3A NDP E . 21.08 24.21 -54.44
C4A NDP E . 20.24 25.02 -53.80
O3 NDP E . 23.82 29.81 -46.99
PN NDP E . 24.98 29.41 -46.06
O1N NDP E . 25.10 30.13 -44.82
O2N NDP E . 26.11 28.95 -46.78
O5D NDP E . 24.35 28.15 -45.56
C5D NDP E . 24.84 26.92 -46.00
C4D NDP E . 24.18 25.74 -45.30
O4D NDP E . 24.62 25.67 -43.98
C3D NDP E . 22.71 25.90 -45.23
O3D NDP E . 22.16 24.64 -45.44
C2D NDP E . 22.40 26.22 -43.82
O2D NDP E . 21.24 25.50 -43.52
C1D NDP E . 23.58 25.70 -43.06
N1N NDP E . 23.95 26.54 -41.94
C2N NDP E . 24.46 27.75 -42.10
C3N NDP E . 24.82 28.51 -41.02
C7N NDP E . 25.40 29.84 -41.15
O7N NDP E . 25.80 30.37 -40.17
N7N NDP E . 25.45 30.41 -42.33
C4N NDP E . 24.64 28.02 -39.63
C5N NDP E . 24.08 26.72 -39.61
C6N NDP E . 23.77 26.06 -40.75
P2B NDP E . 20.89 28.71 -55.58
O1X NDP E . 21.77 29.24 -56.59
O2X NDP E . 20.40 27.39 -55.84
O3X NDP E . 19.86 29.65 -55.21
PA NDP F . 84.87 18.88 0.76
O1A NDP F . 84.70 18.09 -0.43
O2A NDP F . 85.24 18.28 2.03
O5B NDP F . 85.90 19.97 0.42
C5B NDP F . 86.54 20.71 1.43
C4B NDP F . 88.00 20.80 1.07
O4B NDP F . 88.67 21.84 1.75
C3B NDP F . 88.73 19.55 1.43
O3B NDP F . 89.04 19.05 0.16
C2B NDP F . 89.98 19.96 2.14
O2B NDP F . 91.19 19.47 1.58
C1B NDP F . 90.00 21.46 2.00
N9A NDP F . 90.55 21.96 3.26
C8A NDP F . 90.16 21.67 4.49
N7A NDP F . 90.94 22.27 5.39
C5A NDP F . 91.84 22.97 4.72
C6A NDP F . 92.97 23.86 5.03
N6A NDP F . 93.30 24.14 6.29
N1A NDP F . 93.67 24.38 4.02
C2A NDP F . 93.36 24.13 2.77
N3A NDP F . 92.36 23.35 2.41
C4A NDP F . 91.59 22.76 3.33
O3 NDP F . 83.58 19.72 0.96
PN NDP F . 82.84 20.48 -0.18
O1N NDP F . 81.49 19.96 -0.18
O2N NDP F . 83.62 20.50 -1.39
O5D NDP F . 82.59 21.92 0.34
C5D NDP F . 83.59 22.90 0.46
C4D NDP F . 83.02 24.24 0.86
O4D NDP F . 81.70 24.43 0.39
C3D NDP F . 82.98 24.32 2.35
O3D NDP F . 83.27 25.63 2.74
C2D NDP F . 81.55 24.18 2.68
O2D NDP F . 81.37 24.91 3.88
C1D NDP F . 80.91 24.82 1.48
N1N NDP F . 79.57 24.33 1.32
C2N NDP F . 79.34 23.11 0.88
C3N NDP F . 78.05 22.66 0.74
C7N NDP F . 77.75 21.29 0.24
O7N NDP F . 76.66 21.09 -0.17
N7N NDP F . 78.65 20.33 0.27
C4N NDP F . 76.87 23.51 1.10
C5N NDP F . 77.28 24.79 1.57
C6N NDP F . 78.59 25.13 1.65
P2B NDP F . 92.24 18.77 2.51
O1X NDP F . 92.99 17.99 1.55
O2X NDP F . 93.04 19.74 3.26
O3X NDP F . 91.40 17.97 3.40
PA NDP G . -23.62 -2.68 -9.14
O1A NDP G . -24.56 -3.17 -10.14
O2A NDP G . -22.20 -2.86 -9.41
O5B NDP G . -23.86 -1.16 -8.85
C5B NDP G . -22.71 -0.43 -8.56
C4B NDP G . -22.73 0.97 -9.12
O4B NDP G . -21.70 1.73 -8.53
C3B NDP G . -22.36 1.01 -10.56
O3B NDP G . -23.53 1.43 -11.22
C2B NDP G . -21.34 2.13 -10.70
O2B NDP G . -21.70 3.04 -11.72
C1B NDP G . -21.39 2.80 -9.37
N9A NDP G . -20.09 3.44 -9.03
C8A NDP G . -18.91 2.85 -9.00
N7A NDP G . -17.94 3.71 -8.70
C5A NDP G . -18.51 4.91 -8.55
C6A NDP G . -18.03 6.26 -8.24
N6A NDP G . -16.75 6.52 -8.01
N1A NDP G . -18.94 7.22 -8.17
C2A NDP G . -20.23 6.97 -8.38
N3A NDP G . -20.70 5.78 -8.69
C4A NDP G . -19.92 4.72 -8.77
O3 NDP G . -23.74 -3.46 -7.77
PN NDP G . -24.99 -3.72 -6.88
O1N NDP G . -25.14 -5.17 -6.73
O2N NDP G . -26.09 -2.78 -7.13
O5D NDP G . -24.43 -3.24 -5.54
C5D NDP G . -24.81 -2.03 -4.95
C4D NDP G . -24.20 -1.91 -3.56
O4D NDP G . -24.73 -2.90 -2.71
C3D NDP G . -22.73 -2.17 -3.59
O3D NDP G . -22.11 -1.23 -2.76
C2D NDP G . -22.52 -3.47 -2.91
O2D NDP G . -21.33 -3.33 -2.17
C1D NDP G . -23.71 -3.55 -2.00
N1N NDP G . -24.10 -4.93 -1.79
C2N NDP G . -24.66 -5.61 -2.76
C3N NDP G . -25.07 -6.90 -2.61
C7N NDP G . -25.69 -7.62 -3.74
O7N NDP G . -26.14 -8.69 -3.50
N7N NDP G . -25.73 -7.11 -4.95
C4N NDP G . -24.89 -7.62 -1.31
C5N NDP G . -24.28 -6.78 -0.33
C6N NDP G . -23.93 -5.48 -0.61
P2B NDP G . -20.67 3.67 -12.72
O1X NDP G . -21.56 4.05 -13.81
O2X NDP G . -20.13 4.84 -12.06
O3X NDP G . -19.72 2.62 -13.08
PA NDP H . -86.07 -35.48 29.02
O1A NDP H . -85.89 -34.02 28.96
O2A NDP H . -86.39 -36.18 30.27
O5B NDP H . -87.25 -35.71 28.03
C5B NDP H . -87.85 -36.98 28.02
C4B NDP H . -89.19 -36.81 27.38
O4B NDP H . -89.67 -38.06 26.98
C3B NDP H . -90.20 -36.28 28.36
O3B NDP H . -90.61 -35.00 27.92
C2B NDP H . -91.38 -37.20 28.25
O2B NDP H . -92.59 -36.45 28.12
C1B NDP H . -91.06 -38.02 27.01
N9A NDP H . -91.62 -39.32 27.29
C8A NDP H . -91.33 -40.10 28.30
N7A NDP H . -92.08 -41.19 28.25
C5A NDP H . -92.89 -41.08 27.21
C6A NDP H . -93.91 -41.88 26.57
N6A NDP H . -94.27 -43.06 27.08
N1A NDP H . -94.48 -41.40 25.47
C2A NDP H . -94.14 -40.24 24.95
N3A NDP H . -93.20 -39.49 25.47
C4A NDP H . -92.57 -39.84 26.58
O3 NDP H . -84.79 -36.17 28.46
PN NDP H . -83.73 -35.49 27.49
O1N NDP H . -82.45 -35.28 28.21
O2N NDP H . -84.41 -34.48 26.67
O5D NDP H . -83.44 -36.70 26.54
C5D NDP H . -84.19 -37.00 25.38
C4D NDP H . -83.54 -38.25 24.82
O4D NDP H . -82.15 -38.07 24.77
C3D NDP H . -83.75 -39.37 25.79
O3D NDP H . -84.03 -40.50 25.02
C2D NDP H . -82.42 -39.63 26.38
O2D NDP H . -82.34 -41.00 26.61
C1D NDP H . -81.51 -39.20 25.28
N1N NDP H . -80.21 -38.81 25.80
C2N NDP H . -80.08 -37.71 26.50
C3N NDP H . -78.86 -37.33 27.01
C7N NDP H . -78.73 -36.08 27.80
O7N NDP H . -77.64 -35.69 28.11
N7N NDP H . -79.82 -35.41 28.15
C4N NDP H . -77.62 -38.13 26.78
C5N NDP H . -77.93 -39.30 26.00
C6N NDP H . -79.18 -39.58 25.54
P2B NDP H . -93.93 -36.70 28.94
O1X NDP H . -94.95 -37.10 27.94
O2X NDP H . -93.65 -37.67 30.02
O3X NDP H . -94.13 -35.35 29.46
#